data_1ZSV
#
_entry.id   1ZSV
#
_cell.length_a   92.543
_cell.length_b   92.543
_cell.length_c   202.770
_cell.angle_alpha   90.00
_cell.angle_beta   90.00
_cell.angle_gamma   90.00
#
_symmetry.space_group_name_H-M   'P 43'
#
loop_
_entity.id
_entity.type
_entity.pdbx_description
1 polymer 'NADP-dependent leukotriene B4 12-hydroxydehydrogenase'
2 non-polymer 'CHLORIDE ION'
3 water water
#
_entity_poly.entity_id   1
_entity_poly.type   'polypeptide(L)'
_entity_poly.pdbx_seq_one_letter_code
;MHHHHHHSSGVDLGTENLYFQSMTKTWTLKKHFVGYPTNSDFELKTSELPPLKNGEVLLEALFLTVDPYMRVAAKRLKEG
DTMMGQQVAKVVESKNVALPKGTIVLASPGWTTHSISDGKDLEKLLTEWPDTIPLSLALGTVGMPGLTAYFGLLEICGVK
GGETVMVNAAAGAVGSVVGQIAKLKGCKVVGAVGSDEKVAYLQKLGFDVVFNYKTVESLEETLKKASPDGYDCYFDNVGG
EFSNTVIGQMKKFGRIAICGAISTYNRTGPLPPGPPPEIVIYQELRMEAFVVYRWQGDARQKALKDLLKWVLEGKIQYKE
YIIEGFENMPAAFMGMLKGDNLGKTIVKA
;
_entity_poly.pdbx_strand_id   A,B,C,D
#
loop_
_chem_comp.id
_chem_comp.type
_chem_comp.name
_chem_comp.formula
CL non-polymer 'CHLORIDE ION' 'Cl -1'
#
# COMPACT_ATOMS: atom_id res chain seq x y z
N SER A 22 -21.65 -49.71 -10.38
CA SER A 22 -20.60 -48.76 -10.88
C SER A 22 -20.39 -47.55 -9.93
N MET A 23 -19.18 -47.47 -9.37
CA MET A 23 -18.87 -46.45 -8.37
C MET A 23 -17.68 -45.57 -8.80
N THR A 24 -17.65 -44.36 -8.22
CA THR A 24 -16.61 -43.38 -8.49
C THR A 24 -16.23 -42.65 -7.20
N LYS A 25 -15.00 -42.14 -7.16
CA LYS A 25 -14.54 -41.25 -6.07
C LYS A 25 -14.22 -39.85 -6.61
N THR A 26 -14.59 -38.81 -5.88
CA THR A 26 -14.50 -37.43 -6.39
C THR A 26 -14.03 -36.45 -5.32
N TRP A 27 -13.08 -35.58 -5.67
CA TRP A 27 -12.67 -34.44 -4.83
C TRP A 27 -13.45 -33.16 -5.06
N THR A 28 -14.09 -32.69 -4.00
CA THR A 28 -14.90 -31.50 -4.02
C THR A 28 -14.22 -30.39 -3.25
N LEU A 29 -14.69 -29.17 -3.49
CA LEU A 29 -14.34 -28.03 -2.72
C LEU A 29 -15.32 -28.00 -1.54
N LYS A 30 -14.86 -28.40 -0.36
CA LYS A 30 -15.59 -28.19 0.90
C LYS A 30 -15.65 -26.70 1.29
N LYS A 31 -14.61 -25.93 0.96
CA LYS A 31 -14.54 -24.56 1.40
C LYS A 31 -13.69 -23.69 0.48
N HIS A 32 -14.10 -22.46 0.24
CA HIS A 32 -13.27 -21.56 -0.59
C HIS A 32 -11.93 -21.33 0.07
N PHE A 33 -10.85 -21.35 -0.73
CA PHE A 33 -9.48 -21.22 -0.24
C PHE A 33 -9.20 -19.80 0.24
N VAL A 34 -8.42 -19.73 1.31
CA VAL A 34 -7.98 -18.44 1.85
C VAL A 34 -6.45 -18.52 1.96
N GLY A 35 -5.80 -17.77 1.10
CA GLY A 35 -4.40 -18.01 0.79
C GLY A 35 -4.21 -19.38 0.22
N TYR A 36 -3.15 -20.08 0.66
CA TYR A 36 -2.89 -21.44 0.14
C TYR A 36 -3.99 -22.39 0.54
N PRO A 37 -4.38 -23.30 -0.38
CA PRO A 37 -5.26 -24.34 0.08
C PRO A 37 -4.68 -25.16 1.24
N THR A 38 -5.59 -25.89 1.89
CA THR A 38 -5.30 -26.66 3.07
C THR A 38 -6.14 -27.96 2.96
N ASN A 39 -5.71 -29.02 3.61
CA ASN A 39 -6.42 -30.30 3.52
C ASN A 39 -7.93 -30.16 3.80
N SER A 40 -8.28 -29.32 4.76
CA SER A 40 -9.67 -29.10 5.19
C SER A 40 -10.57 -28.39 4.16
N ASP A 41 -10.02 -27.86 3.07
CA ASP A 41 -10.82 -27.23 2.00
C ASP A 41 -11.30 -28.23 0.94
N PHE A 42 -10.83 -29.47 1.03
CA PHE A 42 -11.17 -30.54 0.14
C PHE A 42 -11.97 -31.65 0.83
N GLU A 43 -12.85 -32.31 0.07
CA GLU A 43 -13.61 -33.46 0.58
C GLU A 43 -13.77 -34.52 -0.48
N LEU A 44 -13.39 -35.76 -0.14
CA LEU A 44 -13.57 -36.96 -0.97
C LEU A 44 -14.95 -37.57 -0.75
N LYS A 45 -15.68 -37.76 -1.84
CA LYS A 45 -17.03 -38.32 -1.83
C LYS A 45 -17.03 -39.49 -2.75
N THR A 46 -17.68 -40.58 -2.31
CA THR A 46 -17.91 -41.82 -3.05
C THR A 46 -19.37 -41.79 -3.54
N SER A 47 -19.62 -42.34 -4.71
CA SER A 47 -20.82 -42.00 -5.48
C SER A 47 -21.13 -43.12 -6.48
N GLU A 48 -22.40 -43.38 -6.75
CA GLU A 48 -22.81 -44.47 -7.68
C GLU A 48 -23.05 -43.86 -9.03
N LEU A 49 -22.39 -44.39 -10.05
CA LEU A 49 -22.55 -43.88 -11.41
C LEU A 49 -23.73 -44.56 -12.11
N PRO A 50 -24.53 -43.75 -12.85
CA PRO A 50 -25.69 -44.33 -13.50
C PRO A 50 -25.28 -45.31 -14.61
N PRO A 51 -26.25 -46.05 -15.15
CA PRO A 51 -25.94 -46.90 -16.30
C PRO A 51 -25.79 -46.06 -17.57
N LEU A 52 -25.14 -46.64 -18.57
CA LEU A 52 -24.92 -45.95 -19.84
C LEU A 52 -26.15 -45.95 -20.72
N LYS A 53 -26.52 -44.76 -21.19
CA LYS A 53 -27.48 -44.61 -22.26
C LYS A 53 -26.75 -44.88 -23.58
N ASN A 54 -27.47 -45.01 -24.70
CA ASN A 54 -26.79 -45.12 -26.02
C ASN A 54 -25.96 -43.88 -26.33
N GLY A 55 -24.78 -44.08 -26.92
CA GLY A 55 -23.88 -42.97 -27.28
C GLY A 55 -22.95 -42.56 -26.16
N GLU A 56 -23.07 -43.22 -24.99
CA GLU A 56 -22.25 -42.90 -23.87
C GLU A 56 -21.15 -43.94 -23.61
N VAL A 57 -20.09 -43.49 -22.91
CA VAL A 57 -18.95 -44.33 -22.48
C VAL A 57 -18.67 -44.07 -20.99
N LEU A 58 -18.24 -45.12 -20.27
CA LEU A 58 -17.64 -44.96 -18.94
C LEU A 58 -16.14 -44.86 -19.11
N LEU A 59 -15.58 -43.79 -18.56
CA LEU A 59 -14.15 -43.46 -18.58
C LEU A 59 -13.46 -43.73 -17.25
N GLU A 60 -12.34 -44.43 -17.29
CA GLU A 60 -11.49 -44.64 -16.13
C GLU A 60 -10.22 -43.76 -16.20
N ALA A 61 -10.12 -42.83 -15.24
CA ALA A 61 -8.91 -42.05 -15.04
C ALA A 61 -7.67 -42.92 -14.89
N LEU A 62 -6.68 -42.65 -15.75
CA LEU A 62 -5.33 -43.22 -15.69
C LEU A 62 -4.32 -42.21 -15.11
N PHE A 63 -4.43 -40.95 -15.57
CA PHE A 63 -3.48 -39.90 -15.20
C PHE A 63 -4.29 -38.63 -15.10
N LEU A 64 -4.14 -37.92 -13.97
CA LEU A 64 -4.83 -36.67 -13.71
C LEU A 64 -3.79 -35.60 -13.46
N THR A 65 -4.05 -34.43 -13.98
CA THR A 65 -3.14 -33.30 -13.84
C THR A 65 -3.60 -32.33 -12.75
N VAL A 66 -2.61 -31.64 -12.17
CA VAL A 66 -2.82 -30.44 -11.35
C VAL A 66 -2.01 -29.29 -11.94
N ASP A 67 -2.61 -28.11 -11.91
CA ASP A 67 -2.13 -26.96 -12.68
C ASP A 67 -2.38 -25.68 -11.87
N PRO A 68 -1.51 -24.66 -12.01
CA PRO A 68 -1.73 -23.38 -11.27
C PRO A 68 -3.09 -22.70 -11.43
N TYR A 69 -3.67 -22.78 -12.63
CA TYR A 69 -4.93 -22.10 -12.95
C TYR A 69 -6.06 -22.53 -12.06
N MET A 70 -5.95 -23.73 -11.47
CA MET A 70 -7.00 -24.32 -10.65
C MET A 70 -7.21 -23.58 -9.32
N ARG A 71 -6.16 -22.89 -8.85
CA ARG A 71 -6.27 -22.01 -7.71
C ARG A 71 -7.25 -20.86 -7.99
N VAL A 72 -7.18 -20.37 -9.22
CA VAL A 72 -8.00 -19.31 -9.71
C VAL A 72 -9.40 -19.79 -10.15
N ALA A 73 -9.45 -20.87 -10.93
CA ALA A 73 -10.70 -21.39 -11.47
C ALA A 73 -11.66 -21.82 -10.33
N ALA A 74 -11.07 -22.32 -9.24
CA ALA A 74 -11.75 -22.70 -8.01
C ALA A 74 -12.59 -21.61 -7.31
N LYS A 75 -12.24 -20.32 -7.46
CA LYS A 75 -13.10 -19.23 -6.98
C LYS A 75 -14.48 -19.17 -7.70
N ARG A 76 -14.54 -19.66 -8.95
CA ARG A 76 -15.79 -19.69 -9.74
C ARG A 76 -16.74 -20.86 -9.31
N LEU A 77 -16.22 -21.83 -8.55
CA LEU A 77 -17.02 -22.95 -7.99
C LEU A 77 -17.89 -22.62 -6.78
N LYS A 78 -18.89 -23.45 -6.54
CA LYS A 78 -19.62 -23.45 -5.30
C LYS A 78 -19.04 -24.54 -4.42
N GLU A 79 -19.04 -24.26 -3.13
CA GLU A 79 -18.65 -25.24 -2.16
C GLU A 79 -19.60 -26.45 -2.38
N GLY A 80 -19.02 -27.66 -2.40
CA GLY A 80 -19.71 -28.87 -2.87
C GLY A 80 -19.40 -29.26 -4.31
N ASP A 81 -18.96 -28.33 -5.15
CA ASP A 81 -18.65 -28.65 -6.56
C ASP A 81 -17.36 -29.45 -6.64
N THR A 82 -17.26 -30.23 -7.71
CA THR A 82 -16.08 -31.01 -8.02
C THR A 82 -14.99 -30.07 -8.48
N MET A 83 -13.76 -30.36 -8.08
CA MET A 83 -12.61 -29.59 -8.59
C MET A 83 -12.41 -29.80 -10.10
N MET A 84 -12.26 -28.71 -10.86
CA MET A 84 -12.06 -28.84 -12.32
C MET A 84 -10.67 -29.42 -12.62
N GLY A 85 -10.54 -30.02 -13.77
CA GLY A 85 -9.27 -30.56 -14.21
C GLY A 85 -9.38 -31.59 -15.35
N GLN A 86 -8.28 -31.74 -16.07
CA GLN A 86 -8.13 -32.70 -17.16
C GLN A 86 -7.48 -34.04 -16.79
N GLN A 87 -7.82 -35.09 -17.54
CA GLN A 87 -7.17 -36.39 -17.37
C GLN A 87 -6.96 -37.15 -18.69
N VAL A 88 -6.19 -38.24 -18.59
CA VAL A 88 -6.09 -39.28 -19.58
C VAL A 88 -6.95 -40.36 -19.00
N ALA A 89 -7.96 -40.79 -19.75
CA ALA A 89 -8.85 -41.87 -19.33
C ALA A 89 -8.88 -43.00 -20.36
N LYS A 90 -9.20 -44.19 -19.88
CA LYS A 90 -9.42 -45.34 -20.69
C LYS A 90 -10.94 -45.54 -20.78
N VAL A 91 -11.45 -45.79 -21.97
CA VAL A 91 -12.83 -46.24 -22.12
C VAL A 91 -12.90 -47.69 -21.62
N VAL A 92 -13.62 -47.90 -20.53
CA VAL A 92 -13.77 -49.23 -19.93
C VAL A 92 -15.11 -49.90 -20.32
N GLU A 93 -16.12 -49.06 -20.59
CA GLU A 93 -17.45 -49.48 -21.02
C GLU A 93 -17.88 -48.54 -22.17
N SER A 94 -18.40 -49.08 -23.28
CA SER A 94 -18.83 -48.27 -24.43
C SER A 94 -20.21 -48.63 -24.99
N LYS A 95 -21.01 -47.61 -25.26
CA LYS A 95 -22.14 -47.72 -26.16
C LYS A 95 -21.96 -46.67 -27.29
N ASN A 96 -20.73 -46.20 -27.50
CA ASN A 96 -20.40 -45.28 -28.58
C ASN A 96 -19.40 -45.95 -29.54
N VAL A 97 -19.83 -46.18 -30.78
CA VAL A 97 -18.99 -46.86 -31.79
C VAL A 97 -17.71 -46.09 -32.20
N ALA A 98 -17.68 -44.78 -31.95
CA ALA A 98 -16.48 -43.96 -32.16
C ALA A 98 -15.40 -44.23 -31.13
N LEU A 99 -15.80 -44.80 -30.00
CA LEU A 99 -14.95 -44.91 -28.81
C LEU A 99 -15.14 -46.28 -28.15
N PRO A 100 -14.61 -47.37 -28.77
CA PRO A 100 -14.69 -48.73 -28.20
C PRO A 100 -13.94 -48.90 -26.86
N LYS A 101 -14.25 -49.97 -26.12
CA LYS A 101 -13.49 -50.32 -24.91
C LYS A 101 -11.99 -50.24 -25.25
N GLY A 102 -11.18 -49.72 -24.34
CA GLY A 102 -9.74 -49.68 -24.55
C GLY A 102 -9.20 -48.33 -25.01
N THR A 103 -10.02 -47.57 -25.72
CA THR A 103 -9.68 -46.25 -26.23
C THR A 103 -9.19 -45.29 -25.16
N ILE A 104 -8.06 -44.64 -25.48
CA ILE A 104 -7.44 -43.65 -24.64
C ILE A 104 -7.87 -42.28 -25.14
N VAL A 105 -8.26 -41.42 -24.19
CA VAL A 105 -8.77 -40.11 -24.49
C VAL A 105 -8.32 -39.10 -23.46
N LEU A 106 -8.36 -37.83 -23.85
CA LEU A 106 -8.36 -36.72 -22.96
C LEU A 106 -9.79 -36.30 -22.61
N ALA A 107 -10.00 -36.05 -21.32
CA ALA A 107 -11.30 -35.64 -20.80
C ALA A 107 -11.11 -34.69 -19.59
N SER A 108 -12.05 -33.80 -19.38
CA SER A 108 -12.05 -32.91 -18.23
C SER A 108 -13.31 -33.04 -17.38
N PRO A 109 -13.54 -34.20 -16.77
CA PRO A 109 -14.64 -34.33 -15.84
C PRO A 109 -14.33 -33.79 -14.43
N GLY A 110 -13.15 -33.21 -14.25
CA GLY A 110 -12.68 -32.84 -12.94
C GLY A 110 -11.95 -33.94 -12.22
N TRP A 111 -11.75 -33.72 -10.92
CA TRP A 111 -11.00 -34.64 -10.05
C TRP A 111 -11.86 -35.83 -9.64
N THR A 112 -11.90 -36.84 -10.51
CA THR A 112 -12.78 -37.96 -10.35
C THR A 112 -12.12 -39.17 -11.00
N THR A 113 -12.34 -40.33 -10.41
CA THR A 113 -11.76 -41.57 -10.88
C THR A 113 -12.52 -42.20 -12.07
N HIS A 114 -13.85 -41.98 -12.10
CA HIS A 114 -14.71 -42.48 -13.15
C HIS A 114 -15.74 -41.42 -13.52
N SER A 115 -16.12 -41.43 -14.80
CA SER A 115 -16.99 -40.42 -15.36
C SER A 115 -17.66 -40.95 -16.63
N ILE A 116 -18.89 -40.48 -16.85
CA ILE A 116 -19.69 -40.85 -17.97
C ILE A 116 -19.68 -39.65 -18.92
N SER A 117 -19.44 -39.97 -20.18
CA SER A 117 -19.26 -38.97 -21.23
C SER A 117 -20.14 -39.38 -22.42
N ASP A 118 -20.70 -38.39 -23.10
CA ASP A 118 -21.52 -38.60 -24.30
C ASP A 118 -20.66 -38.57 -25.59
N GLY A 119 -19.35 -38.42 -25.41
CA GLY A 119 -18.38 -38.46 -26.50
C GLY A 119 -17.98 -37.09 -26.98
N LYS A 120 -18.83 -36.09 -26.79
CA LYS A 120 -18.67 -34.82 -27.50
C LYS A 120 -17.72 -33.84 -26.78
N ASP A 121 -17.29 -34.20 -25.57
CA ASP A 121 -16.37 -33.38 -24.75
C ASP A 121 -14.96 -34.00 -24.62
N LEU A 122 -14.61 -34.86 -25.58
CA LEU A 122 -13.42 -35.72 -25.49
C LEU A 122 -12.48 -35.49 -26.65
N GLU A 123 -11.28 -36.01 -26.53
CA GLU A 123 -10.27 -35.84 -27.54
C GLU A 123 -9.45 -37.12 -27.57
N LYS A 124 -9.37 -37.77 -28.73
CA LYS A 124 -8.45 -38.90 -28.88
C LYS A 124 -7.08 -38.28 -29.04
N LEU A 125 -6.04 -39.09 -28.89
CA LEU A 125 -4.67 -38.58 -28.97
C LEU A 125 -4.27 -38.47 -30.43
N LEU A 126 -3.16 -37.79 -30.67
CA LEU A 126 -2.60 -37.72 -32.00
C LEU A 126 -2.49 -39.12 -32.61
N THR A 127 -2.81 -39.24 -33.90
CA THR A 127 -2.75 -40.50 -34.61
C THR A 127 -1.35 -41.10 -34.58
N GLU A 128 -0.40 -40.23 -34.87
CA GLU A 128 1.01 -40.60 -34.96
C GLU A 128 1.66 -40.80 -33.57
N TRP A 129 0.88 -40.78 -32.48
CA TRP A 129 1.41 -40.79 -31.09
C TRP A 129 2.20 -42.05 -30.75
N PRO A 130 3.48 -41.92 -30.37
CA PRO A 130 4.30 -43.12 -30.17
C PRO A 130 4.17 -43.83 -28.81
N ASP A 131 4.45 -45.14 -28.79
CA ASP A 131 4.49 -45.94 -27.54
C ASP A 131 5.76 -45.64 -26.72
N THR A 132 6.73 -45.00 -27.35
CA THR A 132 8.02 -44.69 -26.71
C THR A 132 8.00 -43.45 -25.80
N ILE A 133 6.89 -42.69 -25.81
CA ILE A 133 6.73 -41.60 -24.86
C ILE A 133 5.56 -41.89 -23.90
N PRO A 134 5.62 -41.35 -22.66
CA PRO A 134 4.57 -41.57 -21.68
C PRO A 134 3.25 -40.85 -22.05
N LEU A 135 2.13 -41.50 -21.72
CA LEU A 135 0.79 -41.04 -22.10
C LEU A 135 0.48 -39.72 -21.42
N SER A 136 1.06 -39.54 -20.22
CA SER A 136 0.87 -38.33 -19.39
C SER A 136 1.45 -37.04 -19.98
N LEU A 137 2.30 -37.14 -21.00
CA LEU A 137 2.72 -35.96 -21.78
C LEU A 137 1.59 -35.27 -22.49
N ALA A 138 0.50 -35.99 -22.69
CA ALA A 138 -0.71 -35.41 -23.28
C ALA A 138 -1.36 -34.37 -22.35
N LEU A 139 -0.91 -34.36 -21.10
CA LEU A 139 -1.36 -33.42 -20.09
C LEU A 139 -0.32 -32.34 -19.79
N GLY A 140 0.84 -32.41 -20.47
CA GLY A 140 1.99 -31.53 -20.23
C GLY A 140 2.57 -31.02 -21.52
N THR A 141 3.82 -31.37 -21.75
CA THR A 141 4.62 -30.91 -22.91
C THR A 141 3.91 -31.01 -24.28
N VAL A 142 3.13 -32.07 -24.50
CA VAL A 142 2.37 -32.26 -25.76
C VAL A 142 0.89 -32.23 -25.40
N GLY A 143 0.55 -31.20 -24.65
CA GLY A 143 -0.77 -31.00 -24.17
C GLY A 143 -0.90 -29.53 -23.92
N MET A 144 -1.69 -29.19 -22.93
CA MET A 144 -2.13 -27.81 -22.72
C MET A 144 -1.03 -26.79 -22.35
N PRO A 145 -0.16 -27.13 -21.39
CA PRO A 145 0.99 -26.28 -21.08
C PRO A 145 2.01 -26.06 -22.20
N GLY A 146 2.28 -27.07 -23.01
CA GLY A 146 3.10 -26.90 -24.21
C GLY A 146 2.46 -26.00 -25.25
N LEU A 147 1.15 -26.11 -25.41
CA LEU A 147 0.41 -25.26 -26.28
C LEU A 147 0.39 -23.82 -25.79
N THR A 148 0.34 -23.65 -24.47
CA THR A 148 0.42 -22.33 -23.84
C THR A 148 1.77 -21.66 -24.13
N ALA A 149 2.86 -22.37 -23.85
CA ALA A 149 4.24 -21.97 -24.27
C ALA A 149 4.37 -21.65 -25.75
N TYR A 150 3.95 -22.60 -26.56
CA TYR A 150 4.04 -22.46 -28.01
C TYR A 150 3.33 -21.18 -28.48
N PHE A 151 2.07 -20.99 -28.12
CA PHE A 151 1.31 -19.90 -28.73
C PHE A 151 1.65 -18.59 -28.08
N GLY A 152 1.91 -18.61 -26.78
CA GLY A 152 2.30 -17.41 -26.08
C GLY A 152 3.59 -16.89 -26.67
N LEU A 153 4.55 -17.77 -26.85
CA LEU A 153 5.82 -17.37 -27.42
C LEU A 153 5.79 -17.05 -28.92
N LEU A 154 5.18 -17.93 -29.71
CA LEU A 154 5.26 -17.77 -31.14
C LEU A 154 4.23 -16.80 -31.70
N GLU A 155 3.01 -16.74 -31.15
CA GLU A 155 1.99 -15.81 -31.65
C GLU A 155 1.88 -14.50 -30.88
N ILE A 156 2.10 -14.53 -29.55
CA ILE A 156 1.84 -13.35 -28.72
C ILE A 156 3.12 -12.53 -28.50
N CYS A 157 4.21 -13.17 -28.07
CA CYS A 157 5.51 -12.48 -28.12
C CYS A 157 5.94 -12.28 -29.54
N GLY A 158 5.63 -13.26 -30.40
CA GLY A 158 5.98 -13.18 -31.83
C GLY A 158 7.48 -13.25 -32.08
N VAL A 159 8.20 -14.08 -31.34
CA VAL A 159 9.65 -14.10 -31.48
C VAL A 159 9.97 -14.59 -32.85
N LYS A 160 11.01 -13.98 -33.44
CA LYS A 160 11.48 -14.26 -34.79
C LYS A 160 12.79 -15.06 -34.74
N GLY A 161 13.69 -14.71 -33.82
CA GLY A 161 15.03 -15.29 -33.78
C GLY A 161 16.03 -14.16 -33.58
N GLY A 162 17.06 -14.42 -32.79
CA GLY A 162 17.95 -13.34 -32.36
C GLY A 162 17.52 -12.63 -31.09
N GLU A 163 16.22 -12.66 -30.77
CA GLU A 163 15.65 -11.97 -29.59
C GLU A 163 16.15 -12.49 -28.24
N THR A 164 16.11 -11.65 -27.21
CA THR A 164 16.35 -12.06 -25.81
C THR A 164 15.04 -12.12 -25.06
N VAL A 165 14.72 -13.33 -24.63
CA VAL A 165 13.47 -13.67 -24.00
C VAL A 165 13.74 -13.89 -22.52
N MET A 166 12.93 -13.25 -21.68
CA MET A 166 12.90 -13.53 -20.28
C MET A 166 11.71 -14.45 -19.98
N VAL A 167 11.94 -15.57 -19.31
CA VAL A 167 10.84 -16.41 -18.86
C VAL A 167 10.98 -16.73 -17.39
N ASN A 168 9.92 -16.50 -16.65
CA ASN A 168 9.89 -16.78 -15.26
C ASN A 168 8.98 -18.03 -15.01
N ALA A 169 9.00 -18.54 -13.77
CA ALA A 169 8.57 -19.92 -13.43
C ALA A 169 9.03 -20.88 -14.52
N ALA A 170 10.33 -20.82 -14.79
CA ALA A 170 10.91 -21.37 -16.01
C ALA A 170 11.22 -22.86 -15.95
N ALA A 171 11.04 -23.49 -14.78
CA ALA A 171 11.14 -24.94 -14.62
C ALA A 171 9.74 -25.51 -14.45
N GLY A 172 8.74 -24.66 -14.67
CA GLY A 172 7.37 -25.05 -14.61
C GLY A 172 7.01 -25.61 -15.96
N ALA A 173 5.88 -26.26 -16.01
CA ALA A 173 5.40 -26.93 -17.23
C ALA A 173 5.27 -26.02 -18.49
N VAL A 174 4.87 -24.76 -18.29
CA VAL A 174 4.77 -23.79 -19.39
C VAL A 174 6.18 -23.29 -19.67
N GLY A 175 6.83 -22.76 -18.62
CA GLY A 175 8.12 -22.05 -18.67
C GLY A 175 9.23 -22.78 -19.38
N SER A 176 9.33 -24.07 -19.11
CA SER A 176 10.43 -24.85 -19.59
C SER A 176 10.28 -25.23 -21.04
N VAL A 177 9.02 -25.34 -21.47
CA VAL A 177 8.73 -25.50 -22.87
C VAL A 177 9.04 -24.18 -23.60
N VAL A 178 8.60 -23.05 -23.06
CA VAL A 178 8.85 -21.73 -23.65
C VAL A 178 10.35 -21.51 -23.97
N GLY A 179 11.20 -21.81 -23.00
CA GLY A 179 12.63 -21.65 -23.17
C GLY A 179 13.24 -22.57 -24.20
N GLN A 180 12.80 -23.82 -24.19
CA GLN A 180 13.23 -24.79 -25.19
C GLN A 180 12.76 -24.48 -26.62
N ILE A 181 11.57 -23.93 -26.78
CA ILE A 181 11.14 -23.44 -28.11
C ILE A 181 11.94 -22.20 -28.55
N ALA A 182 12.25 -21.30 -27.62
CA ALA A 182 13.00 -20.11 -27.97
C ALA A 182 14.42 -20.46 -28.36
N LYS A 183 15.01 -21.49 -27.75
CA LYS A 183 16.37 -21.91 -28.11
C LYS A 183 16.45 -22.49 -29.50
N LEU A 184 15.49 -23.34 -29.86
CA LEU A 184 15.36 -23.86 -31.23
C LEU A 184 14.77 -22.84 -32.25
N LYS A 185 14.45 -21.64 -31.83
CA LYS A 185 14.24 -20.53 -32.79
C LYS A 185 15.44 -19.58 -32.72
N GLY A 186 16.47 -19.91 -31.94
CA GLY A 186 17.71 -19.14 -31.94
C GLY A 186 17.66 -17.84 -31.16
N CYS A 187 17.12 -17.90 -29.95
CA CYS A 187 17.06 -16.76 -29.05
C CYS A 187 17.93 -16.99 -27.84
N LYS A 188 18.39 -15.90 -27.23
CA LYS A 188 18.97 -16.00 -25.90
C LYS A 188 17.80 -16.09 -24.91
N VAL A 189 17.86 -17.03 -23.97
CA VAL A 189 16.80 -17.24 -23.00
C VAL A 189 17.28 -17.04 -21.57
N VAL A 190 16.60 -16.17 -20.82
CA VAL A 190 16.95 -15.93 -19.45
C VAL A 190 15.80 -16.43 -18.58
N GLY A 191 16.11 -17.33 -17.65
CA GLY A 191 15.10 -18.10 -16.92
C GLY A 191 15.28 -17.91 -15.43
N ALA A 192 14.18 -17.82 -14.73
CA ALA A 192 14.15 -17.58 -13.31
C ALA A 192 13.25 -18.64 -12.68
N VAL A 193 13.71 -19.09 -11.53
CA VAL A 193 13.43 -20.40 -10.98
C VAL A 193 13.38 -20.24 -9.46
N GLY A 194 12.66 -21.11 -8.76
CA GLY A 194 12.50 -21.00 -7.30
C GLY A 194 13.32 -21.96 -6.43
N SER A 195 14.24 -22.71 -7.05
CA SER A 195 15.06 -23.69 -6.34
C SER A 195 16.28 -24.01 -7.19
N ASP A 196 17.31 -24.57 -6.54
CA ASP A 196 18.61 -24.87 -7.14
C ASP A 196 18.67 -26.21 -7.85
N GLU A 197 17.88 -27.18 -7.42
CA GLU A 197 17.55 -28.34 -8.28
C GLU A 197 17.09 -27.80 -9.65
N LYS A 198 16.05 -26.97 -9.62
CA LYS A 198 15.49 -26.35 -10.86
C LYS A 198 16.49 -25.55 -11.72
N VAL A 199 17.43 -24.86 -11.08
CA VAL A 199 18.53 -24.20 -11.79
C VAL A 199 19.33 -25.20 -12.63
N ALA A 200 19.85 -26.23 -11.98
CA ALA A 200 20.62 -27.26 -12.67
C ALA A 200 19.84 -27.87 -13.83
N TYR A 201 18.61 -28.29 -13.56
CA TYR A 201 17.75 -28.82 -14.61
C TYR A 201 17.71 -27.95 -15.90
N LEU A 202 17.48 -26.62 -15.77
CA LEU A 202 17.31 -25.75 -16.96
C LEU A 202 18.57 -25.43 -17.72
N GLN A 203 19.69 -25.53 -17.01
CA GLN A 203 20.99 -25.52 -17.64
C GLN A 203 21.27 -26.77 -18.48
N LYS A 204 20.82 -27.94 -18.01
CA LYS A 204 20.88 -29.15 -18.82
C LYS A 204 20.12 -28.90 -20.13
N LEU A 205 18.91 -28.37 -20.03
CA LEU A 205 18.08 -28.06 -21.22
C LEU A 205 18.61 -26.90 -22.11
N GLY A 206 19.73 -26.26 -21.74
CA GLY A 206 20.42 -25.28 -22.61
C GLY A 206 19.95 -23.82 -22.55
N PHE A 207 19.29 -23.41 -21.48
CA PHE A 207 18.99 -22.01 -21.26
C PHE A 207 20.31 -21.25 -21.02
N ASP A 208 20.49 -20.14 -21.75
CA ASP A 208 21.69 -19.27 -21.66
C ASP A 208 22.01 -18.79 -20.25
N VAL A 209 21.02 -18.23 -19.55
CA VAL A 209 21.19 -17.80 -18.15
C VAL A 209 19.99 -18.26 -17.31
N VAL A 210 20.28 -18.98 -16.23
CA VAL A 210 19.28 -19.41 -15.24
C VAL A 210 19.74 -18.93 -13.86
N PHE A 211 18.80 -18.42 -13.09
CA PHE A 211 19.04 -18.12 -11.69
C PHE A 211 17.86 -18.43 -10.77
N ASN A 212 18.20 -18.67 -9.49
CA ASN A 212 17.24 -18.77 -8.40
C ASN A 212 16.86 -17.36 -7.84
N TYR A 213 15.60 -16.94 -8.04
CA TYR A 213 15.16 -15.61 -7.64
C TYR A 213 15.05 -15.52 -6.12
N LYS A 214 14.75 -16.63 -5.45
CA LYS A 214 14.66 -16.65 -3.99
C LYS A 214 15.97 -16.41 -3.27
N THR A 215 17.12 -16.66 -3.94
CA THR A 215 18.43 -16.48 -3.32
C THR A 215 19.22 -15.25 -3.83
N VAL A 216 18.89 -14.69 -4.99
CA VAL A 216 19.71 -13.58 -5.52
C VAL A 216 19.63 -12.39 -4.58
N GLU A 217 20.74 -11.66 -4.48
CA GLU A 217 20.79 -10.48 -3.66
C GLU A 217 19.95 -9.38 -4.27
N SER A 218 19.93 -9.28 -5.60
CA SER A 218 19.12 -8.26 -6.28
C SER A 218 18.64 -8.75 -7.62
N LEU A 219 17.32 -8.92 -7.76
CA LEU A 219 16.70 -9.27 -9.05
C LEU A 219 17.09 -8.28 -10.13
N GLU A 220 17.08 -6.99 -9.77
CA GLU A 220 17.40 -5.92 -10.68
C GLU A 220 18.80 -6.09 -11.28
N GLU A 221 19.79 -6.22 -10.41
CA GLU A 221 21.21 -6.38 -10.77
C GLU A 221 21.51 -7.67 -11.50
N THR A 222 20.90 -8.76 -11.05
CA THR A 222 20.98 -10.04 -11.74
C THR A 222 20.44 -10.02 -13.19
N LEU A 223 19.26 -9.41 -13.37
CA LEU A 223 18.65 -9.29 -14.69
C LEU A 223 19.46 -8.39 -15.57
N LYS A 224 20.08 -7.37 -14.98
CA LYS A 224 21.00 -6.46 -15.71
C LYS A 224 22.28 -7.18 -16.19
N LYS A 225 22.91 -7.96 -15.31
CA LYS A 225 24.09 -8.75 -15.64
C LYS A 225 23.73 -9.86 -16.67
N ALA A 226 22.49 -10.35 -16.67
CA ALA A 226 22.10 -11.46 -17.53
C ALA A 226 21.84 -11.03 -19.00
N SER A 227 21.39 -9.79 -19.18
CA SER A 227 21.27 -9.15 -20.50
C SER A 227 21.42 -7.64 -20.34
N PRO A 228 22.67 -7.12 -20.40
CA PRO A 228 22.88 -5.67 -20.19
C PRO A 228 22.15 -4.77 -21.20
N ASP A 229 21.93 -5.31 -22.38
CA ASP A 229 21.06 -4.85 -23.46
C ASP A 229 19.58 -4.62 -23.06
N GLY A 230 19.06 -5.44 -22.16
CA GLY A 230 17.63 -5.56 -21.89
C GLY A 230 16.97 -6.73 -22.62
N TYR A 231 15.65 -6.84 -22.44
CA TYR A 231 14.82 -7.96 -22.96
C TYR A 231 13.84 -7.50 -24.03
N ASP A 232 13.84 -8.24 -25.15
CA ASP A 232 12.94 -7.98 -26.25
C ASP A 232 11.56 -8.47 -25.89
N CYS A 233 11.52 -9.64 -25.23
CA CYS A 233 10.30 -10.35 -24.88
C CYS A 233 10.33 -10.82 -23.47
N TYR A 234 9.16 -10.82 -22.86
CA TYR A 234 8.96 -11.33 -21.55
C TYR A 234 7.75 -12.27 -21.56
N PHE A 235 7.96 -13.54 -21.31
CA PHE A 235 6.88 -14.45 -21.04
C PHE A 235 6.61 -14.54 -19.52
N ASP A 236 5.52 -13.92 -19.10
CA ASP A 236 5.16 -13.71 -17.71
C ASP A 236 4.13 -14.73 -17.23
N ASN A 237 4.57 -15.53 -16.25
CA ASN A 237 3.78 -16.51 -15.53
C ASN A 237 3.49 -16.12 -14.09
N VAL A 238 4.25 -15.18 -13.53
CA VAL A 238 4.24 -14.92 -12.08
C VAL A 238 3.67 -13.60 -11.62
N GLY A 239 3.83 -12.56 -12.42
CA GLY A 239 3.32 -11.23 -12.10
C GLY A 239 3.97 -10.57 -10.89
N GLY A 240 3.23 -9.62 -10.34
CA GLY A 240 3.64 -8.88 -9.14
C GLY A 240 4.89 -8.04 -9.28
N GLU A 241 5.67 -7.99 -8.20
CA GLU A 241 6.82 -7.09 -8.14
C GLU A 241 8.01 -7.63 -8.92
N PHE A 242 8.04 -8.94 -9.12
CA PHE A 242 8.94 -9.57 -10.06
C PHE A 242 8.78 -8.98 -11.48
N SER A 243 7.52 -8.88 -11.95
CA SER A 243 7.24 -8.30 -13.26
C SER A 243 7.50 -6.81 -13.32
N ASN A 244 7.31 -6.11 -12.22
CA ASN A 244 7.63 -4.67 -12.20
C ASN A 244 9.11 -4.48 -12.42
N THR A 245 9.92 -5.41 -11.96
CA THR A 245 11.37 -5.29 -12.11
C THR A 245 11.81 -5.60 -13.54
N VAL A 246 11.25 -6.67 -14.10
CA VAL A 246 11.47 -6.98 -15.53
C VAL A 246 11.06 -5.83 -16.48
N ILE A 247 9.87 -5.30 -16.29
CA ILE A 247 9.38 -4.16 -17.09
C ILE A 247 10.36 -3.00 -17.12
N GLY A 248 11.14 -2.80 -16.05
CA GLY A 248 12.15 -1.74 -16.03
C GLY A 248 13.40 -2.02 -16.85
N GLN A 249 13.53 -3.23 -17.37
CA GLN A 249 14.62 -3.57 -18.27
C GLN A 249 14.19 -4.07 -19.63
N MET A 250 12.92 -3.87 -19.98
CA MET A 250 12.39 -4.13 -21.32
C MET A 250 12.98 -3.18 -22.34
N LYS A 251 13.30 -3.70 -23.52
CA LYS A 251 13.73 -2.86 -24.60
C LYS A 251 12.54 -2.02 -25.13
N LYS A 252 12.87 -0.98 -25.88
CA LYS A 252 11.86 -0.18 -26.52
C LYS A 252 10.99 -1.01 -27.45
N PHE A 253 9.68 -0.81 -27.35
CA PHE A 253 8.65 -1.67 -27.96
C PHE A 253 8.77 -3.14 -27.57
N GLY A 254 9.25 -3.41 -26.37
CA GLY A 254 9.25 -4.77 -25.82
C GLY A 254 7.84 -5.33 -25.74
N ARG A 255 7.73 -6.63 -25.87
CA ARG A 255 6.48 -7.36 -25.87
C ARG A 255 6.46 -8.23 -24.66
N ILE A 256 5.32 -8.23 -23.99
CA ILE A 256 5.05 -9.04 -22.84
C ILE A 256 3.87 -9.94 -23.12
N ALA A 257 4.05 -11.26 -22.96
CA ALA A 257 2.95 -12.23 -22.99
C ALA A 257 2.53 -12.53 -21.56
N ILE A 258 1.30 -12.14 -21.23
CA ILE A 258 0.76 -12.37 -19.90
C ILE A 258 -0.03 -13.68 -19.92
N CYS A 259 0.57 -14.65 -19.29
CA CYS A 259 0.09 -16.01 -19.26
C CYS A 259 -0.50 -16.34 -17.87
N GLY A 260 0.22 -16.01 -16.80
CA GLY A 260 -0.33 -16.11 -15.47
C GLY A 260 0.24 -15.09 -14.54
N ALA A 261 -0.18 -15.20 -13.28
CA ALA A 261 0.31 -14.34 -12.21
C ALA A 261 0.34 -15.15 -10.94
N ILE A 262 1.15 -16.22 -10.95
CA ILE A 262 1.08 -17.21 -9.91
C ILE A 262 1.40 -16.62 -8.55
N SER A 263 2.31 -15.66 -8.50
CA SER A 263 2.70 -15.05 -7.25
C SER A 263 1.51 -14.36 -6.57
N THR A 264 0.41 -14.14 -7.30
CA THR A 264 -0.72 -13.42 -6.75
C THR A 264 -1.84 -14.33 -6.35
N TYR A 265 -1.85 -15.58 -6.77
CA TYR A 265 -3.07 -16.40 -6.63
C TYR A 265 -3.44 -16.74 -5.20
N ASN A 266 -2.46 -16.78 -4.30
CA ASN A 266 -2.62 -17.33 -2.98
C ASN A 266 -2.41 -16.27 -1.90
N ARG A 267 -2.44 -15.03 -2.32
CA ARG A 267 -2.22 -13.93 -1.44
C ARG A 267 -3.36 -13.72 -0.45
N THR A 268 -3.06 -13.01 0.63
CA THR A 268 -4.02 -12.78 1.69
C THR A 268 -4.21 -11.26 1.88
N GLY A 269 -3.51 -10.44 1.09
CA GLY A 269 -3.60 -9.01 1.20
C GLY A 269 -4.00 -8.41 -0.12
N PRO A 270 -3.83 -7.10 -0.24
CA PRO A 270 -4.05 -6.49 -1.59
C PRO A 270 -2.91 -6.81 -2.56
N LEU A 271 -3.19 -6.66 -3.85
CA LEU A 271 -2.17 -6.78 -4.88
C LEU A 271 -1.06 -5.78 -4.67
N PRO A 272 0.16 -6.16 -5.08
CA PRO A 272 1.28 -5.20 -5.06
C PRO A 272 1.07 -4.03 -6.05
N PRO A 273 1.84 -2.93 -5.88
CA PRO A 273 1.93 -1.88 -6.89
C PRO A 273 2.00 -2.42 -8.29
N GLY A 274 1.52 -1.64 -9.23
CA GLY A 274 1.54 -2.08 -10.61
C GLY A 274 2.86 -1.67 -11.24
N PRO A 275 3.02 -2.06 -12.54
CA PRO A 275 4.10 -1.66 -13.44
C PRO A 275 4.27 -0.17 -13.38
N PRO A 276 5.51 0.31 -13.19
CA PRO A 276 5.66 1.77 -13.01
C PRO A 276 5.36 2.48 -14.33
N PRO A 277 4.42 3.44 -14.32
CA PRO A 277 3.67 3.70 -15.59
C PRO A 277 4.48 4.57 -16.58
N GLU A 278 5.38 5.41 -16.05
CA GLU A 278 6.27 6.26 -16.80
C GLU A 278 7.25 5.44 -17.67
N ILE A 279 7.66 4.29 -17.16
CA ILE A 279 8.58 3.38 -17.83
C ILE A 279 7.88 2.61 -18.94
N VAL A 280 6.72 2.11 -18.60
CA VAL A 280 5.86 1.44 -19.59
C VAL A 280 5.56 2.37 -20.78
N ILE A 281 5.35 3.65 -20.52
CA ILE A 281 5.02 4.58 -21.54
C ILE A 281 6.23 5.03 -22.32
N TYR A 282 7.32 5.33 -21.60
CA TYR A 282 8.55 5.85 -22.23
C TYR A 282 9.07 4.75 -23.18
N GLN A 283 8.95 3.50 -22.76
CA GLN A 283 9.41 2.37 -23.56
C GLN A 283 8.43 1.87 -24.60
N GLU A 284 7.19 2.36 -24.54
CA GLU A 284 6.13 1.97 -25.47
C GLU A 284 5.93 0.46 -25.55
N LEU A 285 5.65 -0.15 -24.41
CA LEU A 285 5.51 -1.58 -24.32
C LEU A 285 4.16 -2.06 -24.84
N ARG A 286 4.16 -3.27 -25.41
CA ARG A 286 2.96 -4.00 -25.76
C ARG A 286 2.80 -5.13 -24.78
N MET A 287 1.68 -5.18 -24.08
CA MET A 287 1.40 -6.31 -23.22
C MET A 287 0.10 -6.90 -23.67
N GLU A 288 0.09 -8.20 -23.85
CA GLU A 288 -1.10 -8.84 -24.29
C GLU A 288 -1.27 -10.11 -23.51
N ALA A 289 -2.47 -10.27 -22.97
CA ALA A 289 -2.82 -11.50 -22.24
C ALA A 289 -3.54 -12.46 -23.17
N PHE A 290 -3.60 -13.72 -22.75
CA PHE A 290 -3.99 -14.81 -23.61
C PHE A 290 -4.32 -16.01 -22.74
N VAL A 291 -5.18 -16.85 -23.32
CA VAL A 291 -5.56 -18.14 -22.80
C VAL A 291 -5.36 -19.10 -23.98
N VAL A 292 -4.63 -20.22 -23.73
CA VAL A 292 -4.50 -21.35 -24.67
C VAL A 292 -5.73 -21.68 -25.54
N TYR A 293 -6.93 -21.69 -24.95
CA TYR A 293 -8.14 -22.20 -25.63
C TYR A 293 -8.62 -21.36 -26.78
N ARG A 294 -8.02 -20.19 -26.97
CA ARG A 294 -8.30 -19.36 -28.13
C ARG A 294 -8.03 -20.12 -29.43
N TRP A 295 -6.95 -20.90 -29.48
CA TRP A 295 -6.55 -21.56 -30.72
C TRP A 295 -7.12 -22.96 -30.80
N GLN A 296 -7.93 -23.19 -31.82
CA GLN A 296 -8.58 -24.48 -32.04
C GLN A 296 -8.34 -24.83 -33.48
N GLY A 297 -8.91 -25.94 -33.94
CA GLY A 297 -8.86 -26.30 -35.38
C GLY A 297 -7.47 -26.65 -35.85
N ASP A 298 -7.12 -26.24 -37.06
CA ASP A 298 -5.82 -26.57 -37.66
C ASP A 298 -4.63 -25.98 -36.92
N ALA A 299 -4.81 -24.76 -36.41
CA ALA A 299 -3.69 -24.06 -35.76
C ALA A 299 -3.20 -24.87 -34.58
N ARG A 300 -4.17 -25.33 -33.79
CA ARG A 300 -3.91 -26.19 -32.64
C ARG A 300 -3.29 -27.59 -32.92
N GLN A 301 -3.77 -28.24 -33.98
CA GLN A 301 -3.29 -29.55 -34.39
C GLN A 301 -1.86 -29.46 -34.95
N LYS A 302 -1.56 -28.39 -35.70
CA LYS A 302 -0.21 -28.10 -36.15
C LYS A 302 0.75 -27.86 -34.99
N ALA A 303 0.30 -27.12 -33.99
CA ALA A 303 1.09 -26.88 -32.76
C ALA A 303 1.39 -28.18 -32.04
N LEU A 304 0.38 -29.01 -31.80
CA LEU A 304 0.57 -30.32 -31.20
C LEU A 304 1.55 -31.23 -31.93
N LYS A 305 1.49 -31.19 -33.25
CA LYS A 305 2.32 -32.03 -34.06
C LYS A 305 3.76 -31.57 -34.00
N ASP A 306 3.98 -30.25 -33.90
CA ASP A 306 5.31 -29.64 -33.68
C ASP A 306 5.94 -30.03 -32.35
N LEU A 307 5.14 -29.95 -31.29
CA LEU A 307 5.56 -30.35 -29.95
C LEU A 307 5.91 -31.82 -29.92
N LEU A 308 5.09 -32.66 -30.53
CA LEU A 308 5.49 -34.07 -30.77
C LEU A 308 6.82 -34.25 -31.59
N LYS A 309 6.91 -33.67 -32.77
CA LYS A 309 8.16 -33.68 -33.54
C LYS A 309 9.35 -33.36 -32.64
N TRP A 310 9.25 -32.22 -31.96
CA TRP A 310 10.37 -31.65 -31.20
C TRP A 310 10.77 -32.45 -29.98
N VAL A 311 9.79 -33.11 -29.36
CA VAL A 311 10.06 -34.07 -28.29
C VAL A 311 10.88 -35.26 -28.81
N LEU A 312 10.41 -35.86 -29.89
CA LEU A 312 11.03 -37.05 -30.50
C LEU A 312 12.41 -36.78 -31.09
N GLU A 313 12.61 -35.58 -31.59
CA GLU A 313 13.93 -35.18 -32.05
C GLU A 313 14.89 -34.83 -30.90
N GLY A 314 14.37 -34.70 -29.67
CA GLY A 314 15.18 -34.38 -28.49
C GLY A 314 15.32 -32.90 -28.28
N LYS A 315 14.68 -32.11 -29.14
CA LYS A 315 14.73 -30.63 -29.08
C LYS A 315 13.93 -30.06 -27.91
N ILE A 316 12.92 -30.79 -27.48
CA ILE A 316 12.19 -30.46 -26.24
C ILE A 316 12.32 -31.67 -25.30
N GLN A 317 12.92 -31.44 -24.15
CA GLN A 317 13.02 -32.46 -23.16
C GLN A 317 11.96 -32.23 -22.11
N TYR A 318 11.47 -33.32 -21.57
CA TYR A 318 10.38 -33.36 -20.63
C TYR A 318 10.81 -34.03 -19.31
N LYS A 319 10.06 -33.75 -18.25
CA LYS A 319 10.22 -34.36 -16.93
C LYS A 319 8.89 -34.33 -16.18
N GLU A 320 8.61 -35.39 -15.44
CA GLU A 320 7.33 -35.55 -14.76
C GLU A 320 7.59 -35.81 -13.30
N TYR A 321 6.70 -35.31 -12.45
CA TYR A 321 6.63 -35.68 -11.05
C TYR A 321 5.32 -36.46 -10.86
N ILE A 322 5.44 -37.79 -10.82
CA ILE A 322 4.28 -38.68 -10.70
C ILE A 322 4.00 -39.00 -9.23
N ILE A 323 2.81 -38.68 -8.77
CA ILE A 323 2.35 -39.01 -7.43
C ILE A 323 1.34 -40.14 -7.53
N GLU A 324 1.63 -41.26 -6.90
CA GLU A 324 0.72 -42.41 -6.96
C GLU A 324 -0.50 -42.15 -6.07
N GLY A 325 -1.68 -42.37 -6.62
CA GLY A 325 -2.88 -42.52 -5.82
C GLY A 325 -3.74 -41.28 -5.82
N PHE A 326 -5.03 -41.51 -6.08
CA PHE A 326 -6.02 -40.43 -6.26
C PHE A 326 -6.34 -39.73 -4.91
N GLU A 327 -6.25 -40.49 -3.81
CA GLU A 327 -6.23 -39.95 -2.44
C GLU A 327 -5.22 -38.81 -2.22
N ASN A 328 -4.13 -38.80 -2.99
CA ASN A 328 -3.08 -37.79 -2.87
C ASN A 328 -3.16 -36.56 -3.79
N MET A 329 -4.31 -36.31 -4.40
CA MET A 329 -4.46 -35.20 -5.34
C MET A 329 -4.41 -33.83 -4.73
N PRO A 330 -5.21 -33.60 -3.67
CA PRO A 330 -5.06 -32.31 -2.97
C PRO A 330 -3.62 -32.00 -2.56
N ALA A 331 -2.88 -33.01 -2.07
CA ALA A 331 -1.46 -32.84 -1.75
C ALA A 331 -0.60 -32.54 -2.97
N ALA A 332 -0.86 -33.25 -4.06
CA ALA A 332 -0.20 -32.94 -5.32
C ALA A 332 -0.38 -31.50 -5.72
N PHE A 333 -1.62 -31.02 -5.63
CA PHE A 333 -1.99 -29.64 -6.00
C PHE A 333 -1.30 -28.59 -5.13
N MET A 334 -1.36 -28.85 -3.83
CA MET A 334 -0.75 -28.03 -2.83
C MET A 334 0.76 -28.01 -2.93
N GLY A 335 1.34 -29.17 -3.26
CA GLY A 335 2.78 -29.28 -3.47
C GLY A 335 3.27 -28.49 -4.65
N MET A 336 2.56 -28.65 -5.75
CA MET A 336 2.82 -27.94 -6.97
C MET A 336 2.70 -26.43 -6.73
N LEU A 337 1.68 -26.02 -5.98
CA LEU A 337 1.45 -24.59 -5.73
C LEU A 337 2.54 -23.99 -4.88
N LYS A 338 3.03 -24.74 -3.91
CA LYS A 338 4.17 -24.34 -3.11
C LYS A 338 5.51 -24.41 -3.88
N GLY A 339 5.52 -24.90 -5.12
CA GLY A 339 6.78 -25.05 -5.86
C GLY A 339 7.64 -26.22 -5.42
N ASP A 340 7.05 -27.19 -4.73
CA ASP A 340 7.80 -28.30 -4.17
C ASP A 340 8.34 -29.33 -5.18
N ASN A 341 7.79 -29.34 -6.38
CA ASN A 341 8.00 -30.45 -7.30
C ASN A 341 8.85 -30.04 -8.52
N LEU A 342 9.78 -30.92 -8.94
CA LEU A 342 10.52 -30.77 -10.21
C LEU A 342 9.92 -31.66 -11.34
N GLY A 343 9.29 -31.01 -12.32
CA GLY A 343 8.58 -31.70 -13.39
C GLY A 343 7.11 -31.30 -13.40
N LYS A 344 6.39 -31.70 -14.42
CA LYS A 344 4.95 -31.61 -14.45
C LYS A 344 4.38 -32.53 -13.38
N THR A 345 3.52 -31.97 -12.52
CA THR A 345 2.85 -32.75 -11.51
C THR A 345 1.63 -33.45 -12.13
N ILE A 346 1.60 -34.76 -11.89
CA ILE A 346 0.70 -35.75 -12.50
C ILE A 346 0.39 -36.78 -11.44
N VAL A 347 -0.89 -37.09 -11.27
CA VAL A 347 -1.30 -38.09 -10.32
C VAL A 347 -1.65 -39.34 -11.08
N LYS A 348 -0.98 -40.43 -10.76
CA LYS A 348 -1.29 -41.74 -11.34
C LYS A 348 -2.36 -42.42 -10.49
N ALA A 349 -3.51 -42.68 -11.09
CA ALA A 349 -4.58 -43.41 -10.42
N SER B 22 20.69 41.48 -25.98
CA SER B 22 19.30 40.96 -25.74
C SER B 22 19.18 40.03 -24.50
N MET B 23 18.09 40.23 -23.75
CA MET B 23 17.83 39.49 -22.51
C MET B 23 16.75 38.47 -22.71
N THR B 24 16.72 37.49 -21.82
CA THR B 24 15.65 36.52 -21.73
C THR B 24 15.30 36.27 -20.26
N LYS B 25 14.06 35.89 -20.01
CA LYS B 25 13.67 35.38 -18.71
C LYS B 25 13.38 33.88 -18.84
N THR B 26 13.81 33.14 -17.84
CA THR B 26 13.68 31.69 -17.85
C THR B 26 13.19 31.17 -16.50
N TRP B 27 12.26 30.21 -16.55
CA TRP B 27 11.76 29.49 -15.39
C TRP B 27 12.54 28.18 -15.23
N THR B 28 13.23 28.03 -14.10
CA THR B 28 14.01 26.85 -13.80
C THR B 28 13.38 26.03 -12.67
N LEU B 29 13.83 24.78 -12.55
CA LEU B 29 13.52 23.95 -11.44
C LEU B 29 14.53 24.26 -10.35
N LYS B 30 14.04 24.86 -9.26
CA LYS B 30 14.85 25.16 -8.06
C LYS B 30 15.01 23.89 -7.28
N LYS B 31 13.91 23.14 -7.16
CA LYS B 31 13.79 22.01 -6.24
C LYS B 31 12.85 20.98 -6.84
N HIS B 32 13.20 19.71 -6.72
CA HIS B 32 12.36 18.63 -7.21
C HIS B 32 10.99 18.61 -6.53
N PHE B 33 9.94 18.35 -7.30
CA PHE B 33 8.59 18.40 -6.76
C PHE B 33 8.35 17.23 -5.82
N VAL B 34 7.75 17.51 -4.66
CA VAL B 34 7.24 16.46 -3.77
C VAL B 34 5.71 16.51 -3.75
N GLY B 35 5.09 15.43 -4.27
CA GLY B 35 3.71 15.43 -4.72
C GLY B 35 3.42 16.48 -5.76
N TYR B 36 2.45 17.37 -5.53
CA TYR B 36 2.30 18.54 -6.40
C TYR B 36 3.47 19.55 -6.29
N PRO B 37 3.78 20.26 -7.36
CA PRO B 37 4.65 21.41 -7.19
C PRO B 37 4.04 22.49 -6.28
N THR B 38 4.91 23.35 -5.78
CA THR B 38 4.51 24.54 -5.07
C THR B 38 5.40 25.64 -5.65
N ASN B 39 5.06 26.89 -5.37
CA ASN B 39 5.72 28.05 -6.06
C ASN B 39 7.23 28.05 -5.85
N SER B 40 7.65 27.57 -4.68
CA SER B 40 9.03 27.67 -4.20
C SER B 40 9.96 26.65 -4.88
N ASP B 41 9.36 25.72 -5.63
CA ASP B 41 10.10 24.75 -6.44
C ASP B 41 10.59 25.30 -7.80
N PHE B 42 10.29 26.55 -8.10
CA PHE B 42 10.59 27.19 -9.38
C PHE B 42 11.36 28.47 -9.09
N GLU B 43 12.21 28.87 -10.01
CA GLU B 43 12.97 30.09 -9.88
C GLU B 43 13.09 30.80 -11.23
N LEU B 44 12.79 32.09 -11.26
CA LEU B 44 12.86 32.87 -12.48
C LEU B 44 14.23 33.51 -12.53
N LYS B 45 14.90 33.37 -13.66
CA LYS B 45 16.24 33.94 -13.88
C LYS B 45 16.25 34.81 -15.13
N THR B 46 17.02 35.89 -15.10
CA THR B 46 17.29 36.73 -16.27
C THR B 46 18.72 36.47 -16.77
N SER B 47 18.85 36.39 -18.09
CA SER B 47 20.05 35.91 -18.75
C SER B 47 20.26 36.76 -20.01
N GLU B 48 21.50 37.11 -20.35
CA GLU B 48 21.77 37.80 -21.63
C GLU B 48 22.01 36.74 -22.70
N LEU B 49 21.55 37.02 -23.92
CA LEU B 49 21.75 36.08 -25.04
C LEU B 49 22.90 36.50 -25.97
N PRO B 50 23.61 35.52 -26.52
CA PRO B 50 24.70 35.85 -27.42
C PRO B 50 24.17 36.47 -28.71
N PRO B 51 25.01 37.25 -29.41
CA PRO B 51 24.68 37.58 -30.81
C PRO B 51 24.54 36.34 -31.70
N LEU B 52 23.70 36.46 -32.73
CA LEU B 52 23.43 35.33 -33.62
C LEU B 52 24.64 35.06 -34.50
N LYS B 53 25.01 33.80 -34.63
CA LYS B 53 25.93 33.31 -35.66
C LYS B 53 25.14 33.17 -36.99
N ASN B 54 25.83 32.94 -38.13
CA ASN B 54 25.13 32.68 -39.42
C ASN B 54 24.25 31.43 -39.35
N GLY B 55 23.00 31.55 -39.81
CA GLY B 55 22.06 30.43 -39.87
C GLY B 55 21.15 30.32 -38.65
N GLU B 56 21.39 31.20 -37.68
CA GLU B 56 20.62 31.26 -36.45
C GLU B 56 19.51 32.31 -36.49
N VAL B 57 18.51 32.10 -35.62
CA VAL B 57 17.42 33.07 -35.42
C VAL B 57 17.12 33.29 -33.95
N LEU B 58 16.64 34.49 -33.65
CA LEU B 58 16.13 34.82 -32.31
C LEU B 58 14.62 34.64 -32.30
N LEU B 59 14.15 33.80 -31.40
CA LEU B 59 12.72 33.54 -31.22
C LEU B 59 12.19 34.25 -30.00
N GLU B 60 11.11 35.01 -30.20
CA GLU B 60 10.32 35.53 -29.10
C GLU B 60 9.07 34.66 -28.91
N ALA B 61 8.85 34.18 -27.70
CA ALA B 61 7.63 33.44 -27.33
C ALA B 61 6.40 34.33 -27.38
N LEU B 62 5.38 33.80 -28.04
CA LEU B 62 4.05 34.38 -28.16
C LEU B 62 3.07 33.62 -27.25
N PHE B 63 3.10 32.29 -27.33
CA PHE B 63 2.23 31.40 -26.55
C PHE B 63 3.07 30.24 -26.10
N LEU B 64 3.07 29.98 -24.81
CA LEU B 64 3.75 28.79 -24.24
C LEU B 64 2.69 27.87 -23.71
N THR B 65 2.97 26.58 -23.78
CA THR B 65 2.08 25.55 -23.20
C THR B 65 2.59 24.98 -21.87
N VAL B 66 1.62 24.60 -21.04
CA VAL B 66 1.81 23.63 -19.94
C VAL B 66 0.95 22.35 -20.14
N ASP B 67 1.56 21.23 -19.81
CA ASP B 67 1.05 19.87 -20.14
C ASP B 67 1.41 18.89 -18.99
N PRO B 68 0.52 17.94 -18.66
CA PRO B 68 0.71 16.97 -17.59
C PRO B 68 2.04 16.23 -17.57
N TYR B 69 2.56 15.90 -18.74
CA TYR B 69 3.80 15.15 -18.87
C TYR B 69 4.98 15.88 -18.27
N MET B 70 4.94 17.22 -18.26
CA MET B 70 5.99 18.02 -17.60
C MET B 70 6.23 17.67 -16.10
N ARG B 71 5.21 17.16 -15.43
CA ARG B 71 5.35 16.72 -14.07
C ARG B 71 6.33 15.54 -13.97
N VAL B 72 6.20 14.63 -14.94
CA VAL B 72 6.99 13.40 -15.03
C VAL B 72 8.36 13.73 -15.55
N ALA B 73 8.40 14.49 -16.64
CA ALA B 73 9.65 14.81 -17.30
C ALA B 73 10.60 15.58 -16.39
N ALA B 74 10.03 16.41 -15.52
CA ALA B 74 10.79 17.28 -14.63
C ALA B 74 11.57 16.47 -13.60
N LYS B 75 11.12 15.25 -13.36
CA LYS B 75 11.87 14.31 -12.51
C LYS B 75 13.26 13.97 -13.07
N ARG B 76 13.47 14.20 -14.37
CA ARG B 76 14.74 13.88 -15.06
C ARG B 76 15.69 15.07 -15.12
N LEU B 77 15.25 16.24 -14.64
CA LEU B 77 16.05 17.46 -14.64
C LEU B 77 17.02 17.50 -13.43
N LYS B 78 18.12 18.23 -13.57
CA LYS B 78 18.97 18.56 -12.46
C LYS B 78 18.45 19.94 -12.03
N GLU B 79 18.51 20.19 -10.73
CA GLU B 79 17.93 21.38 -10.16
C GLU B 79 18.79 22.50 -10.70
N GLY B 80 18.17 23.59 -11.15
CA GLY B 80 18.85 24.61 -11.92
C GLY B 80 18.47 24.54 -13.38
N ASP B 81 18.05 23.36 -13.83
CA ASP B 81 17.69 23.15 -15.24
C ASP B 81 16.45 23.92 -15.60
N THR B 82 16.36 24.27 -16.89
CA THR B 82 15.18 24.94 -17.43
C THR B 82 14.00 23.97 -17.53
N MET B 83 12.80 24.45 -17.22
CA MET B 83 11.60 23.66 -17.41
C MET B 83 11.38 23.43 -18.88
N MET B 84 11.01 22.21 -19.24
CA MET B 84 10.90 21.83 -20.63
C MET B 84 9.49 22.15 -21.15
N GLY B 85 9.36 22.29 -22.46
CA GLY B 85 8.09 22.72 -23.05
C GLY B 85 8.19 23.38 -24.41
N GLN B 86 7.05 23.30 -25.12
CA GLN B 86 6.88 23.84 -26.45
C GLN B 86 6.23 25.27 -26.44
N GLN B 87 6.51 26.04 -27.48
CA GLN B 87 5.90 27.34 -27.65
C GLN B 87 5.67 27.67 -29.13
N VAL B 88 4.76 28.62 -29.36
CA VAL B 88 4.64 29.33 -30.63
C VAL B 88 5.49 30.58 -30.47
N ALA B 89 6.39 30.80 -31.41
CA ALA B 89 7.35 31.90 -31.31
C ALA B 89 7.47 32.60 -32.67
N LYS B 90 7.86 33.88 -32.62
CA LYS B 90 8.03 34.70 -33.79
C LYS B 90 9.52 34.90 -33.96
N VAL B 91 10.01 34.79 -35.21
CA VAL B 91 11.40 35.17 -35.54
C VAL B 91 11.48 36.70 -35.54
N VAL B 92 12.23 37.24 -34.60
CA VAL B 92 12.34 38.72 -34.44
C VAL B 92 13.68 39.25 -34.92
N GLU B 93 14.68 38.36 -34.99
CA GLU B 93 16.00 38.64 -35.60
C GLU B 93 16.46 37.40 -36.40
N SER B 94 16.78 37.55 -37.69
CA SER B 94 17.21 36.40 -38.53
C SER B 94 18.60 36.54 -39.14
N LYS B 95 19.34 35.43 -39.14
CA LYS B 95 20.49 35.26 -40.06
C LYS B 95 20.32 33.93 -40.86
N ASN B 96 19.06 33.57 -41.11
CA ASN B 96 18.66 32.32 -41.73
C ASN B 96 17.58 32.58 -42.79
N VAL B 97 17.95 32.47 -44.06
CA VAL B 97 17.01 32.73 -45.16
C VAL B 97 15.71 31.87 -45.21
N ALA B 98 15.63 30.76 -44.51
CA ALA B 98 14.38 30.01 -44.48
C ALA B 98 13.43 30.61 -43.44
N LEU B 99 14.00 31.41 -42.54
CA LEU B 99 13.30 31.93 -41.37
C LEU B 99 13.55 33.43 -41.24
N PRO B 100 12.94 34.24 -42.16
CA PRO B 100 13.04 35.72 -42.07
C PRO B 100 12.24 36.33 -40.89
N LYS B 101 12.60 37.56 -40.48
CA LYS B 101 11.87 38.29 -39.42
C LYS B 101 10.35 38.11 -39.60
N GLY B 102 9.62 37.85 -38.52
CA GLY B 102 8.16 37.71 -38.61
C GLY B 102 7.59 36.31 -38.76
N THR B 103 8.40 35.37 -39.20
CA THR B 103 8.01 33.96 -39.32
C THR B 103 7.56 33.39 -37.98
N ILE B 104 6.49 32.58 -38.05
CA ILE B 104 5.90 31.92 -36.91
C ILE B 104 6.30 30.47 -36.98
N VAL B 105 6.73 29.96 -35.82
CA VAL B 105 7.26 28.61 -35.70
C VAL B 105 6.84 27.96 -34.38
N LEU B 106 6.81 26.63 -34.38
CA LEU B 106 6.87 25.85 -33.15
C LEU B 106 8.33 25.58 -32.79
N ALA B 107 8.63 25.71 -31.49
CA ALA B 107 9.96 25.57 -30.94
C ALA B 107 9.82 24.95 -29.54
N SER B 108 10.88 24.29 -29.06
CA SER B 108 10.88 23.77 -27.70
C SER B 108 12.15 24.14 -26.90
N PRO B 109 12.38 25.44 -26.67
CA PRO B 109 13.49 25.84 -25.84
C PRO B 109 13.23 25.74 -24.34
N GLY B 110 12.08 25.22 -23.94
CA GLY B 110 11.65 25.27 -22.55
C GLY B 110 10.91 26.56 -22.16
N TRP B 111 10.72 26.72 -20.85
CA TRP B 111 9.91 27.86 -20.35
C TRP B 111 10.76 29.12 -20.32
N THR B 112 10.92 29.70 -21.50
CA THR B 112 11.73 30.88 -21.70
C THR B 112 11.00 31.83 -22.68
N THR B 113 11.27 33.12 -22.55
CA THR B 113 10.64 34.16 -23.40
C THR B 113 11.37 34.41 -24.71
N HIS B 114 12.67 34.09 -24.76
CA HIS B 114 13.53 34.35 -25.92
C HIS B 114 14.54 33.26 -25.97
N SER B 115 14.83 32.76 -27.17
CA SER B 115 15.79 31.69 -27.33
C SER B 115 16.45 31.78 -28.71
N ILE B 116 17.56 31.08 -28.88
CA ILE B 116 18.25 31.03 -30.15
C ILE B 116 18.20 29.64 -30.77
N SER B 117 17.85 29.60 -32.05
CA SER B 117 17.82 28.36 -32.82
C SER B 117 18.78 28.40 -34.04
N ASP B 118 19.39 27.26 -34.32
CA ASP B 118 20.08 26.98 -35.59
C ASP B 118 19.07 26.77 -36.72
N GLY B 119 17.81 26.59 -36.37
CA GLY B 119 16.72 26.51 -37.31
C GLY B 119 16.30 25.10 -37.61
N LYS B 120 17.08 24.11 -37.17
CA LYS B 120 16.84 22.71 -37.61
C LYS B 120 16.03 21.91 -36.60
N ASP B 121 15.62 22.57 -35.51
CA ASP B 121 14.80 21.96 -34.45
C ASP B 121 13.42 22.65 -34.33
N LEU B 122 13.01 23.32 -35.40
CA LEU B 122 11.80 24.15 -35.43
C LEU B 122 10.80 23.58 -36.40
N GLU B 123 9.61 24.13 -36.38
CA GLU B 123 8.55 23.63 -37.22
C GLU B 123 7.68 24.83 -37.59
N LYS B 124 7.64 25.17 -38.87
CA LYS B 124 6.71 26.17 -39.35
C LYS B 124 5.31 25.56 -39.25
N LEU B 125 4.32 26.42 -39.17
CA LEU B 125 2.92 25.98 -39.18
C LEU B 125 2.50 25.40 -40.54
N LEU B 126 1.34 24.75 -40.55
CA LEU B 126 0.77 24.24 -41.78
C LEU B 126 0.64 25.38 -42.81
N THR B 127 1.06 25.10 -44.05
CA THR B 127 0.90 25.99 -45.20
C THR B 127 -0.50 26.60 -45.27
N GLU B 128 -1.49 25.71 -45.19
CA GLU B 128 -2.92 26.04 -45.30
C GLU B 128 -3.55 26.53 -43.97
N TRP B 129 -2.75 27.14 -43.09
CA TRP B 129 -3.20 27.53 -41.76
C TRP B 129 -3.95 28.86 -41.77
N PRO B 130 -5.26 28.85 -41.43
CA PRO B 130 -6.03 30.08 -41.63
C PRO B 130 -5.88 31.13 -40.52
N ASP B 131 -6.22 32.37 -40.89
CA ASP B 131 -6.35 33.51 -39.96
C ASP B 131 -7.52 33.34 -38.99
N THR B 132 -8.51 32.53 -39.36
CA THR B 132 -9.76 32.40 -38.59
C THR B 132 -9.67 31.43 -37.42
N ILE B 133 -8.47 30.92 -37.12
CA ILE B 133 -8.26 30.13 -35.92
C ILE B 133 -7.06 30.71 -35.14
N PRO B 134 -7.07 30.54 -33.79
CA PRO B 134 -5.96 31.02 -32.99
C PRO B 134 -4.67 30.19 -33.15
N LEU B 135 -3.55 30.92 -33.21
CA LEU B 135 -2.22 30.32 -33.36
C LEU B 135 -1.95 29.29 -32.31
N SER B 136 -2.54 29.49 -31.14
CA SER B 136 -2.30 28.64 -29.97
C SER B 136 -2.92 27.23 -30.08
N LEU B 137 -3.78 27.02 -31.08
CA LEU B 137 -4.24 25.66 -31.41
C LEU B 137 -3.13 24.78 -31.91
N ALA B 138 -2.05 25.41 -32.36
CA ALA B 138 -0.88 24.68 -32.77
C ALA B 138 -0.21 23.97 -31.58
N LEU B 139 -0.49 24.41 -30.36
CA LEU B 139 0.01 23.79 -29.13
C LEU B 139 -0.99 22.82 -28.46
N GLY B 140 -2.12 22.62 -29.13
CA GLY B 140 -3.28 21.90 -28.57
C GLY B 140 -3.96 21.00 -29.60
N THR B 141 -5.18 21.36 -29.98
CA THR B 141 -6.02 20.52 -30.83
C THR B 141 -5.38 20.15 -32.19
N VAL B 142 -4.77 21.14 -32.88
CA VAL B 142 -4.05 20.94 -34.14
C VAL B 142 -2.54 21.01 -33.85
N GLY B 143 -2.14 20.14 -32.94
CA GLY B 143 -0.81 20.13 -32.38
C GLY B 143 -0.64 18.87 -31.58
N MET B 144 0.33 18.87 -30.68
CA MET B 144 0.76 17.64 -29.97
C MET B 144 -0.35 16.79 -29.27
N PRO B 145 -1.19 17.42 -28.45
CA PRO B 145 -2.32 16.69 -27.84
C PRO B 145 -3.38 16.12 -28.80
N GLY B 146 -3.68 16.84 -29.89
CA GLY B 146 -4.58 16.32 -30.91
C GLY B 146 -3.99 15.14 -31.64
N LEU B 147 -2.70 15.21 -31.96
CA LEU B 147 -1.98 14.07 -32.53
C LEU B 147 -1.96 12.85 -31.62
N THR B 148 -1.75 13.09 -30.33
CA THR B 148 -1.79 12.05 -29.29
C THR B 148 -3.10 11.26 -29.34
N ALA B 149 -4.20 12.00 -29.38
CA ALA B 149 -5.54 11.46 -29.50
C ALA B 149 -5.71 10.67 -30.77
N TYR B 150 -5.30 11.33 -31.87
CA TYR B 150 -5.48 10.81 -33.22
C TYR B 150 -4.83 9.40 -33.31
N PHE B 151 -3.53 9.32 -33.03
CA PHE B 151 -2.76 8.06 -33.13
C PHE B 151 -3.09 7.03 -32.04
N GLY B 152 -3.35 7.47 -30.84
CA GLY B 152 -3.76 6.54 -29.80
C GLY B 152 -5.06 5.84 -30.11
N LEU B 153 -6.00 6.59 -30.66
CA LEU B 153 -7.33 6.11 -31.00
C LEU B 153 -7.33 5.30 -32.29
N LEU B 154 -6.84 5.90 -33.38
CA LEU B 154 -6.98 5.31 -34.67
C LEU B 154 -5.94 4.23 -34.94
N GLU B 155 -4.75 4.30 -34.32
CA GLU B 155 -3.72 3.28 -34.50
C GLU B 155 -3.58 2.28 -33.35
N ILE B 156 -3.57 2.76 -32.12
CA ILE B 156 -3.32 1.85 -31.01
C ILE B 156 -4.59 1.11 -30.57
N CYS B 157 -5.66 1.85 -30.23
CA CYS B 157 -6.98 1.26 -30.04
C CYS B 157 -7.52 0.71 -31.33
N GLY B 158 -7.13 1.32 -32.44
CA GLY B 158 -7.53 0.86 -33.77
C GLY B 158 -9.04 0.84 -33.98
N VAL B 159 -9.76 1.85 -33.47
CA VAL B 159 -11.23 1.87 -33.60
C VAL B 159 -11.60 1.85 -35.08
N LYS B 160 -12.60 1.02 -35.42
CA LYS B 160 -13.11 0.93 -36.79
C LYS B 160 -14.49 1.61 -36.88
N GLY B 161 -15.28 1.52 -35.80
CA GLY B 161 -16.65 2.08 -35.80
C GLY B 161 -17.66 1.03 -35.35
N GLY B 162 -18.63 1.47 -34.53
CA GLY B 162 -19.58 0.57 -33.87
C GLY B 162 -19.12 0.17 -32.47
N GLU B 163 -17.88 0.54 -32.11
CA GLU B 163 -17.29 0.17 -30.83
C GLU B 163 -17.66 1.19 -29.75
N THR B 164 -17.70 0.69 -28.50
CA THR B 164 -17.84 1.56 -27.34
C THR B 164 -16.48 1.86 -26.72
N VAL B 165 -16.17 3.15 -26.69
CA VAL B 165 -14.90 3.68 -26.20
C VAL B 165 -15.02 4.35 -24.84
N MET B 166 -14.22 3.91 -23.89
CA MET B 166 -14.09 4.63 -22.63
C MET B 166 -12.93 5.64 -22.69
N VAL B 167 -13.17 6.93 -22.46
CA VAL B 167 -12.04 7.86 -22.31
C VAL B 167 -12.10 8.61 -20.97
N ASN B 168 -10.98 8.67 -20.27
CA ASN B 168 -10.83 9.43 -19.03
C ASN B 168 -9.92 10.65 -19.25
N ALA B 169 -9.90 11.54 -18.25
CA ALA B 169 -9.49 12.95 -18.40
C ALA B 169 -10.03 13.49 -19.72
N ALA B 170 -11.34 13.29 -19.91
CA ALA B 170 -12.02 13.37 -21.21
C ALA B 170 -12.37 14.78 -21.67
N ALA B 171 -12.17 15.76 -20.81
CA ALA B 171 -12.34 17.17 -21.15
C ALA B 171 -10.99 17.84 -21.16
N GLY B 172 -9.93 17.04 -21.05
CA GLY B 172 -8.57 17.51 -21.14
C GLY B 172 -8.21 17.64 -22.60
N ALA B 173 -6.97 18.08 -22.82
CA ALA B 173 -6.44 18.35 -24.14
C ALA B 173 -6.56 17.14 -25.11
N VAL B 174 -6.12 15.98 -24.62
CA VAL B 174 -6.07 14.74 -25.35
C VAL B 174 -7.47 14.14 -25.37
N GLY B 175 -8.06 13.96 -24.19
CA GLY B 175 -9.35 13.24 -24.05
C GLY B 175 -10.57 13.76 -24.85
N SER B 176 -10.67 15.10 -24.95
CA SER B 176 -11.75 15.76 -25.71
C SER B 176 -11.57 15.56 -27.18
N VAL B 177 -10.33 15.42 -27.65
CA VAL B 177 -10.18 15.20 -29.07
C VAL B 177 -10.50 13.74 -29.36
N VAL B 178 -9.99 12.86 -28.51
CA VAL B 178 -10.21 11.41 -28.66
C VAL B 178 -11.71 11.18 -28.85
N GLY B 179 -12.49 11.84 -27.99
CA GLY B 179 -13.93 11.64 -27.91
C GLY B 179 -14.66 12.11 -29.14
N GLN B 180 -14.21 13.22 -29.70
CA GLN B 180 -14.79 13.84 -30.89
C GLN B 180 -14.42 13.13 -32.20
N ILE B 181 -13.18 12.65 -32.29
CA ILE B 181 -12.79 11.79 -33.40
C ILE B 181 -13.56 10.48 -33.34
N ALA B 182 -13.77 9.97 -32.13
CA ALA B 182 -14.45 8.69 -31.95
C ALA B 182 -15.93 8.82 -32.34
N LYS B 183 -16.52 9.91 -31.95
CA LYS B 183 -17.89 10.21 -32.35
C LYS B 183 -18.03 10.25 -33.86
N LEU B 184 -17.15 10.99 -34.52
CA LEU B 184 -17.23 11.12 -35.95
C LEU B 184 -16.86 9.86 -36.74
N LYS B 185 -16.19 8.89 -36.14
CA LYS B 185 -15.95 7.59 -36.76
C LYS B 185 -17.06 6.59 -36.40
N GLY B 186 -18.10 7.04 -35.68
CA GLY B 186 -19.30 6.24 -35.37
C GLY B 186 -19.16 5.35 -34.16
N CYS B 187 -18.56 5.87 -33.09
CA CYS B 187 -18.43 5.11 -31.84
C CYS B 187 -19.32 5.69 -30.77
N LYS B 188 -19.77 4.84 -29.85
CA LYS B 188 -20.31 5.29 -28.57
C LYS B 188 -19.15 5.70 -27.66
N VAL B 189 -19.22 6.88 -27.08
CA VAL B 189 -18.13 7.38 -26.27
C VAL B 189 -18.63 7.62 -24.87
N VAL B 190 -17.93 7.05 -23.88
CA VAL B 190 -18.21 7.24 -22.46
C VAL B 190 -17.02 7.97 -21.87
N GLY B 191 -17.26 9.19 -21.37
CA GLY B 191 -16.21 10.06 -20.83
C GLY B 191 -16.31 10.30 -19.32
N ALA B 192 -15.18 10.24 -18.65
CA ALA B 192 -15.06 10.67 -17.24
C ALA B 192 -14.29 11.98 -17.12
N VAL B 193 -14.79 12.80 -16.22
CA VAL B 193 -14.43 14.19 -16.12
C VAL B 193 -14.37 14.54 -14.64
N GLY B 194 -13.71 15.66 -14.30
CA GLY B 194 -13.52 16.05 -12.89
C GLY B 194 -14.41 17.15 -12.33
N SER B 195 -15.17 17.83 -13.18
CA SER B 195 -16.12 18.87 -12.74
C SER B 195 -17.44 18.76 -13.50
N ASP B 196 -18.50 19.33 -12.93
CA ASP B 196 -19.81 19.36 -13.59
C ASP B 196 -19.91 20.42 -14.70
N GLU B 197 -18.98 21.39 -14.73
CA GLU B 197 -18.83 22.31 -15.88
C GLU B 197 -18.34 21.53 -17.09
N LYS B 198 -17.40 20.61 -16.85
CA LYS B 198 -16.82 19.75 -17.89
C LYS B 198 -17.81 18.68 -18.36
N VAL B 199 -18.67 18.25 -17.45
CA VAL B 199 -19.75 17.33 -17.82
C VAL B 199 -20.65 18.04 -18.79
N ALA B 200 -21.10 19.24 -18.40
CA ALA B 200 -21.93 20.08 -19.28
C ALA B 200 -21.29 20.27 -20.66
N TYR B 201 -20.00 20.56 -20.65
CA TYR B 201 -19.32 21.00 -21.84
C TYR B 201 -19.25 19.85 -22.85
N LEU B 202 -18.72 18.70 -22.43
CA LEU B 202 -18.67 17.48 -23.26
C LEU B 202 -20.02 16.92 -23.77
N GLN B 203 -21.08 17.17 -23.02
CA GLN B 203 -22.43 16.86 -23.53
C GLN B 203 -22.80 17.75 -24.71
N LYS B 204 -22.38 19.03 -24.68
CA LYS B 204 -22.50 19.92 -25.86
C LYS B 204 -21.67 19.40 -27.04
N LEU B 205 -20.43 18.97 -26.79
CA LEU B 205 -19.61 18.28 -27.81
C LEU B 205 -20.17 16.94 -28.34
N GLY B 206 -21.25 16.41 -27.76
CA GLY B 206 -21.91 15.21 -28.30
C GLY B 206 -21.42 13.85 -27.81
N PHE B 207 -20.67 13.80 -26.70
CA PHE B 207 -20.35 12.50 -26.05
C PHE B 207 -21.64 11.75 -25.65
N ASP B 208 -21.62 10.42 -25.71
CA ASP B 208 -22.82 9.62 -25.38
C ASP B 208 -23.10 9.62 -23.84
N VAL B 209 -22.11 9.21 -23.03
CA VAL B 209 -22.19 9.38 -21.58
C VAL B 209 -21.00 10.18 -21.07
N VAL B 210 -21.30 11.11 -20.16
CA VAL B 210 -20.28 11.87 -19.46
C VAL B 210 -20.64 11.93 -17.97
N PHE B 211 -19.65 11.70 -17.12
CA PHE B 211 -19.82 11.86 -15.69
C PHE B 211 -18.62 12.43 -14.95
N ASN B 212 -18.92 12.92 -13.77
CA ASN B 212 -17.96 13.45 -12.84
C ASN B 212 -17.50 12.29 -11.96
N TYR B 213 -16.26 11.85 -12.13
CA TYR B 213 -15.76 10.71 -11.37
C TYR B 213 -15.61 11.08 -9.90
N LYS B 214 -15.60 12.37 -9.56
CA LYS B 214 -15.44 12.81 -8.17
C LYS B 214 -16.74 12.72 -7.37
N THR B 215 -17.88 12.92 -8.02
CA THR B 215 -19.16 12.93 -7.34
C THR B 215 -19.83 11.55 -7.32
N VAL B 216 -19.55 10.68 -8.28
CA VAL B 216 -20.28 9.40 -8.38
C VAL B 216 -20.08 8.54 -7.14
N GLU B 217 -21.16 7.86 -6.71
CA GLU B 217 -21.13 7.02 -5.51
C GLU B 217 -20.17 5.87 -5.72
N SER B 218 -20.39 5.09 -6.78
CA SER B 218 -19.50 3.96 -7.16
C SER B 218 -19.12 4.07 -8.64
N LEU B 219 -17.82 4.16 -8.93
CA LEU B 219 -17.33 4.14 -10.32
C LEU B 219 -17.76 2.86 -11.07
N GLU B 220 -17.53 1.71 -10.44
CA GLU B 220 -17.94 0.44 -10.98
C GLU B 220 -19.36 0.47 -11.59
N GLU B 221 -20.31 0.95 -10.79
CA GLU B 221 -21.75 0.92 -11.13
C GLU B 221 -22.14 1.95 -12.22
N THR B 222 -21.51 3.11 -12.20
CA THR B 222 -21.65 4.11 -13.26
C THR B 222 -21.17 3.59 -14.62
N LEU B 223 -20.03 2.91 -14.64
CA LEU B 223 -19.50 2.35 -15.86
C LEU B 223 -20.37 1.23 -16.32
N LYS B 224 -20.93 0.47 -15.38
CA LYS B 224 -21.82 -0.65 -15.73
C LYS B 224 -23.16 -0.17 -16.37
N LYS B 225 -23.75 0.92 -15.87
CA LYS B 225 -24.97 1.49 -16.43
C LYS B 225 -24.66 2.24 -17.73
N ALA B 226 -23.44 2.74 -17.87
CA ALA B 226 -23.06 3.55 -19.05
C ALA B 226 -22.82 2.71 -20.31
N SER B 227 -22.30 1.50 -20.12
CA SER B 227 -22.26 0.48 -21.15
C SER B 227 -22.45 -0.90 -20.53
N PRO B 228 -23.71 -1.38 -20.44
CA PRO B 228 -24.01 -2.70 -19.88
C PRO B 228 -23.19 -3.84 -20.52
N ASP B 229 -22.84 -3.68 -21.80
CA ASP B 229 -22.20 -4.71 -22.59
C ASP B 229 -20.66 -4.68 -22.51
N GLY B 230 -20.10 -3.71 -21.80
CA GLY B 230 -18.67 -3.54 -21.71
C GLY B 230 -18.08 -2.52 -22.67
N TYR B 231 -16.76 -2.40 -22.61
CA TYR B 231 -16.00 -1.46 -23.42
C TYR B 231 -15.04 -2.23 -24.35
N ASP B 232 -15.10 -1.86 -25.63
CA ASP B 232 -14.25 -2.40 -26.67
C ASP B 232 -12.84 -1.82 -26.57
N CYS B 233 -12.79 -0.52 -26.32
CA CYS B 233 -11.55 0.26 -26.29
C CYS B 233 -11.53 1.17 -25.09
N TYR B 234 -10.35 1.38 -24.52
CA TYR B 234 -10.12 2.31 -23.43
C TYR B 234 -8.89 3.12 -23.76
N PHE B 235 -9.07 4.42 -23.86
CA PHE B 235 -7.99 5.36 -24.01
C PHE B 235 -7.67 5.95 -22.61
N ASP B 236 -6.54 5.50 -22.08
CA ASP B 236 -6.19 5.69 -20.68
C ASP B 236 -5.10 6.74 -20.47
N ASN B 237 -5.53 7.85 -19.81
CA ASN B 237 -4.68 8.96 -19.44
C ASN B 237 -4.45 9.05 -17.97
N VAL B 238 -5.14 8.25 -17.15
CA VAL B 238 -5.11 8.50 -15.71
C VAL B 238 -4.43 7.42 -14.91
N GLY B 239 -4.71 6.17 -15.22
CA GLY B 239 -4.07 5.08 -14.52
C GLY B 239 -4.67 4.81 -13.14
N GLY B 240 -3.89 4.12 -12.31
CA GLY B 240 -4.27 3.83 -10.90
C GLY B 240 -5.57 3.04 -10.75
N GLU B 241 -6.24 3.25 -9.61
CA GLU B 241 -7.46 2.54 -9.27
C GLU B 241 -8.61 2.77 -10.24
N PHE B 242 -8.62 3.93 -10.89
CA PHE B 242 -9.62 4.21 -11.93
C PHE B 242 -9.51 3.19 -13.03
N SER B 243 -8.28 2.90 -13.46
CA SER B 243 -8.07 1.97 -14.55
C SER B 243 -8.39 0.50 -14.18
N ASN B 244 -8.16 0.13 -12.93
CA ASN B 244 -8.45 -1.19 -12.45
C ASN B 244 -9.94 -1.51 -12.52
N THR B 245 -10.74 -0.47 -12.33
CA THR B 245 -12.18 -0.59 -12.35
C THR B 245 -12.65 -0.75 -13.78
N VAL B 246 -12.06 0.02 -14.69
CA VAL B 246 -12.39 -0.05 -16.11
C VAL B 246 -12.04 -1.45 -16.68
N ILE B 247 -10.86 -1.94 -16.38
CA ILE B 247 -10.40 -3.25 -16.79
C ILE B 247 -11.39 -4.38 -16.46
N GLY B 248 -12.04 -4.26 -15.30
CA GLY B 248 -13.11 -5.16 -14.91
C GLY B 248 -14.34 -5.10 -15.81
N GLN B 249 -14.39 -4.13 -16.72
CA GLN B 249 -15.53 -3.91 -17.62
C GLN B 249 -15.18 -4.04 -19.10
N MET B 250 -13.96 -4.45 -19.40
CA MET B 250 -13.51 -4.54 -20.77
C MET B 250 -14.13 -5.75 -21.45
N LYS B 251 -14.52 -5.60 -22.71
CA LYS B 251 -15.00 -6.77 -23.47
C LYS B 251 -13.84 -7.75 -23.67
N LYS B 252 -14.14 -8.99 -24.04
CA LYS B 252 -13.10 -9.94 -24.35
C LYS B 252 -12.32 -9.40 -25.54
N PHE B 253 -10.98 -9.45 -25.47
CA PHE B 253 -10.03 -8.93 -26.47
C PHE B 253 -10.03 -7.40 -26.53
N GLY B 254 -10.47 -6.75 -25.47
CA GLY B 254 -10.49 -5.29 -25.38
C GLY B 254 -9.10 -4.70 -25.47
N ARG B 255 -9.03 -3.47 -25.92
CA ARG B 255 -7.80 -2.79 -26.27
C ARG B 255 -7.69 -1.54 -25.44
N ILE B 256 -6.56 -1.45 -24.70
CA ILE B 256 -6.20 -0.27 -23.93
C ILE B 256 -5.03 0.41 -24.60
N ALA B 257 -5.17 1.70 -24.88
CA ALA B 257 -4.09 2.56 -25.31
C ALA B 257 -3.62 3.28 -24.06
N ILE B 258 -2.41 3.00 -23.62
CA ILE B 258 -1.82 3.68 -22.46
C ILE B 258 -1.04 4.91 -22.93
N CYS B 259 -1.60 6.03 -22.63
CA CYS B 259 -1.12 7.31 -23.09
C CYS B 259 -0.44 8.09 -21.92
N GLY B 260 -1.10 8.11 -20.77
CA GLY B 260 -0.58 8.69 -19.56
C GLY B 260 -1.16 7.98 -18.35
N ALA B 261 -0.67 8.39 -17.18
CA ALA B 261 -1.14 7.93 -15.90
C ALA B 261 -1.12 9.10 -14.93
N ILE B 262 -1.93 10.12 -15.19
CA ILE B 262 -1.82 11.39 -14.47
C ILE B 262 -2.16 11.33 -12.99
N SER B 263 -2.96 10.35 -12.61
CA SER B 263 -3.38 10.17 -11.22
C SER B 263 -2.17 9.78 -10.36
N THR B 264 -1.13 9.26 -11.02
CA THR B 264 0.05 8.83 -10.31
C THR B 264 1.15 9.86 -10.27
N TYR B 265 1.10 10.91 -11.11
CA TYR B 265 2.28 11.80 -11.24
C TYR B 265 2.61 12.58 -9.96
N ASN B 266 1.57 12.93 -9.23
CA ASN B 266 1.67 13.82 -8.11
C ASN B 266 1.43 13.08 -6.82
N ARG B 267 1.39 11.75 -6.89
CA ARG B 267 1.05 10.90 -5.77
C ARG B 267 2.29 10.68 -4.95
N THR B 268 2.22 10.93 -3.64
CA THR B 268 3.38 10.84 -2.74
C THR B 268 3.69 9.44 -2.16
N GLY B 269 2.83 8.45 -2.27
CA GLY B 269 3.27 7.19 -1.61
C GLY B 269 3.89 6.14 -2.51
N PRO B 270 3.81 4.86 -2.10
CA PRO B 270 3.93 3.84 -3.16
C PRO B 270 2.81 3.97 -4.20
N LEU B 271 2.97 3.27 -5.33
CA LEU B 271 1.93 3.24 -6.36
C LEU B 271 0.77 2.39 -5.85
N PRO B 272 -0.45 2.62 -6.37
CA PRO B 272 -1.58 1.79 -5.93
C PRO B 272 -1.52 0.38 -6.58
N PRO B 273 -2.37 -0.56 -6.07
CA PRO B 273 -2.46 -1.93 -6.59
C PRO B 273 -2.60 -1.92 -8.10
N GLY B 274 -1.81 -2.79 -8.75
CA GLY B 274 -1.89 -2.92 -10.18
C GLY B 274 -3.23 -3.51 -10.61
N PRO B 275 -3.42 -3.62 -11.94
CA PRO B 275 -4.67 -4.21 -12.44
C PRO B 275 -4.76 -5.68 -12.05
N PRO B 276 -5.99 -6.17 -11.81
CA PRO B 276 -6.22 -7.54 -11.30
C PRO B 276 -5.98 -8.60 -12.43
N PRO B 277 -4.89 -9.40 -12.29
CA PRO B 277 -4.31 -10.17 -13.41
C PRO B 277 -5.23 -11.26 -13.90
N GLU B 278 -6.05 -11.79 -13.00
CA GLU B 278 -6.93 -12.87 -13.35
C GLU B 278 -8.00 -12.41 -14.33
N ILE B 279 -8.40 -11.15 -14.24
CA ILE B 279 -9.38 -10.54 -15.15
C ILE B 279 -8.77 -10.17 -16.48
N VAL B 280 -7.58 -9.60 -16.44
CA VAL B 280 -6.81 -9.26 -17.64
C VAL B 280 -6.56 -10.48 -18.51
N ILE B 281 -6.11 -11.56 -17.87
CA ILE B 281 -5.86 -12.83 -18.53
C ILE B 281 -7.12 -13.45 -19.06
N TYR B 282 -8.15 -13.48 -18.24
CA TYR B 282 -9.44 -14.05 -18.65
C TYR B 282 -10.09 -13.38 -19.85
N GLN B 283 -10.00 -12.07 -19.91
CA GLN B 283 -10.55 -11.24 -20.98
C GLN B 283 -9.62 -11.08 -22.17
N GLU B 284 -8.41 -11.64 -22.07
CA GLU B 284 -7.36 -11.55 -23.10
C GLU B 284 -7.15 -10.14 -23.64
N LEU B 285 -6.91 -9.22 -22.72
CA LEU B 285 -6.78 -7.83 -23.06
C LEU B 285 -5.44 -7.55 -23.70
N ARG B 286 -5.42 -6.56 -24.60
CA ARG B 286 -4.20 -6.01 -25.23
C ARG B 286 -4.01 -4.61 -24.72
N MET B 287 -2.85 -4.34 -24.13
CA MET B 287 -2.53 -2.99 -23.64
C MET B 287 -1.26 -2.54 -24.30
N GLU B 288 -1.33 -1.37 -24.86
CA GLU B 288 -0.18 -0.88 -25.55
C GLU B 288 0.03 0.58 -25.24
N ALA B 289 1.26 0.89 -24.86
CA ALA B 289 1.69 2.22 -24.48
C ALA B 289 2.30 2.93 -25.67
N PHE B 290 2.25 4.24 -25.66
CA PHE B 290 2.69 4.94 -26.84
C PHE B 290 3.09 6.34 -26.42
N VAL B 291 4.00 6.89 -27.20
CA VAL B 291 4.35 8.30 -27.19
C VAL B 291 4.10 8.87 -28.60
N VAL B 292 3.47 10.06 -28.67
CA VAL B 292 3.21 10.74 -29.94
C VAL B 292 4.36 10.86 -30.96
N TYR B 293 5.56 11.13 -30.46
CA TYR B 293 6.73 11.39 -31.31
C TYR B 293 7.17 10.19 -32.11
N ARG B 294 6.53 9.04 -31.89
CA ARG B 294 6.73 7.89 -32.77
C ARG B 294 6.36 8.19 -34.23
N TRP B 295 5.26 8.90 -34.45
CA TRP B 295 4.78 9.16 -35.82
C TRP B 295 5.35 10.44 -36.35
N GLN B 296 6.10 10.32 -37.45
CA GLN B 296 6.79 11.45 -38.08
C GLN B 296 6.47 11.45 -39.57
N GLY B 297 7.14 12.30 -40.35
CA GLY B 297 7.04 12.24 -41.81
C GLY B 297 5.63 12.50 -42.31
N ASP B 298 5.18 11.69 -43.25
CA ASP B 298 3.88 11.87 -43.94
C ASP B 298 2.72 11.52 -43.07
N ALA B 299 2.90 10.53 -42.22
CA ALA B 299 1.81 10.03 -41.37
C ALA B 299 1.39 11.14 -40.40
N ARG B 300 2.42 11.78 -39.82
CA ARG B 300 2.25 12.89 -38.92
C ARG B 300 1.61 14.10 -39.59
N GLN B 301 2.05 14.39 -40.80
CA GLN B 301 1.50 15.50 -41.60
C GLN B 301 0.04 15.27 -42.05
N LYS B 302 -0.28 14.04 -42.45
CA LYS B 302 -1.65 13.67 -42.80
C LYS B 302 -2.59 13.84 -41.60
N ALA B 303 -2.06 13.57 -40.42
CA ALA B 303 -2.82 13.74 -39.17
C ALA B 303 -3.05 15.19 -38.81
N LEU B 304 -2.03 16.02 -38.86
CA LEU B 304 -2.21 17.46 -38.70
C LEU B 304 -3.21 18.09 -39.67
N LYS B 305 -3.15 17.71 -40.93
CA LYS B 305 -4.13 18.14 -41.91
C LYS B 305 -5.53 17.58 -41.68
N ASP B 306 -5.66 16.34 -41.25
CA ASP B 306 -6.98 15.79 -40.83
C ASP B 306 -7.62 16.53 -39.63
N LEU B 307 -6.80 16.87 -38.63
CA LEU B 307 -7.24 17.59 -37.43
C LEU B 307 -7.71 19.01 -37.74
N LEU B 308 -6.92 19.73 -38.53
CA LEU B 308 -7.26 21.08 -38.98
C LEU B 308 -8.50 21.06 -39.87
N LYS B 309 -8.63 20.05 -40.73
CA LYS B 309 -9.81 19.91 -41.57
C LYS B 309 -11.04 19.77 -40.67
N TRP B 310 -10.97 18.82 -39.74
CA TRP B 310 -12.09 18.55 -38.83
C TRP B 310 -12.49 19.76 -37.97
N VAL B 311 -11.52 20.60 -37.60
CA VAL B 311 -11.80 21.85 -36.83
C VAL B 311 -12.62 22.85 -37.65
N LEU B 312 -12.16 23.12 -38.87
CA LEU B 312 -12.84 24.03 -39.80
C LEU B 312 -14.25 23.56 -40.14
N GLU B 313 -14.42 22.26 -40.37
CA GLU B 313 -15.75 21.68 -40.55
C GLU B 313 -16.63 21.68 -39.28
N GLY B 314 -16.04 21.94 -38.12
CA GLY B 314 -16.79 21.98 -36.86
C GLY B 314 -16.96 20.61 -36.23
N LYS B 315 -16.31 19.59 -36.78
CA LYS B 315 -16.42 18.21 -36.26
C LYS B 315 -15.54 18.03 -35.00
N ILE B 316 -14.62 18.97 -34.79
CA ILE B 316 -13.81 19.10 -33.58
C ILE B 316 -13.89 20.55 -33.04
N GLN B 317 -14.53 20.67 -31.89
CA GLN B 317 -14.55 21.90 -31.16
C GLN B 317 -13.37 21.97 -30.18
N TYR B 318 -12.96 23.19 -29.85
CA TYR B 318 -11.80 23.42 -29.00
C TYR B 318 -12.15 24.49 -27.97
N LYS B 319 -11.53 24.38 -26.80
CA LYS B 319 -11.64 25.39 -25.77
C LYS B 319 -10.24 25.65 -25.27
N GLU B 320 -9.87 26.92 -25.11
CA GLU B 320 -8.59 27.32 -24.55
C GLU B 320 -8.75 28.05 -23.21
N TYR B 321 -7.83 27.82 -22.28
CA TYR B 321 -7.80 28.61 -21.04
C TYR B 321 -6.52 29.42 -21.08
N ILE B 322 -6.62 30.65 -21.53
CA ILE B 322 -5.46 31.55 -21.71
C ILE B 322 -5.11 32.34 -20.42
N ILE B 323 -3.85 32.29 -20.01
CA ILE B 323 -3.34 32.99 -18.85
C ILE B 323 -2.33 34.04 -19.31
N GLU B 324 -2.52 35.28 -18.94
CA GLU B 324 -1.60 36.32 -19.37
C GLU B 324 -0.40 36.39 -18.46
N GLY B 325 0.78 36.40 -19.07
CA GLY B 325 2.02 36.74 -18.39
C GLY B 325 2.92 35.55 -18.12
N PHE B 326 4.18 35.69 -18.52
CA PHE B 326 5.20 34.63 -18.39
C PHE B 326 5.57 34.32 -16.93
N GLU B 327 5.55 35.35 -16.09
CA GLU B 327 5.65 35.21 -14.62
C GLU B 327 4.53 34.41 -13.95
N ASN B 328 3.42 34.18 -14.65
CA ASN B 328 2.34 33.34 -14.13
C ASN B 328 2.42 31.89 -14.53
N MET B 329 3.55 31.48 -15.11
CA MET B 329 3.64 30.17 -15.72
C MET B 329 3.64 28.99 -14.75
N PRO B 330 4.42 29.06 -13.67
CA PRO B 330 4.27 28.02 -12.64
C PRO B 330 2.82 27.86 -12.08
N ALA B 331 2.14 28.94 -11.80
CA ALA B 331 0.79 28.90 -11.26
C ALA B 331 -0.19 28.29 -12.25
N ALA B 332 0.00 28.65 -13.50
CA ALA B 332 -0.65 28.00 -14.66
C ALA B 332 -0.48 26.50 -14.69
N PHE B 333 0.77 26.06 -14.56
CA PHE B 333 1.14 24.65 -14.50
C PHE B 333 0.50 23.95 -13.33
N MET B 334 0.56 24.60 -12.17
CA MET B 334 -0.01 24.02 -10.97
C MET B 334 -1.53 23.95 -11.08
N GLY B 335 -2.14 24.99 -11.62
CA GLY B 335 -3.57 25.01 -11.89
C GLY B 335 -4.02 23.96 -12.90
N MET B 336 -3.18 23.70 -13.89
CA MET B 336 -3.50 22.62 -14.83
C MET B 336 -3.45 21.26 -14.13
N LEU B 337 -2.39 21.00 -13.37
CA LEU B 337 -2.22 19.70 -12.71
C LEU B 337 -3.27 19.35 -11.67
N LYS B 338 -3.76 20.38 -10.99
CA LYS B 338 -4.77 20.29 -9.93
C LYS B 338 -6.21 20.30 -10.44
N GLY B 339 -6.43 20.24 -11.76
CA GLY B 339 -7.79 20.28 -12.38
C GLY B 339 -8.53 21.62 -12.37
N ASP B 340 -7.86 22.69 -11.98
CA ASP B 340 -8.48 24.03 -11.97
C ASP B 340 -9.40 24.35 -13.22
N ASN B 341 -8.95 24.01 -14.43
CA ASN B 341 -9.35 24.74 -15.65
C ASN B 341 -10.15 23.97 -16.72
N LEU B 342 -11.10 24.65 -17.37
CA LEU B 342 -11.75 24.12 -18.59
C LEU B 342 -11.13 24.62 -19.93
N GLY B 343 -10.53 23.70 -20.69
CA GLY B 343 -9.83 24.05 -21.93
C GLY B 343 -8.32 23.93 -21.79
N LYS B 344 -7.63 23.87 -22.93
CA LYS B 344 -6.17 23.79 -22.97
C LYS B 344 -5.51 25.03 -22.36
N THR B 345 -4.58 24.77 -21.46
CA THR B 345 -3.95 25.79 -20.67
C THR B 345 -2.80 26.32 -21.46
N ILE B 346 -2.91 27.60 -21.81
CA ILE B 346 -1.92 28.32 -22.60
C ILE B 346 -1.53 29.58 -21.85
N VAL B 347 -0.24 29.90 -21.86
CA VAL B 347 0.27 31.15 -21.32
C VAL B 347 0.60 32.08 -22.46
N LYS B 348 -0.04 33.24 -22.46
CA LYS B 348 0.23 34.29 -23.43
C LYS B 348 1.34 35.20 -22.90
N ALA B 349 2.41 35.34 -23.69
CA ALA B 349 3.42 36.39 -23.47
N SER C 22 -10.41 53.10 10.81
CA SER C 22 -9.65 51.86 11.17
C SER C 22 -9.70 50.75 10.09
N MET C 23 -8.52 50.36 9.59
CA MET C 23 -8.38 49.34 8.53
C MET C 23 -7.39 48.20 8.90
N THR C 24 -7.58 47.05 8.26
CA THR C 24 -6.85 45.82 8.58
C THR C 24 -6.65 45.00 7.29
N LYS C 25 -5.46 44.42 7.11
CA LYS C 25 -5.22 43.41 6.04
C LYS C 25 -5.28 41.97 6.68
N THR C 26 -5.92 41.05 5.98
CA THR C 26 -6.12 39.70 6.52
C THR C 26 -5.88 38.64 5.44
N TRP C 27 -5.11 37.61 5.78
CA TRP C 27 -4.98 36.38 4.98
C TRP C 27 -6.03 35.34 5.27
N THR C 28 -6.71 34.94 4.20
CA THR C 28 -7.81 33.97 4.26
C THR C 28 -7.42 32.77 3.45
N LEU C 29 -8.17 31.69 3.65
CA LEU C 29 -8.02 30.48 2.90
C LEU C 29 -8.97 30.59 1.70
N LYS C 30 -8.42 30.84 0.51
CA LYS C 30 -9.18 30.82 -0.76
C LYS C 30 -9.62 29.40 -1.16
N LYS C 31 -8.72 28.43 -1.00
CA LYS C 31 -8.99 27.05 -1.41
C LYS C 31 -8.36 26.09 -0.40
N HIS C 32 -9.04 25.00 -0.05
CA HIS C 32 -8.40 23.95 0.76
C HIS C 32 -7.16 23.41 0.06
N PHE C 33 -6.08 23.26 0.83
CA PHE C 33 -4.79 22.73 0.36
C PHE C 33 -4.86 21.29 -0.14
N VAL C 34 -4.11 21.07 -1.21
CA VAL C 34 -3.91 19.73 -1.77
C VAL C 34 -2.41 19.55 -1.94
N GLY C 35 -1.85 18.73 -1.10
CA GLY C 35 -0.41 18.69 -0.94
C GLY C 35 0.07 19.91 -0.23
N TYR C 36 1.23 20.40 -0.63
CA TYR C 36 1.72 21.66 -0.06
C TYR C 36 0.84 22.81 -0.48
N PRO C 37 0.65 23.80 0.42
CA PRO C 37 -0.01 25.01 -0.01
C PRO C 37 0.66 25.62 -1.24
N THR C 38 -0.12 26.40 -2.00
CA THR C 38 0.41 27.23 -3.09
C THR C 38 -0.10 28.65 -2.86
N ASN C 39 0.51 29.61 -3.55
CA ASN C 39 0.08 31.01 -3.43
C ASN C 39 -1.41 31.16 -3.69
N SER C 40 -1.96 30.37 -4.61
CA SER C 40 -3.35 30.47 -5.04
C SER C 40 -4.34 29.99 -4.00
N ASP C 41 -3.88 29.29 -2.96
CA ASP C 41 -4.73 28.85 -1.82
C ASP C 41 -5.07 29.93 -0.79
N PHE C 42 -4.47 31.12 -0.95
CA PHE C 42 -4.55 32.18 0.01
C PHE C 42 -5.09 33.44 -0.65
N GLU C 43 -5.67 34.33 0.14
CA GLU C 43 -6.21 35.57 -0.39
C GLU C 43 -6.10 36.66 0.65
N LEU C 44 -5.48 37.79 0.27
CA LEU C 44 -5.39 38.99 1.10
C LEU C 44 -6.63 39.84 0.95
N LYS C 45 -7.27 40.15 2.06
CA LYS C 45 -8.45 41.02 2.08
C LYS C 45 -8.17 42.20 2.94
N THR C 46 -8.57 43.39 2.48
CA THR C 46 -8.58 44.63 3.28
C THR C 46 -10.00 44.94 3.78
N SER C 47 -10.09 45.50 4.98
CA SER C 47 -11.34 45.52 5.70
C SER C 47 -11.35 46.65 6.75
N GLU C 48 -12.54 47.14 7.08
CA GLU C 48 -12.68 48.25 8.03
C GLU C 48 -13.08 47.63 9.36
N LEU C 49 -12.34 48.01 10.41
CA LEU C 49 -12.64 47.51 11.74
C LEU C 49 -13.71 48.39 12.39
N PRO C 50 -14.59 47.76 13.19
CA PRO C 50 -15.59 48.60 13.85
C PRO C 50 -14.94 49.56 14.85
N PRO C 51 -15.73 50.51 15.38
CA PRO C 51 -15.22 51.31 16.51
C PRO C 51 -15.24 50.47 17.81
N LEU C 52 -14.40 50.85 18.78
CA LEU C 52 -14.33 50.14 20.04
C LEU C 52 -15.54 50.40 20.93
N LYS C 53 -16.14 49.32 21.42
CA LYS C 53 -17.12 49.41 22.48
C LYS C 53 -16.35 49.44 23.82
N ASN C 54 -17.02 49.76 24.95
CA ASN C 54 -16.35 49.75 26.27
C ASN C 54 -15.76 48.39 26.61
N GLY C 55 -14.57 48.38 27.20
CA GLY C 55 -13.90 47.13 27.62
C GLY C 55 -13.03 46.52 26.57
N GLU C 56 -13.02 47.10 25.37
CA GLU C 56 -12.25 46.55 24.25
C GLU C 56 -10.99 47.34 23.94
N VAL C 57 -10.09 46.68 23.20
CA VAL C 57 -8.84 47.27 22.69
C VAL C 57 -8.62 46.97 21.21
N LEU C 58 -7.91 47.85 20.54
CA LEU C 58 -7.39 47.59 19.20
C LEU C 58 -5.92 47.21 19.32
N LEU C 59 -5.60 46.11 18.65
CA LEU C 59 -4.29 45.49 18.67
C LEU C 59 -3.62 45.57 17.30
N GLU C 60 -2.39 46.08 17.29
CA GLU C 60 -1.54 46.08 16.10
C GLU C 60 -0.51 44.95 16.23
N ALA C 61 -0.52 44.03 15.27
CA ALA C 61 0.51 43.00 15.18
C ALA C 61 1.93 43.57 14.98
N LEU C 62 2.84 43.06 15.81
CA LEU C 62 4.29 43.32 15.72
C LEU C 62 5.05 42.13 15.12
N PHE C 63 4.69 40.95 15.59
CA PHE C 63 5.32 39.68 15.19
C PHE C 63 4.23 38.62 15.10
N LEU C 64 4.15 37.96 13.93
CA LEU C 64 3.22 36.85 13.72
C LEU C 64 4.04 35.59 13.51
N THR C 65 3.49 34.48 13.95
CA THR C 65 4.17 33.21 13.82
C THR C 65 3.52 32.38 12.74
N VAL C 66 4.30 31.48 12.13
CA VAL C 66 3.79 30.36 11.34
C VAL C 66 4.39 29.08 11.89
N ASP C 67 3.58 28.03 11.88
CA ASP C 67 3.81 26.79 12.63
C ASP C 67 3.22 25.63 11.84
N PRO C 68 3.86 24.43 11.91
CA PRO C 68 3.42 23.22 11.17
C PRO C 68 1.97 22.77 11.44
N TYR C 69 1.49 22.98 12.66
CA TYR C 69 0.13 22.61 13.04
C TYR C 69 -0.91 23.28 12.14
N MET C 70 -0.60 24.44 11.57
CA MET C 70 -1.56 25.16 10.69
C MET C 70 -1.93 24.43 9.37
N ARG C 71 -1.03 23.58 8.84
CA ARG C 71 -1.37 22.75 7.69
C ARG C 71 -2.59 21.85 7.98
N VAL C 72 -2.58 21.29 9.18
CA VAL C 72 -3.62 20.46 9.73
C VAL C 72 -4.85 21.25 10.20
N ALA C 73 -4.64 22.27 10.99
CA ALA C 73 -5.74 23.06 11.56
C ALA C 73 -6.62 23.66 10.46
N ALA C 74 -5.99 23.94 9.31
CA ALA C 74 -6.59 24.60 8.15
C ALA C 74 -7.68 23.80 7.49
N LYS C 75 -7.61 22.47 7.60
CA LYS C 75 -8.67 21.59 7.13
C LYS C 75 -10.00 21.75 7.90
N ARG C 76 -9.92 22.23 9.15
CA ARG C 76 -11.10 22.52 9.97
C ARG C 76 -11.78 23.83 9.54
N LEU C 77 -11.13 24.67 8.74
CA LEU C 77 -11.72 25.93 8.21
C LEU C 77 -12.66 25.77 7.02
N LYS C 78 -13.50 26.77 6.83
CA LYS C 78 -14.25 26.90 5.61
C LYS C 78 -13.45 27.85 4.73
N GLU C 79 -13.47 27.60 3.43
CA GLU C 79 -12.88 28.52 2.49
C GLU C 79 -13.51 29.91 2.75
N GLY C 80 -12.68 30.96 2.66
CA GLY C 80 -13.07 32.32 3.09
C GLY C 80 -12.64 32.66 4.51
N ASP C 81 -12.47 31.66 5.38
CA ASP C 81 -12.06 31.93 6.78
C ASP C 81 -10.63 32.46 6.85
N THR C 82 -10.37 33.17 7.93
CA THR C 82 -9.05 33.68 8.24
C THR C 82 -8.15 32.54 8.67
N MET C 83 -6.91 32.59 8.21
CA MET C 83 -5.91 31.67 8.72
C MET C 83 -5.65 31.86 10.23
N MET C 84 -5.65 30.76 10.99
CA MET C 84 -5.38 30.80 12.41
C MET C 84 -3.91 31.04 12.75
N GLY C 85 -3.69 31.61 13.91
CA GLY C 85 -2.34 31.89 14.33
C GLY C 85 -2.22 32.86 15.50
N GLN C 86 -1.10 32.74 16.21
CA GLN C 86 -0.74 33.64 17.28
C GLN C 86 0.19 34.81 16.87
N GLN C 87 0.07 35.90 17.61
CA GLN C 87 0.96 37.04 17.42
C GLN C 87 1.29 37.75 18.73
N VAL C 88 2.37 38.52 18.69
CA VAL C 88 2.69 39.56 19.63
C VAL C 88 2.11 40.83 19.06
N ALA C 89 1.20 41.46 19.81
CA ALA C 89 0.53 42.70 19.42
C ALA C 89 0.73 43.81 20.44
N LYS C 90 0.63 45.04 19.98
CA LYS C 90 0.66 46.22 20.82
C LYS C 90 -0.77 46.79 20.92
N VAL C 91 -1.18 47.18 22.11
CA VAL C 91 -2.45 47.87 22.28
C VAL C 91 -2.25 49.32 21.81
N VAL C 92 -2.81 49.65 20.63
CA VAL C 92 -2.68 50.99 20.06
C VAL C 92 -3.88 51.93 20.38
N GLU C 93 -4.99 51.32 20.84
CA GLU C 93 -6.21 52.00 21.23
C GLU C 93 -6.86 51.17 22.37
N SER C 94 -7.36 51.85 23.41
CA SER C 94 -7.95 51.14 24.55
C SER C 94 -9.22 51.78 25.11
N LYS C 95 -10.16 50.91 25.46
CA LYS C 95 -11.22 51.23 26.41
C LYS C 95 -11.20 50.20 27.54
N ASN C 96 -10.06 49.54 27.72
CA ASN C 96 -9.86 48.58 28.79
C ASN C 96 -8.73 49.02 29.73
N VAL C 97 -9.04 49.21 31.01
CA VAL C 97 -8.05 49.70 32.00
C VAL C 97 -7.00 48.65 32.46
N ALA C 98 -7.26 47.37 32.16
CA ALA C 98 -6.24 46.35 32.34
C ALA C 98 -5.16 46.48 31.26
N LEU C 99 -5.50 47.15 30.16
CA LEU C 99 -4.69 47.09 28.94
C LEU C 99 -4.59 48.47 28.33
N PRO C 100 -3.80 49.36 28.93
CA PRO C 100 -3.64 50.68 28.33
C PRO C 100 -2.86 50.67 27.00
N LYS C 101 -2.87 51.78 26.26
CA LYS C 101 -2.07 51.89 25.02
C LYS C 101 -0.59 51.59 25.34
N GLY C 102 0.09 50.90 24.42
CA GLY C 102 1.51 50.53 24.60
C GLY C 102 1.71 49.12 25.14
N THR C 103 0.72 48.60 25.87
CA THR C 103 0.74 47.22 26.35
C THR C 103 0.99 46.20 25.24
N ILE C 104 1.91 45.26 25.54
CA ILE C 104 2.30 44.17 24.67
C ILE C 104 1.66 42.89 25.19
N VAL C 105 1.02 42.17 24.27
CA VAL C 105 0.24 41.01 24.62
C VAL C 105 0.45 39.95 23.56
N LEU C 106 0.20 38.70 23.93
CA LEU C 106 -0.06 37.63 23.01
C LEU C 106 -1.53 37.55 22.64
N ALA C 107 -1.79 37.38 21.35
CA ALA C 107 -3.16 37.23 20.85
C ALA C 107 -3.23 36.24 19.68
N SER C 108 -4.37 35.58 19.53
CA SER C 108 -4.56 34.64 18.42
C SER C 108 -5.75 35.02 17.51
N PRO C 109 -5.74 36.23 16.93
CA PRO C 109 -6.82 36.60 16.02
C PRO C 109 -6.69 36.04 14.59
N GLY C 110 -5.63 35.27 14.36
CA GLY C 110 -5.31 34.79 13.03
C GLY C 110 -4.30 35.65 12.31
N TRP C 111 -4.17 35.39 11.01
CA TRP C 111 -3.25 36.14 10.15
C TRP C 111 -3.85 37.48 9.75
N THR C 112 -3.68 38.46 10.64
CA THR C 112 -4.27 39.78 10.47
C THR C 112 -3.39 40.82 11.14
N THR C 113 -3.33 42.00 10.51
CA THR C 113 -2.51 43.09 10.99
C THR C 113 -3.11 43.85 12.18
N HIS C 114 -4.44 43.83 12.28
CA HIS C 114 -5.17 44.58 13.27
C HIS C 114 -6.39 43.77 13.71
N SER C 115 -6.70 43.83 15.00
CA SER C 115 -7.79 43.04 15.56
C SER C 115 -8.37 43.70 16.82
N ILE C 116 -9.67 43.53 17.01
CA ILE C 116 -10.32 44.05 18.19
C ILE C 116 -10.49 42.89 19.16
N SER C 117 -10.26 43.18 20.44
CA SER C 117 -10.28 42.18 21.48
C SER C 117 -11.05 42.73 22.70
N ASP C 118 -11.80 41.87 23.34
CA ASP C 118 -12.56 42.19 24.55
C ASP C 118 -11.70 42.02 25.82
N GLY C 119 -10.45 41.63 25.63
CA GLY C 119 -9.48 41.51 26.70
C GLY C 119 -9.28 40.09 27.18
N LYS C 120 -10.27 39.22 27.03
CA LYS C 120 -10.19 37.95 27.76
C LYS C 120 -9.63 36.78 26.98
N ASP C 121 -9.14 37.03 25.77
CA ASP C 121 -8.49 36.02 24.94
C ASP C 121 -6.98 36.34 24.77
N LEU C 122 -6.47 37.16 25.67
CA LEU C 122 -5.13 37.74 25.55
C LEU C 122 -4.27 37.32 26.73
N GLU C 123 -2.97 37.44 26.54
CA GLU C 123 -2.02 37.09 27.55
C GLU C 123 -0.97 38.18 27.59
N LYS C 124 -0.88 38.90 28.71
CA LYS C 124 0.30 39.71 28.96
C LYS C 124 1.50 38.78 29.06
N LEU C 125 2.67 39.34 28.76
CA LEU C 125 3.92 38.63 28.90
C LEU C 125 4.29 38.50 30.36
N LEU C 126 5.19 37.55 30.62
CA LEU C 126 5.78 37.37 31.93
C LEU C 126 6.23 38.71 32.54
N THR C 127 5.93 38.91 33.82
CA THR C 127 6.29 40.15 34.49
C THR C 127 7.79 40.42 34.46
N GLU C 128 8.56 39.36 34.65
CA GLU C 128 10.02 39.47 34.73
C GLU C 128 10.70 39.49 33.36
N TRP C 129 9.94 39.78 32.29
CA TRP C 129 10.42 39.60 30.90
C TRP C 129 11.41 40.68 30.53
N PRO C 130 12.67 40.31 30.20
CA PRO C 130 13.71 41.34 30.03
C PRO C 130 13.72 41.98 28.62
N ASP C 131 14.25 43.22 28.56
CA ASP C 131 14.47 43.91 27.27
C ASP C 131 15.68 43.32 26.49
N THR C 132 16.47 42.47 27.14
CA THR C 132 17.68 41.91 26.53
C THR C 132 17.39 40.73 25.58
N ILE C 133 16.20 40.14 25.66
CA ILE C 133 15.75 39.16 24.67
C ILE C 133 14.67 39.75 23.73
N PRO C 134 14.62 39.25 22.49
CA PRO C 134 13.58 39.67 21.54
C PRO C 134 12.15 39.21 21.93
N LEU C 135 11.18 40.03 21.55
CA LEU C 135 9.78 39.84 21.94
C LEU C 135 9.22 38.61 21.30
N SER C 136 9.71 38.34 20.08
CA SER C 136 9.26 37.18 19.28
C SER C 136 9.59 35.81 19.92
N LEU C 137 10.44 35.80 20.95
CA LEU C 137 10.67 34.58 21.75
C LEU C 137 9.43 34.08 22.44
N ALA C 138 8.47 34.97 22.66
CA ALA C 138 7.20 34.59 23.27
C ALA C 138 6.30 33.76 22.33
N LEU C 139 6.66 33.72 21.04
CA LEU C 139 5.99 32.88 20.04
C LEU C 139 6.75 31.60 19.74
N GLY C 140 7.91 31.44 20.41
CA GLY C 140 8.86 30.35 20.14
C GLY C 140 9.35 29.73 21.43
N THR C 141 10.63 29.90 21.67
CA THR C 141 11.34 29.26 22.80
C THR C 141 10.70 29.49 24.18
N VAL C 142 10.25 30.71 24.43
CA VAL C 142 9.52 31.03 25.68
C VAL C 142 8.03 31.29 25.34
N GLY C 143 7.45 30.31 24.68
CA GLY C 143 6.12 30.38 24.18
C GLY C 143 5.72 29.00 23.82
N MET C 144 4.86 28.87 22.84
CA MET C 144 4.11 27.63 22.65
C MET C 144 5.00 26.42 22.26
N PRO C 145 5.92 26.62 21.30
CA PRO C 145 6.85 25.53 21.00
C PRO C 145 7.77 25.06 22.11
N GLY C 146 8.29 25.99 22.90
CA GLY C 146 9.07 25.61 24.06
C GLY C 146 8.29 24.87 25.13
N LEU C 147 7.04 25.31 25.34
CA LEU C 147 6.11 24.63 26.19
C LEU C 147 5.77 23.20 25.72
N THR C 148 5.66 23.02 24.41
CA THR C 148 5.42 21.73 23.79
C THR C 148 6.59 20.77 24.09
N ALA C 149 7.80 21.30 23.91
CA ALA C 149 9.03 20.57 24.23
C ALA C 149 9.16 20.20 25.70
N TYR C 150 9.00 21.23 26.54
CA TYR C 150 9.11 21.07 27.98
C TYR C 150 8.14 19.98 28.49
N PHE C 151 6.85 20.05 28.17
CA PHE C 151 5.88 19.09 28.74
C PHE C 151 5.91 17.75 28.08
N GLY C 152 6.14 17.71 26.78
CA GLY C 152 6.27 16.47 26.07
C GLY C 152 7.44 15.67 26.59
N LEU C 153 8.56 16.34 26.78
CA LEU C 153 9.74 15.67 27.30
C LEU C 153 9.66 15.32 28.81
N LEU C 154 9.37 16.32 29.64
CA LEU C 154 9.40 16.14 31.08
C LEU C 154 8.18 15.41 31.64
N GLU C 155 6.99 15.58 31.04
CA GLU C 155 5.77 14.94 31.53
C GLU C 155 5.34 13.70 30.75
N ILE C 156 5.49 13.69 29.42
CA ILE C 156 4.99 12.56 28.62
C ILE C 156 6.09 11.50 28.45
N CYS C 157 7.26 11.90 27.97
CA CYS C 157 8.42 10.99 27.98
C CYS C 157 8.77 10.65 29.41
N GLY C 158 8.73 11.65 30.28
CA GLY C 158 9.04 11.51 31.71
C GLY C 158 10.52 11.26 31.94
N VAL C 159 11.39 11.91 31.16
CA VAL C 159 12.83 11.63 31.26
C VAL C 159 13.31 12.11 32.63
N LYS C 160 14.27 11.36 33.17
CA LYS C 160 14.76 11.48 34.54
C LYS C 160 16.19 11.98 34.59
N GLY C 161 16.98 11.64 33.57
CA GLY C 161 18.41 11.88 33.56
C GLY C 161 19.08 10.52 33.42
N GLY C 162 20.10 10.46 32.56
CA GLY C 162 20.71 9.18 32.22
C GLY C 162 20.17 8.56 30.95
N GLU C 163 18.98 8.97 30.52
CA GLU C 163 18.30 8.35 29.35
C GLU C 163 18.88 8.76 28.00
N THR C 164 18.66 7.91 26.99
CA THR C 164 18.99 8.25 25.59
C THR C 164 17.74 8.60 24.79
N VAL C 165 17.68 9.86 24.36
CA VAL C 165 16.51 10.40 23.72
C VAL C 165 16.72 10.59 22.23
N MET C 166 15.76 10.12 21.46
CA MET C 166 15.70 10.40 20.06
C MET C 166 14.77 11.58 19.80
N VAL C 167 15.23 12.59 19.08
CA VAL C 167 14.33 13.64 18.62
C VAL C 167 14.51 13.95 17.14
N ASN C 168 13.41 13.90 16.40
CA ASN C 168 13.40 14.21 14.99
C ASN C 168 12.87 15.66 14.81
N ALA C 169 12.89 16.17 13.57
CA ALA C 169 12.64 17.61 13.27
C ALA C 169 13.36 18.48 14.33
N ALA C 170 14.63 18.17 14.50
CA ALA C 170 15.37 18.56 15.70
C ALA C 170 16.03 19.96 15.67
N ALA C 171 16.05 20.61 14.50
CA ALA C 171 16.43 22.05 14.40
C ALA C 171 15.17 22.89 14.29
N GLY C 172 14.02 22.22 14.42
CA GLY C 172 12.74 22.84 14.43
C GLY C 172 12.51 23.46 15.80
N ALA C 173 11.49 24.31 15.85
CA ALA C 173 11.18 25.10 17.05
C ALA C 173 10.91 24.26 18.33
N VAL C 174 10.18 23.15 18.17
CA VAL C 174 9.96 22.22 19.28
C VAL C 174 11.23 21.39 19.54
N GLY C 175 11.72 20.70 18.50
CA GLY C 175 12.84 19.75 18.62
C GLY C 175 14.11 20.29 19.22
N SER C 176 14.42 21.54 18.92
CA SER C 176 15.70 22.10 19.32
C SER C 176 15.69 22.46 20.79
N VAL C 177 14.52 22.79 21.31
CA VAL C 177 14.30 22.95 22.74
C VAL C 177 14.30 21.61 23.47
N VAL C 178 13.62 20.60 22.92
CA VAL C 178 13.61 19.27 23.52
C VAL C 178 15.02 18.77 23.77
N GLY C 179 15.86 18.88 22.76
CA GLY C 179 17.25 18.51 22.84
C GLY C 179 18.04 19.22 23.92
N GLN C 180 17.81 20.51 24.06
CA GLN C 180 18.52 21.34 25.06
C GLN C 180 18.00 21.13 26.48
N ILE C 181 16.72 20.86 26.66
CA ILE C 181 16.24 20.47 27.98
C ILE C 181 16.78 19.06 28.38
N ALA C 182 16.81 18.14 27.43
CA ALA C 182 17.36 16.81 27.69
C ALA C 182 18.82 16.86 28.09
N LYS C 183 19.60 17.76 27.51
CA LYS C 183 21.05 17.85 27.87
C LYS C 183 21.23 18.38 29.28
N LEU C 184 20.49 19.44 29.63
CA LEU C 184 20.53 19.96 30.99
C LEU C 184 19.81 19.06 32.04
N LYS C 185 19.07 18.05 31.63
CA LYS C 185 18.62 17.02 32.56
C LYS C 185 19.63 15.86 32.59
N GLY C 186 20.67 15.92 31.74
CA GLY C 186 21.71 14.90 31.69
C GLY C 186 21.38 13.64 30.90
N CYS C 187 20.83 13.82 29.71
CA CYS C 187 20.58 12.71 28.78
C CYS C 187 21.51 12.77 27.58
N LYS C 188 21.71 11.62 26.95
CA LYS C 188 22.28 11.57 25.63
C LYS C 188 21.14 11.92 24.63
N VAL C 189 21.41 12.79 23.66
CA VAL C 189 20.39 13.24 22.73
C VAL C 189 20.79 12.97 21.29
N VAL C 190 19.97 12.21 20.58
CA VAL C 190 20.23 11.91 19.20
C VAL C 190 19.20 12.64 18.38
N GLY C 191 19.68 13.37 17.37
CA GLY C 191 18.88 14.38 16.66
C GLY C 191 19.00 14.25 15.15
N ALA C 192 17.86 14.36 14.48
CA ALA C 192 17.76 14.13 13.06
C ALA C 192 17.09 15.36 12.44
N VAL C 193 17.65 15.72 11.30
CA VAL C 193 17.65 17.05 10.80
C VAL C 193 17.58 16.98 9.28
N GLY C 194 16.93 17.95 8.66
CA GLY C 194 16.72 17.94 7.19
C GLY C 194 17.76 18.66 6.31
N SER C 195 18.81 19.23 6.92
CA SER C 195 19.86 19.91 6.14
C SER C 195 21.15 19.95 6.97
N ASP C 196 22.23 20.35 6.28
CA ASP C 196 23.58 20.37 6.82
C ASP C 196 23.94 21.64 7.58
N GLU C 197 23.36 22.80 7.22
CA GLU C 197 23.33 23.96 8.12
C GLU C 197 22.69 23.55 9.48
N LYS C 198 21.52 22.92 9.43
CA LYS C 198 20.86 22.40 10.65
C LYS C 198 21.69 21.40 11.47
N VAL C 199 22.38 20.48 10.81
CA VAL C 199 23.37 19.63 11.50
C VAL C 199 24.36 20.52 12.28
N ALA C 200 25.07 21.39 11.58
CA ALA C 200 25.99 22.35 12.24
C ALA C 200 25.41 23.12 13.45
N TYR C 201 24.26 23.76 13.25
CA TYR C 201 23.56 24.46 14.35
C TYR C 201 23.35 23.59 15.60
N LEU C 202 22.88 22.36 15.43
CA LEU C 202 22.58 21.47 16.57
C LEU C 202 23.80 20.93 17.27
N GLN C 203 24.89 20.86 16.55
CA GLN C 203 26.18 20.55 17.16
C GLN C 203 26.70 21.68 18.07
N LYS C 204 26.55 22.94 17.63
CA LYS C 204 26.83 24.10 18.52
C LYS C 204 26.00 23.96 19.82
N LEU C 205 24.72 23.61 19.70
CA LEU C 205 23.83 23.47 20.87
C LEU C 205 24.10 22.24 21.79
N GLY C 206 25.14 21.44 21.47
CA GLY C 206 25.60 20.32 22.33
C GLY C 206 24.83 18.97 22.29
N PHE C 207 24.04 18.74 21.25
CA PHE C 207 23.43 17.42 21.00
C PHE C 207 24.55 16.38 20.82
N ASP C 208 24.47 15.24 21.51
CA ASP C 208 25.46 14.16 21.39
C ASP C 208 25.65 13.63 19.95
N VAL C 209 24.57 13.26 19.26
CA VAL C 209 24.65 12.92 17.84
C VAL C 209 23.60 13.64 16.99
N VAL C 210 24.06 14.27 15.93
CA VAL C 210 23.19 14.88 14.93
C VAL C 210 23.51 14.32 13.55
N PHE C 211 22.47 14.12 12.75
CA PHE C 211 22.65 13.72 11.37
C PHE C 211 21.54 14.23 10.46
N ASN C 212 21.89 14.36 9.17
CA ASN C 212 20.97 14.74 8.14
C ASN C 212 20.32 13.47 7.60
N TYR C 213 19.01 13.33 7.83
CA TYR C 213 18.30 12.09 7.49
C TYR C 213 18.08 12.01 5.97
N LYS C 214 18.17 13.14 5.27
CA LYS C 214 18.03 13.16 3.81
C LYS C 214 19.25 12.65 3.06
N THR C 215 20.42 12.68 3.69
CA THR C 215 21.66 12.24 3.04
C THR C 215 22.18 10.89 3.52
N VAL C 216 21.73 10.37 4.67
CA VAL C 216 22.27 9.09 5.17
C VAL C 216 21.87 7.94 4.26
N GLU C 217 22.82 7.00 4.05
CA GLU C 217 22.60 5.82 3.22
C GLU C 217 21.55 4.90 3.81
N SER C 218 21.50 4.77 5.13
CA SER C 218 20.48 3.94 5.80
C SER C 218 20.15 4.55 7.15
N LEU C 219 18.91 5.02 7.32
CA LEU C 219 18.44 5.51 8.62
C LEU C 219 18.60 4.46 9.73
N GLU C 220 18.27 3.20 9.41
CA GLU C 220 18.39 2.10 10.34
C GLU C 220 19.79 1.97 10.94
N GLU C 221 20.79 1.82 10.07
CA GLU C 221 22.20 1.72 10.46
C GLU C 221 22.73 2.93 11.21
N THR C 222 22.46 4.11 10.71
CA THR C 222 22.79 5.33 11.44
C THR C 222 22.24 5.38 12.90
N LEU C 223 20.97 5.06 13.07
CA LEU C 223 20.37 5.10 14.40
C LEU C 223 21.01 4.09 15.28
N LYS C 224 21.41 2.95 14.67
CA LYS C 224 22.06 1.84 15.39
C LYS C 224 23.49 2.14 15.87
N LYS C 225 24.29 2.87 15.08
CA LYS C 225 25.63 3.30 15.49
C LYS C 225 25.55 4.51 16.45
N ALA C 226 24.49 5.30 16.36
CA ALA C 226 24.31 6.47 17.23
C ALA C 226 23.95 6.11 18.68
N SER C 227 23.25 4.99 18.86
CA SER C 227 23.00 4.43 20.18
C SER C 227 22.79 2.93 20.03
N PRO C 228 23.87 2.13 20.13
CA PRO C 228 23.75 0.69 19.85
C PRO C 228 22.88 -0.11 20.85
N ASP C 229 22.78 0.46 22.05
CA ASP C 229 21.90 0.13 23.16
C ASP C 229 20.39 0.34 22.84
N GLY C 230 20.09 1.28 21.95
CA GLY C 230 18.74 1.67 21.65
C GLY C 230 18.33 2.93 22.39
N TYR C 231 17.03 3.25 22.32
CA TYR C 231 16.48 4.52 22.82
C TYR C 231 15.47 4.31 23.93
N ASP C 232 15.63 5.06 25.01
CA ASP C 232 14.69 5.03 26.13
C ASP C 232 13.43 5.79 25.77
N CYS C 233 13.62 6.96 25.15
CA CYS C 233 12.57 7.92 24.84
C CYS C 233 12.66 8.41 23.44
N TYR C 234 11.51 8.57 22.80
CA TYR C 234 11.41 9.11 21.46
C TYR C 234 10.43 10.27 21.47
N PHE C 235 10.88 11.41 21.02
CA PHE C 235 10.07 12.57 20.89
C PHE C 235 9.81 12.81 19.37
N ASP C 236 8.61 12.40 18.98
CA ASP C 236 8.22 12.27 17.62
C ASP C 236 7.39 13.49 17.14
N ASN C 237 7.97 14.13 16.12
CA ASN C 237 7.40 15.26 15.42
C ASN C 237 6.97 14.97 13.99
N VAL C 238 7.51 13.89 13.41
CA VAL C 238 7.49 13.68 11.97
C VAL C 238 6.64 12.50 11.56
N GLY C 239 6.63 11.44 12.35
CA GLY C 239 5.79 10.27 12.04
C GLY C 239 6.27 9.51 10.80
N GLY C 240 5.35 8.74 10.24
CA GLY C 240 5.59 7.99 8.99
C GLY C 240 6.64 6.89 9.14
N GLU C 241 7.37 6.67 8.06
CA GLU C 241 8.32 5.56 8.00
C GLU C 241 9.60 5.83 8.81
N PHE C 242 9.92 7.09 8.99
CA PHE C 242 10.96 7.49 9.95
C PHE C 242 10.66 6.98 11.37
N SER C 243 9.42 7.18 11.86
CA SER C 243 8.99 6.56 13.12
C SER C 243 8.97 5.04 13.10
N ASN C 244 8.54 4.39 12.01
CA ASN C 244 8.62 2.91 12.00
C ASN C 244 10.03 2.38 12.21
N THR C 245 11.02 3.11 11.70
CA THR C 245 12.41 2.72 11.86
C THR C 245 12.88 2.89 13.31
N VAL C 246 12.69 4.07 13.86
CA VAL C 246 12.98 4.29 15.28
C VAL C 246 12.35 3.26 16.25
N ILE C 247 11.08 3.00 16.09
CA ILE C 247 10.37 1.99 16.90
C ILE C 247 11.07 0.65 16.95
N GLY C 248 11.72 0.27 15.86
CA GLY C 248 12.57 -0.93 15.85
C GLY C 248 13.83 -0.86 16.73
N GLN C 249 14.11 0.31 17.32
CA GLN C 249 15.27 0.47 18.16
C GLN C 249 15.01 1.02 19.55
N MET C 250 13.74 1.12 19.90
CA MET C 250 13.32 1.45 21.26
C MET C 250 13.70 0.34 22.21
N LYS C 251 14.17 0.74 23.38
CA LYS C 251 14.34 -0.16 24.47
C LYS C 251 12.98 -0.70 24.97
N LYS C 252 13.08 -1.84 25.65
CA LYS C 252 11.96 -2.46 26.33
C LYS C 252 11.27 -1.45 27.28
N PHE C 253 9.94 -1.30 27.19
CA PHE C 253 9.17 -0.26 27.92
C PHE C 253 9.59 1.17 27.53
N GLY C 254 9.99 1.35 26.29
CA GLY C 254 10.38 2.65 25.78
C GLY C 254 9.15 3.50 25.64
N ARG C 255 9.35 4.81 25.82
CA ARG C 255 8.32 5.82 25.80
C ARG C 255 8.42 6.69 24.58
N ILE C 256 7.31 6.80 23.87
CA ILE C 256 7.15 7.70 22.77
C ILE C 256 6.16 8.79 23.14
N ALA C 257 6.62 10.04 22.97
CA ALA C 257 5.78 11.24 22.95
C ALA C 257 5.41 11.60 21.52
N ILE C 258 4.14 11.45 21.19
CA ILE C 258 3.63 11.87 19.91
C ILE C 258 3.13 13.32 19.93
N CYS C 259 3.95 14.15 19.33
CA CYS C 259 3.77 15.59 19.26
C CYS C 259 3.21 16.04 17.86
N GLY C 260 3.84 15.55 16.81
CA GLY C 260 3.37 15.84 15.47
C GLY C 260 3.67 14.69 14.57
N ALA C 261 3.24 14.86 13.33
CA ALA C 261 3.46 13.92 12.27
C ALA C 261 3.66 14.66 10.96
N ILE C 262 4.63 15.59 10.93
CA ILE C 262 4.75 16.54 9.83
C ILE C 262 5.01 15.92 8.47
N SER C 263 5.66 14.77 8.45
CA SER C 263 5.96 14.12 7.21
C SER C 263 4.64 13.72 6.53
N THR C 264 3.53 13.73 7.28
CA THR C 264 2.26 13.28 6.74
C THR C 264 1.32 14.40 6.37
N TYR C 265 1.56 15.64 6.81
CA TYR C 265 0.52 16.66 6.63
C TYR C 265 0.25 17.07 5.18
N ASN C 266 1.22 16.91 4.28
CA ASN C 266 1.16 17.44 2.92
C ASN C 266 1.07 16.37 1.87
N ARG C 267 0.78 15.18 2.31
CA ARG C 267 0.79 14.04 1.46
C ARG C 267 -0.38 14.10 0.47
N THR C 268 -0.23 13.35 -0.61
CA THR C 268 -1.21 13.37 -1.68
C THR C 268 -1.74 11.94 -1.94
N GLY C 269 -1.32 10.97 -1.13
CA GLY C 269 -1.81 9.60 -1.22
C GLY C 269 -2.14 9.08 0.17
N PRO C 270 -2.29 7.77 0.31
CA PRO C 270 -2.52 7.21 1.66
C PRO C 270 -1.32 7.33 2.62
N LEU C 271 -1.60 7.12 3.91
CA LEU C 271 -0.57 7.05 4.93
C LEU C 271 0.30 5.84 4.72
N PRO C 272 1.57 5.94 5.14
CA PRO C 272 2.43 4.76 5.08
C PRO C 272 2.03 3.70 6.14
N PRO C 273 2.57 2.48 5.98
CA PRO C 273 2.44 1.40 6.94
C PRO C 273 2.60 1.88 8.35
N GLY C 274 1.84 1.31 9.24
CA GLY C 274 1.97 1.69 10.62
C GLY C 274 3.20 1.05 11.22
N PRO C 275 3.47 1.42 12.49
CA PRO C 275 4.45 0.76 13.35
C PRO C 275 4.30 -0.76 13.24
N PRO C 276 5.41 -1.47 13.01
CA PRO C 276 5.33 -2.95 12.87
C PRO C 276 4.90 -3.56 14.22
N PRO C 277 3.82 -4.36 14.22
CA PRO C 277 3.06 -4.51 15.50
C PRO C 277 3.70 -5.52 16.46
N GLU C 278 4.33 -6.56 15.91
CA GLU C 278 5.16 -7.52 16.64
C GLU C 278 6.24 -6.86 17.51
N ILE C 279 6.82 -5.77 17.00
CA ILE C 279 7.93 -5.07 17.66
C ILE C 279 7.39 -4.20 18.77
N VAL C 280 6.32 -3.47 18.47
CA VAL C 280 5.67 -2.66 19.49
C VAL C 280 5.22 -3.52 20.69
N ILE C 281 4.76 -4.74 20.42
CA ILE C 281 4.26 -5.62 21.45
C ILE C 281 5.40 -6.26 22.22
N TYR C 282 6.35 -6.85 21.50
CA TYR C 282 7.48 -7.56 22.12
C TYR C 282 8.21 -6.59 23.06
N GLN C 283 8.34 -5.33 22.67
CA GLN C 283 9.03 -4.31 23.45
C GLN C 283 8.21 -3.56 24.51
N GLU C 284 6.92 -3.87 24.56
CA GLU C 284 5.93 -3.23 25.42
C GLU C 284 6.04 -1.71 25.48
N LEU C 285 5.84 -1.06 24.33
CA LEU C 285 6.03 0.35 24.23
C LEU C 285 4.84 1.11 24.78
N ARG C 286 5.10 2.29 25.38
CA ARG C 286 4.07 3.27 25.74
C ARG C 286 4.17 4.41 24.75
N MET C 287 3.08 4.70 24.07
CA MET C 287 3.04 5.83 23.16
C MET C 287 1.92 6.71 23.63
N GLU C 288 2.19 7.97 23.75
CA GLU C 288 1.15 8.83 24.23
C GLU C 288 1.29 10.12 23.47
N ALA C 289 0.14 10.58 23.01
CA ALA C 289 0.04 11.83 22.27
C ALA C 289 -0.45 12.92 23.18
N PHE C 290 -0.20 14.17 22.77
CA PHE C 290 -0.41 15.28 23.65
C PHE C 290 -0.55 16.54 22.80
N VAL C 291 -1.23 17.51 23.36
CA VAL C 291 -1.30 18.88 22.88
C VAL C 291 -0.82 19.83 24.01
N VAL C 292 0.06 20.81 23.71
CA VAL C 292 0.48 21.81 24.72
C VAL C 292 -0.65 22.43 25.59
N TYR C 293 -1.82 22.64 24.99
CA TYR C 293 -2.88 23.44 25.66
C TYR C 293 -3.50 22.70 26.83
N ARG C 294 -3.15 21.43 27.00
CA ARG C 294 -3.60 20.64 28.13
C ARG C 294 -3.24 21.29 29.45
N TRP C 295 -2.05 21.90 29.52
CA TRP C 295 -1.47 22.39 30.79
C TRP C 295 -1.70 23.87 30.93
N GLN C 296 -2.36 24.27 32.02
CA GLN C 296 -2.73 25.65 32.23
C GLN C 296 -2.36 25.98 33.65
N GLY C 297 -2.68 27.21 34.07
CA GLY C 297 -2.53 27.59 35.46
C GLY C 297 -1.09 27.59 35.90
N ASP C 298 -0.81 27.06 37.08
CA ASP C 298 0.52 27.16 37.67
C ASP C 298 1.55 26.28 37.01
N ALA C 299 1.10 25.15 36.47
CA ALA C 299 2.00 24.21 35.79
C ALA C 299 2.65 24.89 34.58
N ARG C 300 1.81 25.60 33.85
CA ARG C 300 2.22 26.37 32.68
C ARG C 300 3.15 27.59 32.98
N GLN C 301 2.81 28.36 34.00
CA GLN C 301 3.54 29.55 34.44
C GLN C 301 4.93 29.16 34.96
N LYS C 302 5.01 28.03 35.68
CA LYS C 302 6.28 27.45 36.12
C LYS C 302 7.12 26.99 34.96
N ALA C 303 6.51 26.40 33.94
CA ALA C 303 7.24 26.01 32.71
C ALA C 303 7.84 27.21 31.97
N LEU C 304 7.03 28.25 31.73
CA LEU C 304 7.50 29.49 31.10
C LEU C 304 8.67 30.18 31.82
N LYS C 305 8.58 30.20 33.15
CA LYS C 305 9.61 30.78 33.97
C LYS C 305 10.91 29.98 33.93
N ASP C 306 10.80 28.66 33.88
CA ASP C 306 11.96 27.79 33.67
C ASP C 306 12.65 28.02 32.30
N LEU C 307 11.83 28.07 31.24
CA LEU C 307 12.32 28.34 29.90
C LEU C 307 12.97 29.69 29.79
N LEU C 308 12.38 30.67 30.47
CA LEU C 308 12.99 32.00 30.59
C LEU C 308 14.32 31.98 31.38
N LYS C 309 14.35 31.25 32.50
CA LYS C 309 15.57 31.10 33.29
C LYS C 309 16.68 30.49 32.43
N TRP C 310 16.35 29.40 31.75
CA TRP C 310 17.33 28.64 30.98
C TRP C 310 17.81 29.35 29.75
N VAL C 311 16.97 30.20 29.16
CA VAL C 311 17.43 31.14 28.09
C VAL C 311 18.49 32.14 28.61
N LEU C 312 18.19 32.83 29.72
CA LEU C 312 19.08 33.83 30.34
C LEU C 312 20.38 33.27 30.89
N GLU C 313 20.31 32.07 31.43
CA GLU C 313 21.48 31.33 31.86
C GLU C 313 22.35 30.83 30.70
N GLY C 314 21.79 30.84 29.49
CA GLY C 314 22.51 30.39 28.29
C GLY C 314 22.34 28.91 28.03
N LYS C 315 21.52 28.25 28.85
CA LYS C 315 21.31 26.80 28.74
C LYS C 315 20.40 26.38 27.58
N ILE C 316 19.58 27.33 27.14
CA ILE C 316 18.78 27.19 25.93
C ILE C 316 19.16 28.34 25.01
N GLN C 317 19.83 28.00 23.93
CA GLN C 317 20.10 28.95 22.90
C GLN C 317 18.94 28.93 21.92
N TYR C 318 18.66 30.10 21.37
CA TYR C 318 17.54 30.29 20.46
C TYR C 318 18.08 30.84 19.11
N LYS C 319 17.24 30.76 18.09
CA LYS C 319 17.54 31.29 16.78
C LYS C 319 16.23 31.54 16.02
N GLU C 320 16.16 32.67 15.35
CA GLU C 320 14.94 33.10 14.67
C GLU C 320 15.23 33.40 13.21
N TYR C 321 14.24 33.18 12.36
CA TYR C 321 14.29 33.52 10.96
C TYR C 321 13.13 34.48 10.74
N ILE C 322 13.48 35.77 10.61
CA ILE C 322 12.52 36.85 10.53
C ILE C 322 12.27 37.21 9.08
N ILE C 323 11.03 37.02 8.63
CA ILE C 323 10.61 37.48 7.32
C ILE C 323 9.86 38.79 7.46
N GLU C 324 10.30 39.81 6.74
CA GLU C 324 9.72 41.14 6.88
C GLU C 324 8.49 41.24 6.02
N GLY C 325 7.40 41.78 6.57
CA GLY C 325 6.24 42.14 5.78
C GLY C 325 5.14 41.10 5.84
N PHE C 326 3.94 41.59 6.13
CA PHE C 326 2.74 40.77 6.27
C PHE C 326 2.27 40.18 4.92
N GLU C 327 2.47 40.97 3.86
CA GLU C 327 2.44 40.49 2.46
C GLU C 327 3.15 39.11 2.26
N ASN C 328 4.26 38.88 2.94
CA ASN C 328 5.05 37.63 2.83
C ASN C 328 4.73 36.47 3.78
N MET C 329 3.56 36.50 4.39
CA MET C 329 3.20 35.47 5.36
C MET C 329 2.92 34.09 4.79
N PRO C 330 2.16 34.03 3.69
CA PRO C 330 1.98 32.67 3.11
C PRO C 330 3.30 32.08 2.58
N ALA C 331 4.19 32.93 2.08
CA ALA C 331 5.53 32.50 1.67
C ALA C 331 6.30 32.00 2.89
N ALA C 332 6.19 32.71 3.99
CA ALA C 332 6.79 32.26 5.28
C ALA C 332 6.33 30.86 5.68
N PHE C 333 5.02 30.65 5.66
CA PHE C 333 4.39 29.35 5.98
C PHE C 333 4.84 28.23 5.09
N MET C 334 4.87 28.51 3.78
CA MET C 334 5.25 27.51 2.80
C MET C 334 6.72 27.18 2.94
N GLY C 335 7.52 28.20 3.24
CA GLY C 335 8.95 28.05 3.45
C GLY C 335 9.24 27.11 4.61
N MET C 336 8.60 27.40 5.72
CA MET C 336 8.70 26.59 6.89
C MET C 336 8.23 25.16 6.62
N LEU C 337 7.12 25.01 5.89
CA LEU C 337 6.61 23.69 5.63
C LEU C 337 7.57 22.88 4.80
N LYS C 338 8.23 23.54 3.87
CA LYS C 338 9.29 22.92 3.08
C LYS C 338 10.58 22.66 3.87
N GLY C 339 10.75 23.20 5.07
CA GLY C 339 12.03 23.10 5.78
C GLY C 339 13.10 24.05 5.24
N ASP C 340 12.69 25.12 4.58
CA ASP C 340 13.65 26.03 3.97
C ASP C 340 14.48 26.82 4.99
N ASN C 341 13.90 27.11 6.13
CA ASN C 341 14.41 28.13 7.06
C ASN C 341 15.10 27.50 8.28
N LEU C 342 16.23 28.10 8.71
CA LEU C 342 16.92 27.77 10.00
C LEU C 342 16.53 28.72 11.22
N GLY C 343 15.86 28.15 12.22
CA GLY C 343 15.33 28.91 13.37
C GLY C 343 13.82 29.07 13.32
N LYS C 344 13.21 29.58 14.38
CA LYS C 344 11.79 29.85 14.39
C LYS C 344 11.42 30.88 13.32
N THR C 345 10.42 30.55 12.50
CA THR C 345 9.91 31.46 11.48
C THR C 345 8.89 32.38 12.08
N ILE C 346 9.10 33.66 11.77
CA ILE C 346 8.42 34.79 12.39
C ILE C 346 8.30 35.86 11.33
N VAL C 347 7.11 36.44 11.20
CA VAL C 347 6.90 37.52 10.26
C VAL C 347 6.88 38.82 11.05
N LYS C 348 7.71 39.75 10.65
CA LYS C 348 7.75 41.08 11.27
C LYS C 348 6.86 42.00 10.46
N ALA C 349 5.74 42.43 11.03
CA ALA C 349 4.84 43.36 10.33
N SER D 22 11.23 -45.51 25.50
CA SER D 22 10.81 -44.07 25.74
C SER D 22 10.76 -43.19 24.46
N MET D 23 9.58 -43.12 23.85
CA MET D 23 9.37 -42.42 22.55
C MET D 23 8.48 -41.19 22.64
N THR D 24 8.71 -40.24 21.72
CA THR D 24 7.90 -39.03 21.60
C THR D 24 7.57 -38.73 20.14
N LYS D 25 6.42 -38.07 19.93
CA LYS D 25 6.10 -37.54 18.63
C LYS D 25 6.09 -36.00 18.73
N THR D 26 6.66 -35.36 17.73
CA THR D 26 6.87 -33.90 17.75
C THR D 26 6.50 -33.27 16.41
N TRP D 27 5.74 -32.18 16.46
CA TRP D 27 5.42 -31.35 15.31
C TRP D 27 6.47 -30.27 15.13
N THR D 28 7.11 -30.25 13.96
CA THR D 28 8.15 -29.28 13.64
C THR D 28 7.71 -28.32 12.54
N LEU D 29 8.44 -27.22 12.44
CA LEU D 29 8.27 -26.31 11.34
C LEU D 29 9.17 -26.73 10.20
N LYS D 30 8.57 -27.34 9.18
CA LYS D 30 9.29 -27.75 7.98
C LYS D 30 9.64 -26.55 7.13
N LYS D 31 8.70 -25.61 7.01
CA LYS D 31 8.86 -24.45 6.18
C LYS D 31 8.16 -23.24 6.75
N HIS D 32 8.77 -22.09 6.57
CA HIS D 32 8.23 -20.84 7.06
C HIS D 32 6.89 -20.52 6.36
N PHE D 33 5.91 -20.11 7.14
CA PHE D 33 4.58 -19.81 6.65
C PHE D 33 4.57 -18.60 5.72
N VAL D 34 3.94 -18.75 4.56
CA VAL D 34 3.65 -17.62 3.67
C VAL D 34 2.14 -17.36 3.66
N GLY D 35 1.78 -16.18 4.15
CA GLY D 35 0.44 -15.90 4.62
C GLY D 35 -0.04 -16.84 5.69
N TYR D 36 -1.16 -17.50 5.48
CA TYR D 36 -1.59 -18.58 6.40
C TYR D 36 -0.69 -19.82 6.26
N PRO D 37 -0.52 -20.55 7.34
CA PRO D 37 0.04 -21.87 7.17
C PRO D 37 -0.75 -22.80 6.23
N THR D 38 -0.08 -23.82 5.74
CA THR D 38 -0.76 -24.93 5.10
C THR D 38 -0.10 -26.19 5.63
N ASN D 39 -0.70 -27.34 5.40
CA ASN D 39 -0.26 -28.62 6.06
C ASN D 39 1.20 -28.98 5.81
N SER D 40 1.70 -28.65 4.60
CA SER D 40 3.07 -29.00 4.15
C SER D 40 4.18 -28.21 4.85
N ASP D 41 3.80 -27.19 5.60
CA ASP D 41 4.73 -26.34 6.36
C ASP D 41 5.13 -27.00 7.70
N PHE D 42 4.55 -28.15 8.01
CA PHE D 42 4.73 -28.85 9.25
C PHE D 42 5.21 -30.25 8.95
N GLU D 43 5.77 -30.93 9.93
CA GLU D 43 6.34 -32.25 9.76
C GLU D 43 6.40 -32.95 11.11
N LEU D 44 5.85 -34.16 11.18
CA LEU D 44 5.77 -34.95 12.39
C LEU D 44 6.97 -35.85 12.41
N LYS D 45 7.66 -35.86 13.54
CA LYS D 45 8.83 -36.68 13.76
C LYS D 45 8.69 -37.54 15.02
N THR D 46 9.16 -38.77 14.92
CA THR D 46 9.20 -39.72 16.03
C THR D 46 10.67 -39.77 16.50
N SER D 47 10.84 -39.88 17.81
CA SER D 47 12.09 -39.49 18.45
C SER D 47 12.18 -40.21 19.81
N GLU D 48 13.28 -40.89 20.09
CA GLU D 48 13.45 -41.59 21.38
C GLU D 48 13.92 -40.58 22.41
N LEU D 49 13.40 -40.68 23.64
CA LEU D 49 13.86 -39.81 24.72
C LEU D 49 14.86 -40.55 25.61
N PRO D 50 15.82 -39.80 26.18
CA PRO D 50 16.81 -40.46 27.03
C PRO D 50 16.22 -40.90 28.37
N PRO D 51 17.01 -41.65 29.15
CA PRO D 51 16.59 -41.93 30.54
C PRO D 51 16.72 -40.69 31.45
N LEU D 52 15.92 -40.69 32.51
CA LEU D 52 15.92 -39.57 33.43
C LEU D 52 17.20 -39.57 34.25
N LYS D 53 17.87 -38.44 34.28
CA LYS D 53 18.83 -38.10 35.33
C LYS D 53 18.05 -37.76 36.62
N ASN D 54 18.75 -37.71 37.74
CA ASN D 54 18.11 -37.38 39.01
C ASN D 54 17.58 -35.94 39.00
N GLY D 55 16.38 -35.76 39.54
CA GLY D 55 15.71 -34.46 39.53
C GLY D 55 14.80 -34.21 38.34
N GLU D 56 14.85 -35.11 37.34
CA GLU D 56 14.01 -34.99 36.17
C GLU D 56 12.68 -35.74 36.34
N VAL D 57 11.68 -35.28 35.58
CA VAL D 57 10.41 -36.00 35.39
C VAL D 57 10.11 -36.15 33.91
N LEU D 58 9.36 -37.19 33.58
CA LEU D 58 8.86 -37.44 32.22
C LEU D 58 7.40 -36.99 32.17
N LEU D 59 7.11 -36.04 31.28
CA LEU D 59 5.76 -35.50 31.07
C LEU D 59 5.06 -36.12 29.87
N GLU D 60 3.82 -36.60 30.08
CA GLU D 60 2.90 -36.99 29.01
C GLU D 60 1.82 -35.91 28.85
N ALA D 61 1.74 -35.33 27.66
CA ALA D 61 0.72 -34.33 27.36
C ALA D 61 -0.69 -34.92 27.41
N LEU D 62 -1.54 -34.25 28.18
CA LEU D 62 -2.97 -34.49 28.23
C LEU D 62 -3.70 -33.52 27.26
N PHE D 63 -3.36 -32.22 27.34
CA PHE D 63 -4.00 -31.19 26.54
C PHE D 63 -2.96 -30.22 26.06
N LEU D 64 -2.99 -29.92 24.77
CA LEU D 64 -2.07 -28.96 24.15
C LEU D 64 -2.93 -27.82 23.63
N THR D 65 -2.42 -26.60 23.72
CA THR D 65 -3.12 -25.41 23.20
C THR D 65 -2.53 -24.92 21.88
N VAL D 66 -3.35 -24.24 21.11
CA VAL D 66 -2.90 -23.44 19.94
C VAL D 66 -3.43 -22.03 20.10
N ASP D 67 -2.60 -21.07 19.74
CA ASP D 67 -2.88 -19.67 20.04
C ASP D 67 -2.30 -18.82 18.94
N PRO D 68 -2.95 -17.68 18.63
CA PRO D 68 -2.59 -16.72 17.56
C PRO D 68 -1.12 -16.30 17.50
N TYR D 69 -0.52 -16.13 18.66
CA TYR D 69 0.83 -15.62 18.78
C TYR D 69 1.84 -16.60 18.21
N MET D 70 1.50 -17.89 18.13
CA MET D 70 2.36 -18.90 17.46
C MET D 70 2.59 -18.59 15.97
N ARG D 71 1.67 -17.85 15.35
CA ARG D 71 1.89 -17.45 13.97
C ARG D 71 3.09 -16.49 13.87
N VAL D 72 3.15 -15.61 14.85
CA VAL D 72 4.19 -14.57 14.97
C VAL D 72 5.43 -15.21 15.50
N ALA D 73 5.29 -15.93 16.60
CA ALA D 73 6.45 -16.53 17.23
C ALA D 73 7.24 -17.49 16.33
N ALA D 74 6.55 -18.11 15.37
CA ALA D 74 7.16 -19.09 14.48
C ALA D 74 8.07 -18.44 13.45
N LYS D 75 7.85 -17.17 13.16
CA LYS D 75 8.73 -16.41 12.32
C LYS D 75 10.18 -16.45 12.86
N ARG D 76 10.34 -16.60 14.19
CA ARG D 76 11.64 -16.60 14.88
C ARG D 76 12.30 -17.99 14.96
N LEU D 77 11.61 -19.02 14.45
CA LEU D 77 12.14 -20.39 14.41
C LEU D 77 13.04 -20.70 13.20
N LYS D 78 13.98 -21.63 13.39
CA LYS D 78 14.74 -22.18 12.30
C LYS D 78 13.87 -23.35 11.85
N GLU D 79 13.92 -23.65 10.56
CA GLU D 79 13.12 -24.70 10.00
C GLU D 79 13.74 -25.99 10.53
N GLY D 80 12.90 -26.96 10.90
CA GLY D 80 13.33 -28.13 11.65
C GLY D 80 12.98 -27.98 13.11
N ASP D 81 12.82 -26.74 13.56
CA ASP D 81 12.56 -26.49 14.98
C ASP D 81 11.18 -26.98 15.37
N THR D 82 11.06 -27.30 16.65
CA THR D 82 9.79 -27.70 17.25
C THR D 82 8.87 -26.49 17.38
N MET D 83 7.57 -26.71 17.18
CA MET D 83 6.60 -25.63 17.38
C MET D 83 6.48 -25.35 18.87
N MET D 84 6.41 -24.07 19.22
CA MET D 84 6.33 -23.66 20.62
C MET D 84 4.89 -23.73 21.10
N GLY D 85 4.71 -23.76 22.42
CA GLY D 85 3.39 -23.99 22.98
C GLY D 85 3.36 -24.62 24.35
N GLN D 86 2.29 -24.29 25.06
CA GLN D 86 2.00 -24.77 26.40
C GLN D 86 1.10 -26.01 26.36
N GLN D 87 1.27 -26.87 27.36
CA GLN D 87 0.40 -28.02 27.52
C GLN D 87 0.11 -28.25 29.00
N VAL D 88 -0.94 -29.02 29.25
CA VAL D 88 -1.22 -29.66 30.55
C VAL D 88 -0.70 -31.07 30.43
N ALA D 89 0.07 -31.49 31.41
CA ALA D 89 0.78 -32.74 31.30
C ALA D 89 0.79 -33.42 32.66
N LYS D 90 0.81 -34.74 32.65
CA LYS D 90 0.85 -35.59 33.78
C LYS D 90 2.27 -36.13 33.87
N VAL D 91 2.79 -36.16 35.09
CA VAL D 91 4.08 -36.80 35.37
C VAL D 91 3.84 -38.32 35.38
N VAL D 92 4.44 -39.01 34.41
CA VAL D 92 4.28 -40.47 34.29
C VAL D 92 5.51 -41.26 34.72
N GLU D 93 6.61 -40.56 35.02
CA GLU D 93 7.88 -41.16 35.48
C GLU D 93 8.70 -40.06 36.17
N SER D 94 9.15 -40.29 37.40
CA SER D 94 9.73 -39.24 38.25
C SER D 94 11.04 -39.63 38.97
N LYS D 95 12.05 -38.75 38.92
CA LYS D 95 13.18 -38.79 39.88
C LYS D 95 13.28 -37.43 40.66
N ASN D 96 12.11 -36.87 40.95
CA ASN D 96 11.96 -35.55 41.57
C ASN D 96 10.90 -35.65 42.65
N VAL D 97 11.32 -35.55 43.91
CA VAL D 97 10.38 -35.68 45.02
C VAL D 97 9.26 -34.60 45.10
N ALA D 98 9.39 -33.50 44.38
CA ALA D 98 8.36 -32.46 44.38
C ALA D 98 7.27 -32.80 43.36
N LEU D 99 7.64 -33.69 42.43
CA LEU D 99 6.80 -34.03 41.30
C LEU D 99 6.69 -35.53 41.17
N PRO D 100 5.95 -36.19 42.11
CA PRO D 100 5.71 -37.66 42.02
C PRO D 100 4.82 -38.09 40.81
N LYS D 101 4.94 -39.34 40.35
CA LYS D 101 4.05 -39.90 39.30
C LYS D 101 2.61 -39.50 39.54
N GLY D 102 1.90 -39.07 38.49
CA GLY D 102 0.49 -38.66 38.61
C GLY D 102 0.21 -37.17 38.77
N THR D 103 1.24 -36.39 39.12
CA THR D 103 1.14 -34.94 39.25
C THR D 103 0.81 -34.29 37.92
N ILE D 104 -0.05 -33.26 37.99
CA ILE D 104 -0.55 -32.52 36.82
C ILE D 104 0.15 -31.17 36.82
N VAL D 105 0.72 -30.81 35.69
CA VAL D 105 1.51 -29.58 35.57
C VAL D 105 1.18 -28.84 34.29
N LEU D 106 1.47 -27.54 34.27
CA LEU D 106 1.71 -26.78 33.05
C LEU D 106 3.21 -26.83 32.64
N ALA D 107 3.44 -27.15 31.38
CA ALA D 107 4.76 -27.18 30.78
C ALA D 107 4.72 -26.55 29.37
N SER D 108 5.88 -26.13 28.87
CA SER D 108 6.00 -25.58 27.52
C SER D 108 7.17 -26.18 26.73
N PRO D 109 7.12 -27.50 26.47
CA PRO D 109 8.13 -28.16 25.65
C PRO D 109 7.85 -28.02 24.15
N GLY D 110 6.80 -27.26 23.79
CA GLY D 110 6.26 -27.23 22.45
C GLY D 110 5.25 -28.31 22.11
N TRP D 111 4.99 -28.47 20.81
CA TRP D 111 4.00 -29.42 20.30
C TRP D 111 4.65 -30.79 20.28
N THR D 112 4.62 -31.43 21.43
CA THR D 112 5.20 -32.72 21.63
C THR D 112 4.34 -33.51 22.63
N THR D 113 4.29 -34.83 22.44
CA THR D 113 3.44 -35.71 23.23
C THR D 113 4.09 -36.12 24.52
N HIS D 114 5.43 -36.06 24.56
CA HIS D 114 6.23 -36.45 25.72
C HIS D 114 7.44 -35.55 25.79
N SER D 115 7.84 -35.16 26.98
CA SER D 115 9.06 -34.38 27.15
C SER D 115 9.68 -34.63 28.55
N ILE D 116 10.95 -34.25 28.71
CA ILE D 116 11.64 -34.34 29.97
C ILE D 116 11.89 -32.96 30.55
N SER D 117 11.64 -32.85 31.85
CA SER D 117 11.85 -31.61 32.57
C SER D 117 12.69 -31.82 33.83
N ASP D 118 13.56 -30.86 34.11
CA ASP D 118 14.26 -30.73 35.40
C ASP D 118 13.35 -30.15 36.50
N GLY D 119 12.18 -29.66 36.12
CA GLY D 119 11.13 -29.28 37.05
C GLY D 119 11.12 -27.82 37.43
N LYS D 120 12.00 -27.01 36.85
CA LYS D 120 12.07 -25.57 37.21
C LYS D 120 11.24 -24.75 36.23
N ASP D 121 11.06 -25.30 35.04
CA ASP D 121 10.25 -24.68 33.99
C ASP D 121 8.76 -25.13 33.99
N LEU D 122 8.30 -25.67 35.12
CA LEU D 122 6.94 -26.21 35.23
C LEU D 122 6.15 -25.37 36.20
N GLU D 123 4.86 -25.68 36.30
CA GLU D 123 3.96 -24.96 37.17
C GLU D 123 2.84 -25.92 37.53
N LYS D 124 2.69 -26.20 38.83
CA LYS D 124 1.57 -26.99 39.32
C LYS D 124 0.34 -26.12 39.23
N LEU D 125 -0.83 -26.76 39.20
CA LEU D 125 -2.08 -26.00 39.21
C LEU D 125 -2.35 -25.34 40.57
N LEU D 126 -3.26 -24.37 40.57
CA LEU D 126 -3.74 -23.81 41.83
C LEU D 126 -4.11 -24.94 42.79
N THR D 127 -3.76 -24.77 44.08
CA THR D 127 -4.08 -25.75 45.15
C THR D 127 -5.56 -26.04 45.24
N GLU D 128 -6.31 -24.94 45.26
CA GLU D 128 -7.76 -24.93 45.36
C GLU D 128 -8.48 -25.26 44.02
N TRP D 129 -7.79 -25.91 43.09
CA TRP D 129 -8.36 -26.31 41.79
C TRP D 129 -9.40 -27.43 41.91
N PRO D 130 -10.67 -27.14 41.59
CA PRO D 130 -11.72 -28.16 41.77
C PRO D 130 -11.82 -29.12 40.60
N ASP D 131 -12.29 -30.34 40.86
CA ASP D 131 -12.60 -31.29 39.77
C ASP D 131 -13.87 -30.93 38.97
N THR D 132 -14.69 -30.01 39.50
CA THR D 132 -15.89 -29.53 38.80
C THR D 132 -15.60 -28.68 37.56
N ILE D 133 -14.36 -28.25 37.39
CA ILE D 133 -13.96 -27.57 36.15
C ILE D 133 -12.95 -28.43 35.40
N PRO D 134 -12.92 -28.32 34.05
CA PRO D 134 -11.98 -29.08 33.23
C PRO D 134 -10.55 -28.55 33.32
N LEU D 135 -9.58 -29.46 33.33
CA LEU D 135 -8.16 -29.14 33.45
C LEU D 135 -7.69 -28.20 32.36
N SER D 136 -8.29 -28.33 31.19
CA SER D 136 -7.92 -27.56 30.03
C SER D 136 -8.23 -26.05 30.18
N LEU D 137 -8.98 -25.66 31.21
CA LEU D 137 -9.15 -24.24 31.53
C LEU D 137 -7.87 -23.59 32.02
N ALA D 138 -6.92 -24.43 32.41
CA ALA D 138 -5.63 -23.97 32.83
C ALA D 138 -4.86 -23.43 31.63
N LEU D 139 -5.30 -23.73 30.41
CA LEU D 139 -4.64 -23.22 29.20
C LEU D 139 -5.43 -22.07 28.55
N GLY D 140 -6.46 -21.62 29.24
CA GLY D 140 -7.51 -20.78 28.66
C GLY D 140 -7.96 -19.73 29.65
N THR D 141 -9.24 -19.77 29.99
CA THR D 141 -9.85 -18.77 30.85
C THR D 141 -9.11 -18.60 32.21
N VAL D 142 -8.66 -19.72 32.83
CA VAL D 142 -7.92 -19.68 34.11
C VAL D 142 -6.45 -20.05 33.90
N GLY D 143 -5.87 -19.35 32.92
CA GLY D 143 -4.52 -19.57 32.47
C GLY D 143 -4.18 -18.37 31.66
N MET D 144 -3.24 -18.52 30.76
CA MET D 144 -2.62 -17.39 30.05
C MET D 144 -3.54 -16.38 29.31
N PRO D 145 -4.49 -16.86 28.49
CA PRO D 145 -5.44 -15.91 27.85
C PRO D 145 -6.34 -15.10 28.82
N GLY D 146 -6.76 -15.67 29.96
CA GLY D 146 -7.51 -14.93 31.00
C GLY D 146 -6.67 -13.92 31.76
N LEU D 147 -5.41 -14.27 32.01
CA LEU D 147 -4.43 -13.36 32.58
C LEU D 147 -4.17 -12.16 31.66
N THR D 148 -4.12 -12.44 30.37
CA THR D 148 -3.96 -11.38 29.33
C THR D 148 -5.07 -10.31 29.40
N ALA D 149 -6.29 -10.80 29.42
CA ALA D 149 -7.49 -9.99 29.54
C ALA D 149 -7.49 -9.23 30.82
N TYR D 150 -7.13 -9.96 31.88
CA TYR D 150 -7.16 -9.45 33.26
C TYR D 150 -6.25 -8.20 33.37
N PHE D 151 -4.94 -8.39 33.13
CA PHE D 151 -3.94 -7.31 33.24
C PHE D 151 -4.04 -6.22 32.16
N GLY D 152 -4.34 -6.59 30.95
CA GLY D 152 -4.61 -5.61 29.90
C GLY D 152 -5.76 -4.69 30.25
N LEU D 153 -6.84 -5.26 30.76
CA LEU D 153 -8.03 -4.50 31.05
C LEU D 153 -7.84 -3.71 32.34
N LEU D 154 -7.44 -4.39 33.42
CA LEU D 154 -7.43 -3.75 34.71
C LEU D 154 -6.19 -2.90 35.00
N GLU D 155 -5.03 -3.24 34.46
CA GLU D 155 -3.82 -2.43 34.62
C GLU D 155 -3.50 -1.53 33.42
N ILE D 156 -3.56 -2.06 32.21
CA ILE D 156 -3.13 -1.25 31.07
C ILE D 156 -4.22 -0.25 30.62
N CYS D 157 -5.46 -0.70 30.34
CA CYS D 157 -6.60 0.23 30.20
C CYS D 157 -6.94 0.89 31.53
N GLY D 158 -6.74 0.21 32.66
CA GLY D 158 -7.05 0.78 33.97
C GLY D 158 -8.53 1.13 34.15
N VAL D 159 -9.42 0.24 33.71
CA VAL D 159 -10.89 0.49 33.83
C VAL D 159 -11.31 0.68 35.29
N LYS D 160 -12.10 1.71 35.57
CA LYS D 160 -12.62 1.96 36.91
C LYS D 160 -14.08 1.51 37.03
N GLY D 161 -14.87 1.78 35.97
CA GLY D 161 -16.30 1.46 35.95
C GLY D 161 -17.14 2.62 35.46
N GLY D 162 -18.15 2.33 34.64
CA GLY D 162 -18.92 3.35 33.92
C GLY D 162 -18.33 3.74 32.56
N GLU D 163 -17.12 3.26 32.26
CA GLU D 163 -16.48 3.47 30.96
C GLU D 163 -17.09 2.54 29.90
N THR D 164 -16.94 2.96 28.65
CA THR D 164 -17.33 2.13 27.50
C THR D 164 -16.06 1.51 26.95
N VAL D 165 -16.09 0.19 26.84
CA VAL D 165 -14.99 -0.60 26.39
C VAL D 165 -15.29 -1.20 25.01
N MET D 166 -14.46 -0.87 24.04
CA MET D 166 -14.43 -1.60 22.79
C MET D 166 -13.48 -2.82 22.93
N VAL D 167 -13.96 -4.02 22.62
CA VAL D 167 -13.07 -5.17 22.46
C VAL D 167 -13.34 -5.88 21.10
N ASN D 168 -12.28 -6.21 20.39
CA ASN D 168 -12.35 -6.94 19.14
C ASN D 168 -11.74 -8.33 19.32
N ALA D 169 -11.87 -9.18 18.31
CA ALA D 169 -11.82 -10.65 18.50
C ALA D 169 -12.54 -11.05 19.81
N ALA D 170 -13.74 -10.52 19.99
CA ALA D 170 -14.37 -10.44 21.33
C ALA D 170 -14.94 -11.76 21.86
N ALA D 171 -14.93 -12.80 21.00
CA ALA D 171 -15.37 -14.14 21.31
C ALA D 171 -14.18 -15.09 21.31
N GLY D 172 -12.98 -14.51 21.25
CA GLY D 172 -11.76 -15.24 21.33
C GLY D 172 -11.48 -15.50 22.78
N ALA D 173 -10.35 -16.16 23.04
CA ALA D 173 -9.97 -16.60 24.36
C ALA D 173 -9.63 -15.43 25.30
N VAL D 174 -9.03 -14.38 24.73
CA VAL D 174 -8.71 -13.16 25.45
C VAL D 174 -9.96 -12.31 25.53
N GLY D 175 -10.51 -11.96 24.36
CA GLY D 175 -11.59 -10.95 24.27
C GLY D 175 -12.87 -11.22 25.04
N SER D 176 -13.24 -12.52 25.10
CA SER D 176 -14.41 -12.98 25.89
C SER D 176 -14.18 -12.78 27.36
N VAL D 177 -12.93 -12.91 27.79
CA VAL D 177 -12.70 -12.74 29.21
C VAL D 177 -12.70 -11.24 29.54
N VAL D 178 -12.09 -10.47 28.64
CA VAL D 178 -12.07 -9.00 28.75
C VAL D 178 -13.50 -8.48 28.91
N GLY D 179 -14.39 -8.98 28.06
CA GLY D 179 -15.74 -8.48 28.00
C GLY D 179 -16.50 -8.72 29.27
N GLN D 180 -16.22 -9.88 29.87
CA GLN D 180 -16.91 -10.39 31.06
C GLN D 180 -16.36 -9.81 32.35
N ILE D 181 -15.05 -9.58 32.42
CA ILE D 181 -14.48 -8.87 33.56
C ILE D 181 -14.93 -7.40 33.50
N ALA D 182 -15.03 -6.85 32.31
CA ALA D 182 -15.47 -5.47 32.13
C ALA D 182 -16.95 -5.29 32.53
N LYS D 183 -17.75 -6.32 32.28
CA LYS D 183 -19.14 -6.30 32.72
C LYS D 183 -19.29 -6.34 34.23
N LEU D 184 -18.52 -7.18 34.87
CA LEU D 184 -18.58 -7.29 36.32
C LEU D 184 -17.77 -6.24 37.07
N LYS D 185 -17.18 -5.27 36.37
CA LYS D 185 -16.71 -4.02 36.98
C LYS D 185 -17.65 -2.87 36.52
N GLY D 186 -18.79 -3.19 35.93
CA GLY D 186 -19.84 -2.20 35.57
C GLY D 186 -19.50 -1.27 34.44
N CYS D 187 -18.95 -1.82 33.36
CA CYS D 187 -18.70 -1.07 32.13
C CYS D 187 -19.66 -1.46 31.05
N LYS D 188 -19.93 -0.53 30.15
CA LYS D 188 -20.56 -0.86 28.88
C LYS D 188 -19.52 -1.48 27.94
N VAL D 189 -19.89 -2.56 27.29
CA VAL D 189 -18.94 -3.35 26.52
C VAL D 189 -19.48 -3.54 25.11
N VAL D 190 -18.67 -3.14 24.12
CA VAL D 190 -18.99 -3.25 22.72
C VAL D 190 -17.99 -4.23 22.14
N GLY D 191 -18.48 -5.31 21.53
CA GLY D 191 -17.62 -6.39 21.01
C GLY D 191 -17.79 -6.60 19.52
N ALA D 192 -16.69 -6.80 18.81
CA ALA D 192 -16.72 -7.18 17.41
C ALA D 192 -16.29 -8.62 17.35
N VAL D 193 -16.96 -9.36 16.48
CA VAL D 193 -16.85 -10.78 16.41
C VAL D 193 -16.83 -11.18 14.91
N GLY D 194 -16.46 -12.43 14.60
CA GLY D 194 -16.39 -12.89 13.21
C GLY D 194 -17.47 -13.83 12.68
N SER D 195 -18.45 -14.19 13.49
CA SER D 195 -19.54 -15.06 13.03
C SER D 195 -20.84 -14.63 13.73
N ASP D 196 -21.98 -14.96 13.16
CA ASP D 196 -23.26 -14.71 13.83
C ASP D 196 -23.58 -15.72 14.95
N GLU D 197 -22.95 -16.90 14.93
CA GLU D 197 -22.90 -17.79 16.12
C GLU D 197 -22.28 -17.07 17.32
N LYS D 198 -21.16 -16.42 17.06
CA LYS D 198 -20.40 -15.70 18.09
C LYS D 198 -21.12 -14.45 18.61
N VAL D 199 -21.89 -13.82 17.73
CA VAL D 199 -22.78 -12.72 18.13
C VAL D 199 -23.81 -13.26 19.10
N ALA D 200 -24.42 -14.40 18.77
CA ALA D 200 -25.42 -15.02 19.66
C ALA D 200 -24.84 -15.32 21.05
N TYR D 201 -23.64 -15.88 21.05
CA TYR D 201 -23.03 -16.41 22.24
C TYR D 201 -22.68 -15.31 23.23
N LEU D 202 -22.05 -14.22 22.77
CA LEU D 202 -21.70 -13.09 23.64
C LEU D 202 -22.90 -12.28 24.17
N GLN D 203 -23.98 -12.26 23.40
CA GLN D 203 -25.24 -11.71 23.89
C GLN D 203 -25.78 -12.50 25.07
N LYS D 204 -25.61 -13.83 25.02
CA LYS D 204 -25.89 -14.75 26.16
C LYS D 204 -24.99 -14.40 27.37
N LEU D 205 -23.70 -14.14 27.14
CA LEU D 205 -22.77 -13.71 28.19
C LEU D 205 -22.97 -12.28 28.69
N GLY D 206 -23.94 -11.55 28.12
CA GLY D 206 -24.30 -10.23 28.62
C GLY D 206 -23.46 -9.04 28.14
N PHE D 207 -22.77 -9.14 26.99
CA PHE D 207 -22.17 -7.94 26.38
C PHE D 207 -23.29 -6.96 25.99
N ASP D 208 -22.98 -5.65 26.07
CA ASP D 208 -23.98 -4.61 25.77
C ASP D 208 -24.29 -4.49 24.25
N VAL D 209 -23.27 -4.40 23.42
CA VAL D 209 -23.43 -4.46 21.96
C VAL D 209 -22.44 -5.47 21.42
N VAL D 210 -22.88 -6.26 20.46
CA VAL D 210 -22.06 -7.25 19.79
C VAL D 210 -22.46 -7.24 18.32
N PHE D 211 -21.48 -7.32 17.43
CA PHE D 211 -21.71 -7.33 16.00
C PHE D 211 -20.65 -8.11 15.26
N ASN D 212 -21.01 -8.48 14.04
CA ASN D 212 -20.15 -9.23 13.14
C ASN D 212 -19.43 -8.25 12.18
N TYR D 213 -18.12 -8.07 12.35
CA TYR D 213 -17.39 -7.10 11.51
C TYR D 213 -17.44 -7.50 10.04
N LYS D 214 -17.63 -8.78 9.75
CA LYS D 214 -17.69 -9.25 8.36
C LYS D 214 -18.96 -8.87 7.64
N THR D 215 -20.09 -8.79 8.34
CA THR D 215 -21.38 -8.53 7.67
C THR D 215 -21.78 -7.06 7.60
N VAL D 216 -21.32 -6.21 8.54
CA VAL D 216 -21.76 -4.81 8.60
C VAL D 216 -21.46 -4.00 7.32
N GLU D 217 -22.37 -3.12 6.90
CA GLU D 217 -22.15 -2.27 5.72
C GLU D 217 -20.93 -1.38 5.96
N SER D 218 -20.92 -0.70 7.11
CA SER D 218 -19.84 0.25 7.47
C SER D 218 -19.42 0.05 8.95
N LEU D 219 -18.17 -0.35 9.19
CA LEU D 219 -17.67 -0.42 10.57
C LEU D 219 -17.82 0.91 11.33
N GLU D 220 -17.44 2.00 10.67
CA GLU D 220 -17.55 3.33 11.23
C GLU D 220 -18.93 3.62 11.83
N GLU D 221 -19.95 3.58 10.96
CA GLU D 221 -21.37 3.78 11.31
C GLU D 221 -21.86 2.87 12.45
N THR D 222 -21.46 1.61 12.43
CA THR D 222 -21.82 0.63 13.44
C THR D 222 -21.27 1.01 14.82
N LEU D 223 -20.00 1.45 14.87
CA LEU D 223 -19.41 1.90 16.12
C LEU D 223 -19.94 3.24 16.55
N LYS D 224 -20.36 4.08 15.62
CA LYS D 224 -21.00 5.34 16.03
C LYS D 224 -22.39 5.04 16.68
N LYS D 225 -23.18 4.13 16.09
CA LYS D 225 -24.48 3.76 16.67
C LYS D 225 -24.27 3.02 18.00
N ALA D 226 -23.19 2.26 18.13
CA ALA D 226 -23.00 1.40 19.34
C ALA D 226 -22.62 2.22 20.59
N SER D 227 -21.80 3.26 20.39
CA SER D 227 -21.51 4.25 21.40
C SER D 227 -21.37 5.64 20.76
N PRO D 228 -22.47 6.41 20.78
CA PRO D 228 -22.47 7.81 20.34
C PRO D 228 -21.47 8.73 21.04
N ASP D 229 -21.19 8.47 22.31
CA ASP D 229 -20.25 9.27 23.10
C ASP D 229 -18.80 8.91 22.79
N GLY D 230 -18.60 7.83 22.06
CA GLY D 230 -17.26 7.31 21.82
C GLY D 230 -16.86 6.27 22.85
N TYR D 231 -15.58 5.92 22.81
CA TYR D 231 -15.03 4.81 23.60
C TYR D 231 -13.96 5.32 24.54
N ASP D 232 -14.13 4.96 25.81
CA ASP D 232 -13.14 5.28 26.85
C ASP D 232 -11.87 4.44 26.71
N CYS D 233 -12.08 3.16 26.39
CA CYS D 233 -11.04 2.13 26.32
C CYS D 233 -11.22 1.26 25.12
N TYR D 234 -10.10 0.75 24.64
CA TYR D 234 -10.03 -0.13 23.51
C TYR D 234 -9.00 -1.20 23.86
N PHE D 235 -9.48 -2.42 24.02
CA PHE D 235 -8.64 -3.60 24.14
C PHE D 235 -8.44 -4.21 22.75
N ASP D 236 -7.26 -3.96 22.18
CA ASP D 236 -6.96 -4.28 20.79
C ASP D 236 -6.19 -5.62 20.56
N ASN D 237 -6.88 -6.57 19.88
CA ASN D 237 -6.28 -7.83 19.46
C ASN D 237 -6.08 -7.92 17.97
N VAL D 238 -6.67 -7.02 17.19
CA VAL D 238 -6.69 -7.27 15.76
C VAL D 238 -5.78 -6.39 14.99
N GLY D 239 -5.67 -5.14 15.36
CA GLY D 239 -4.81 -4.22 14.67
C GLY D 239 -5.43 -3.79 13.34
N GLY D 240 -4.58 -3.21 12.48
CA GLY D 240 -4.94 -2.89 11.09
C GLY D 240 -5.94 -1.76 10.92
N GLU D 241 -6.69 -1.82 9.83
CA GLU D 241 -7.72 -0.84 9.49
C GLU D 241 -8.91 -0.83 10.43
N PHE D 242 -9.20 -1.98 11.04
CA PHE D 242 -10.20 -2.06 12.11
C PHE D 242 -9.84 -1.07 13.19
N SER D 243 -8.60 -1.17 13.65
CA SER D 243 -8.12 -0.28 14.69
C SER D 243 -8.12 1.20 14.27
N ASN D 244 -7.82 1.47 13.01
CA ASN D 244 -7.82 2.85 12.51
C ASN D 244 -9.17 3.53 12.68
N THR D 245 -10.22 2.76 12.43
CA THR D 245 -11.59 3.19 12.51
C THR D 245 -11.97 3.40 13.94
N VAL D 246 -11.63 2.45 14.80
CA VAL D 246 -11.88 2.61 16.22
C VAL D 246 -11.21 3.89 16.79
N ILE D 247 -9.95 4.13 16.47
CA ILE D 247 -9.23 5.32 16.93
C ILE D 247 -9.95 6.64 16.61
N GLY D 248 -10.62 6.69 15.47
CA GLY D 248 -11.49 7.83 15.15
C GLY D 248 -12.73 7.99 16.03
N GLN D 249 -12.99 7.03 16.94
CA GLN D 249 -14.16 7.06 17.83
C GLN D 249 -13.77 7.11 19.31
N MET D 250 -12.48 7.20 19.57
CA MET D 250 -11.96 7.23 20.93
C MET D 250 -12.28 8.58 21.56
N LYS D 251 -12.52 8.53 22.87
CA LYS D 251 -12.71 9.75 23.63
C LYS D 251 -11.34 10.44 23.83
N LYS D 252 -11.39 11.72 24.14
CA LYS D 252 -10.25 12.48 24.54
C LYS D 252 -9.58 11.75 25.69
N PHE D 253 -8.25 11.59 25.61
CA PHE D 253 -7.48 10.82 26.59
C PHE D 253 -7.89 9.34 26.68
N GLY D 254 -8.39 8.76 25.60
CA GLY D 254 -8.76 7.37 25.60
C GLY D 254 -7.52 6.49 25.60
N ARG D 255 -7.68 5.24 25.99
CA ARG D 255 -6.59 4.38 26.30
C ARG D 255 -6.81 3.11 25.52
N ILE D 256 -5.77 2.71 24.77
CA ILE D 256 -5.71 1.49 24.01
C ILE D 256 -4.69 0.55 24.66
N ALA D 257 -5.10 -0.67 24.96
CA ALA D 257 -4.18 -1.74 25.32
C ALA D 257 -3.90 -2.55 24.05
N ILE D 258 -2.66 -2.48 23.57
CA ILE D 258 -2.21 -3.27 22.45
C ILE D 258 -1.67 -4.63 22.95
N CYS D 259 -2.46 -5.61 22.65
CA CYS D 259 -2.28 -6.94 23.14
C CYS D 259 -1.78 -7.84 21.96
N GLY D 260 -2.45 -7.70 20.79
CA GLY D 260 -2.11 -8.43 19.57
C GLY D 260 -2.53 -7.63 18.35
N ALA D 261 -2.20 -8.17 17.19
CA ALA D 261 -2.55 -7.57 15.91
C ALA D 261 -2.77 -8.67 14.89
N ILE D 262 -3.80 -9.48 15.13
CA ILE D 262 -3.94 -10.78 14.47
C ILE D 262 -4.36 -10.67 13.01
N SER D 263 -4.93 -9.52 12.65
CA SER D 263 -5.32 -9.24 11.27
C SER D 263 -4.09 -9.10 10.38
N THR D 264 -2.94 -8.90 11.00
CA THR D 264 -1.71 -8.67 10.28
C THR D 264 -0.84 -9.89 10.20
N TYR D 265 -1.08 -10.91 11.03
CA TYR D 265 -0.09 -11.99 11.17
C TYR D 265 0.04 -12.86 9.92
N ASN D 266 -1.08 -13.10 9.29
CA ASN D 266 -1.14 -13.98 8.16
C ASN D 266 -1.22 -13.20 6.87
N ARG D 267 -0.88 -11.93 6.91
CA ARG D 267 -1.22 -11.06 5.82
C ARG D 267 0.02 -10.93 4.97
N THR D 268 -0.13 -11.11 3.65
CA THR D 268 1.01 -11.15 2.72
C THR D 268 1.48 -9.79 2.13
N GLY D 269 0.77 -8.71 2.28
CA GLY D 269 1.37 -7.50 1.64
C GLY D 269 2.44 -6.77 2.48
N PRO D 270 2.79 -5.54 2.07
CA PRO D 270 3.16 -4.55 3.13
C PRO D 270 2.01 -4.33 4.10
N LEU D 271 2.30 -3.98 5.34
CA LEU D 271 1.28 -3.65 6.33
C LEU D 271 0.34 -2.55 5.84
N PRO D 272 -0.88 -2.52 6.38
CA PRO D 272 -1.83 -1.49 5.97
C PRO D 272 -1.44 -0.12 6.56
N PRO D 273 -2.12 0.96 6.07
CA PRO D 273 -1.93 2.33 6.57
C PRO D 273 -2.07 2.40 8.07
N GLY D 274 -1.15 3.11 8.70
CA GLY D 274 -1.18 3.30 10.12
C GLY D 274 -2.35 4.16 10.56
N PRO D 275 -2.49 4.29 11.89
CA PRO D 275 -3.56 5.10 12.49
C PRO D 275 -3.39 6.56 12.09
N PRO D 276 -4.50 7.25 11.86
CA PRO D 276 -4.45 8.61 11.35
C PRO D 276 -3.95 9.58 12.46
N PRO D 277 -2.75 10.15 12.27
CA PRO D 277 -2.02 10.71 13.42
C PRO D 277 -2.59 12.05 13.92
N GLU D 278 -3.26 12.78 13.05
CA GLU D 278 -3.91 14.01 13.43
C GLU D 278 -5.02 13.74 14.47
N ILE D 279 -5.73 12.63 14.32
CA ILE D 279 -6.77 12.24 15.26
C ILE D 279 -6.19 11.80 16.60
N VAL D 280 -5.12 11.02 16.55
CA VAL D 280 -4.46 10.49 17.74
C VAL D 280 -3.91 11.63 18.58
N ILE D 281 -3.36 12.65 17.92
CA ILE D 281 -2.80 13.81 18.61
C ILE D 281 -3.87 14.67 19.23
N TYR D 282 -4.90 14.89 18.48
CA TYR D 282 -5.95 15.78 18.87
C TYR D 282 -6.76 15.20 20.03
N GLN D 283 -6.96 13.89 20.00
CA GLN D 283 -7.65 13.16 21.04
C GLN D 283 -6.76 12.78 22.20
N GLU D 284 -5.45 13.05 22.07
CA GLU D 284 -4.41 12.83 23.09
C GLU D 284 -4.46 11.44 23.67
N LEU D 285 -4.41 10.47 22.76
CA LEU D 285 -4.60 9.10 23.11
C LEU D 285 -3.34 8.51 23.73
N ARG D 286 -3.55 7.53 24.62
CA ARG D 286 -2.49 6.73 25.26
C ARG D 286 -2.61 5.31 24.74
N MET D 287 -1.54 4.79 24.15
CA MET D 287 -1.53 3.44 23.67
C MET D 287 -0.40 2.75 24.32
N GLU D 288 -0.67 1.59 24.87
CA GLU D 288 0.37 0.84 25.49
C GLU D 288 0.24 -0.62 25.16
N ALA D 289 1.35 -1.20 24.78
CA ALA D 289 1.48 -2.60 24.42
C ALA D 289 1.95 -3.40 25.60
N PHE D 290 1.62 -4.66 25.62
CA PHE D 290 1.97 -5.46 26.77
C PHE D 290 2.03 -6.92 26.36
N VAL D 291 2.72 -7.67 27.20
CA VAL D 291 2.85 -9.10 27.16
C VAL D 291 2.49 -9.63 28.56
N VAL D 292 1.64 -10.65 28.64
CA VAL D 292 1.24 -11.24 29.93
C VAL D 292 2.33 -11.57 30.93
N TYR D 293 3.46 -12.05 30.44
CA TYR D 293 4.54 -12.57 31.26
C TYR D 293 5.22 -11.53 32.08
N ARG D 294 4.88 -10.26 31.87
CA ARG D 294 5.37 -9.18 32.73
C ARG D 294 4.94 -9.37 34.17
N TRP D 295 3.72 -9.83 34.40
CA TRP D 295 3.23 -9.97 35.78
C TRP D 295 3.57 -11.32 36.31
N GLN D 296 4.31 -11.33 37.42
CA GLN D 296 4.80 -12.56 38.03
C GLN D 296 4.51 -12.54 39.53
N GLY D 297 5.01 -13.51 40.28
CA GLY D 297 4.90 -13.51 41.72
C GLY D 297 3.46 -13.44 42.20
N ASP D 298 3.17 -12.50 43.09
CA ASP D 298 1.91 -12.46 43.81
C ASP D 298 0.80 -11.92 42.97
N ALA D 299 1.14 -10.94 42.14
CA ALA D 299 0.16 -10.26 41.32
C ALA D 299 -0.50 -11.27 40.37
N ARG D 300 0.34 -12.15 39.83
CA ARG D 300 -0.10 -13.19 38.92
C ARG D 300 -0.98 -14.27 39.61
N GLN D 301 -0.59 -14.69 40.81
CA GLN D 301 -1.38 -15.63 41.62
C GLN D 301 -2.74 -15.05 42.05
N LYS D 302 -2.77 -13.79 42.49
CA LYS D 302 -4.03 -13.09 42.86
C LYS D 302 -4.96 -13.03 41.64
N ALA D 303 -4.38 -12.78 40.47
CA ALA D 303 -5.13 -12.83 39.22
C ALA D 303 -5.70 -14.21 38.89
N LEU D 304 -4.89 -15.26 38.90
CA LEU D 304 -5.41 -16.62 38.69
C LEU D 304 -6.53 -17.01 39.66
N LYS D 305 -6.35 -16.67 40.93
CA LYS D 305 -7.37 -16.91 41.95
C LYS D 305 -8.65 -16.05 41.76
N ASP D 306 -8.49 -14.79 41.38
CA ASP D 306 -9.65 -13.97 40.94
C ASP D 306 -10.42 -14.60 39.77
N LEU D 307 -9.67 -15.14 38.81
CA LEU D 307 -10.24 -15.74 37.60
C LEU D 307 -11.01 -17.04 37.86
N LEU D 308 -10.45 -17.89 38.71
CA LEU D 308 -11.09 -19.12 39.18
C LEU D 308 -12.35 -18.80 40.02
N LYS D 309 -12.24 -17.80 40.89
CA LYS D 309 -13.37 -17.39 41.70
C LYS D 309 -14.51 -17.02 40.76
N TRP D 310 -14.22 -16.13 39.83
CA TRP D 310 -15.21 -15.59 38.92
C TRP D 310 -15.89 -16.68 38.08
N VAL D 311 -15.13 -17.70 37.69
CA VAL D 311 -15.65 -18.84 36.94
C VAL D 311 -16.64 -19.70 37.76
N LEU D 312 -16.25 -19.99 39.01
CA LEU D 312 -17.08 -20.82 39.90
C LEU D 312 -18.36 -20.12 40.33
N GLU D 313 -18.28 -18.80 40.52
CA GLU D 313 -19.45 -17.99 40.81
C GLU D 313 -20.30 -17.73 39.56
N GLY D 314 -19.81 -18.15 38.39
CA GLY D 314 -20.52 -17.99 37.13
C GLY D 314 -20.44 -16.60 36.53
N LYS D 315 -19.63 -15.71 37.11
CA LYS D 315 -19.48 -14.33 36.59
C LYS D 315 -18.67 -14.34 35.26
N ILE D 316 -17.92 -15.42 35.07
CA ILE D 316 -17.19 -15.69 33.83
C ILE D 316 -17.53 -17.10 33.28
N GLN D 317 -18.13 -17.10 32.10
CA GLN D 317 -18.38 -18.31 31.39
C GLN D 317 -17.32 -18.65 30.35
N TYR D 318 -17.08 -19.94 30.20
CA TYR D 318 -16.03 -20.47 29.33
C TYR D 318 -16.69 -21.40 28.32
N LYS D 319 -16.04 -21.54 27.18
CA LYS D 319 -16.42 -22.51 26.15
C LYS D 319 -15.11 -23.04 25.57
N GLU D 320 -15.06 -24.34 25.29
CA GLU D 320 -13.89 -24.96 24.69
C GLU D 320 -14.25 -25.65 23.36
N TYR D 321 -13.31 -25.61 22.43
CA TYR D 321 -13.41 -26.39 21.20
C TYR D 321 -12.28 -27.41 21.28
N ILE D 322 -12.63 -28.62 21.71
CA ILE D 322 -11.67 -29.73 21.91
C ILE D 322 -11.53 -30.53 20.59
N ILE D 323 -10.30 -30.78 20.16
CA ILE D 323 -10.04 -31.58 18.98
C ILE D 323 -9.32 -32.82 19.42
N GLU D 324 -9.68 -33.98 18.92
CA GLU D 324 -9.01 -35.17 19.39
C GLU D 324 -7.89 -35.56 18.43
N GLY D 325 -6.73 -35.89 19.02
CA GLY D 325 -5.59 -36.43 18.29
C GLY D 325 -4.48 -35.42 18.09
N PHE D 326 -3.28 -35.79 18.50
CA PHE D 326 -2.06 -34.96 18.36
C PHE D 326 -1.66 -34.76 16.90
N GLU D 327 -1.90 -35.81 16.11
CA GLU D 327 -1.82 -35.79 14.64
C GLU D 327 -2.67 -34.72 13.96
N ASN D 328 -3.72 -34.26 14.64
CA ASN D 328 -4.55 -33.14 14.17
C ASN D 328 -4.16 -31.74 14.59
N MET D 329 -2.98 -31.57 15.13
CA MET D 329 -2.63 -30.30 15.76
C MET D 329 -2.34 -29.12 14.78
N PRO D 330 -1.66 -29.38 13.66
CA PRO D 330 -1.59 -28.31 12.63
C PRO D 330 -2.95 -27.82 12.10
N ALA D 331 -3.88 -28.74 11.88
CA ALA D 331 -5.22 -28.43 11.38
C ALA D 331 -6.06 -27.64 12.40
N ALA D 332 -5.91 -28.02 13.65
CA ALA D 332 -6.38 -27.24 14.83
C ALA D 332 -5.89 -25.78 14.84
N PHE D 333 -4.59 -25.60 14.70
CA PHE D 333 -3.94 -24.30 14.61
C PHE D 333 -4.46 -23.49 13.42
N MET D 334 -4.51 -24.12 12.27
CA MET D 334 -4.96 -23.40 11.08
C MET D 334 -6.47 -23.03 11.17
N GLY D 335 -7.28 -23.90 11.73
CA GLY D 335 -8.71 -23.63 11.92
C GLY D 335 -8.95 -22.52 12.91
N MET D 336 -8.08 -22.44 13.90
CA MET D 336 -8.10 -21.36 14.87
C MET D 336 -7.75 -20.04 14.14
N LEU D 337 -6.65 -20.01 13.40
CA LEU D 337 -6.23 -18.80 12.72
C LEU D 337 -7.25 -18.26 11.69
N LYS D 338 -7.90 -19.17 10.99
CA LYS D 338 -8.92 -18.82 10.02
C LYS D 338 -10.34 -18.65 10.61
N GLY D 339 -10.45 -18.40 11.94
CA GLY D 339 -11.74 -18.15 12.65
C GLY D 339 -12.85 -19.22 12.67
N ASP D 340 -12.51 -20.45 12.33
CA ASP D 340 -13.52 -21.51 12.28
C ASP D 340 -14.33 -21.69 13.60
N ASN D 341 -13.63 -21.75 14.73
CA ASN D 341 -14.17 -22.37 15.94
C ASN D 341 -14.74 -21.37 16.97
N LEU D 342 -15.82 -21.78 17.66
CA LEU D 342 -16.28 -21.08 18.87
C LEU D 342 -15.81 -21.75 20.19
N GLY D 343 -14.92 -21.09 20.89
CA GLY D 343 -14.37 -21.60 22.12
C GLY D 343 -12.87 -21.63 22.05
N LYS D 344 -12.22 -21.94 23.16
CA LYS D 344 -10.77 -22.02 23.17
C LYS D 344 -10.36 -23.34 22.49
N THR D 345 -9.39 -23.25 21.58
CA THR D 345 -9.02 -24.42 20.82
C THR D 345 -8.02 -25.21 21.61
N ILE D 346 -8.41 -26.45 21.94
CA ILE D 346 -7.63 -27.37 22.75
C ILE D 346 -7.49 -28.65 21.98
N VAL D 347 -6.29 -29.22 21.99
CA VAL D 347 -6.12 -30.53 21.39
C VAL D 347 -5.94 -31.56 22.49
N LYS D 348 -6.79 -32.58 22.43
CA LYS D 348 -6.75 -33.66 23.39
C LYS D 348 -5.82 -34.76 22.90
N ALA D 349 -4.78 -35.05 23.66
CA ALA D 349 -4.01 -36.30 23.52
CL CL E . 10.10 -17.33 -10.31
CL CL F . 2.72 -28.60 -12.88
CL CL G . -23.04 -44.01 -31.19
CL CL H . -10.60 -51.93 -21.36
CL CL I . 9.98 -22.50 -11.13
CL CL J . -11.19 11.48 -14.76
CL CL K . -3.73 21.39 -20.55
CL CL L . 20.99 30.17 -43.95
CL CL M . 8.97 40.97 -36.32
CL CL N . -11.12 16.16 -17.08
CL CL O . -0.39 28.99 -7.51
CL CL P . 8.83 27.41 12.76
CL CL Q . 13.70 14.74 10.13
CL CL R . -12.66 47.84 31.45
CL CL S . 0.80 53.01 21.41
CL CL T . 14.69 19.83 10.96
CL CL U . -13.14 -8.86 14.94
CL CL V . -6.35 -28.33 7.52
CL CL W . -8.00 -20.09 20.68
CL CL X . 14.77 -34.04 43.62
CL CL Y . 0.37 -41.79 36.29
CL CL Z . -14.06 -13.47 17.27
#